data_2MNU
#
_entry.id   2MNU
#
loop_
_entity.id
_entity.type
_entity.pdbx_description
1 polymer EDB
2 polymer APT
#
loop_
_entity_poly.entity_id
_entity_poly.type
_entity_poly.pdbx_seq_one_letter_code
_entity_poly.pdbx_strand_id
1 'polypeptide(L)'
;GSEVPQLTDLSFVDITDSSIGLRWTPLNSSTIIGYRITVVAAGEGIPIFEDFVDSSVGYYTVTGLEPGIDYDISVITLIN
GGESAPTTLTQQT
;
A
2 'polypeptide(L)' SSSPIQGSWTWENGKWTWKGIIRLEQ B
#
# COMPACT_ATOMS: atom_id res chain seq x y z
N GLY A 1 -16.76 -22.13 -2.91
CA GLY A 1 -18.15 -22.43 -2.46
C GLY A 1 -18.15 -22.63 -0.95
N SER A 2 -17.06 -22.25 -0.30
CA SER A 2 -16.95 -22.40 1.15
C SER A 2 -15.94 -21.41 1.71
N GLU A 3 -15.40 -21.73 2.89
CA GLU A 3 -14.41 -20.88 3.52
C GLU A 3 -13.06 -21.01 2.84
N VAL A 4 -12.83 -20.21 1.81
CA VAL A 4 -11.57 -20.25 1.07
C VAL A 4 -11.20 -18.84 0.58
N PRO A 5 -10.75 -17.99 1.47
CA PRO A 5 -10.36 -16.60 1.12
C PRO A 5 -8.96 -16.54 0.53
N GLN A 6 -8.85 -16.07 -0.72
CA GLN A 6 -7.56 -15.97 -1.39
C GLN A 6 -6.93 -14.62 -1.08
N LEU A 7 -5.85 -14.30 -1.79
CA LEU A 7 -5.16 -13.04 -1.59
C LEU A 7 -5.94 -11.90 -2.22
N THR A 8 -6.21 -10.87 -1.42
CA THR A 8 -6.95 -9.71 -1.90
C THR A 8 -6.01 -8.66 -2.47
N ASP A 9 -6.36 -8.13 -3.64
CA ASP A 9 -5.54 -7.11 -4.28
C ASP A 9 -5.89 -5.73 -3.75
N LEU A 10 -4.90 -4.84 -3.74
CA LEU A 10 -5.10 -3.50 -3.23
C LEU A 10 -6.14 -2.78 -4.08
N SER A 11 -6.86 -1.83 -3.46
CA SER A 11 -7.89 -1.08 -4.16
C SER A 11 -7.90 0.37 -3.68
N PHE A 12 -8.33 1.26 -4.56
CA PHE A 12 -8.38 2.70 -4.24
C PHE A 12 -9.82 3.18 -4.15
N VAL A 13 -10.08 4.10 -3.23
CA VAL A 13 -11.42 4.66 -3.05
C VAL A 13 -11.32 6.14 -2.70
N ASP A 14 -12.44 6.84 -2.88
CA ASP A 14 -12.48 8.26 -2.58
C ASP A 14 -11.25 8.97 -3.16
N ILE A 15 -11.12 8.91 -4.48
CA ILE A 15 -9.99 9.55 -5.16
C ILE A 15 -10.30 11.02 -5.45
N THR A 16 -9.32 11.88 -5.18
CA THR A 16 -9.48 13.31 -5.41
C THR A 16 -8.27 13.86 -6.16
N ASP A 17 -8.17 15.19 -6.22
CA ASP A 17 -7.06 15.85 -6.89
C ASP A 17 -5.93 16.12 -5.91
N SER A 18 -6.28 16.58 -4.71
CA SER A 18 -5.28 16.88 -3.67
C SER A 18 -5.40 15.91 -2.50
N SER A 19 -6.25 14.89 -2.67
CA SER A 19 -6.45 13.90 -1.61
C SER A 19 -6.90 12.58 -2.22
N ILE A 20 -6.61 11.49 -1.52
CA ILE A 20 -7.00 10.15 -1.99
C ILE A 20 -7.28 9.23 -0.80
N GLY A 21 -8.20 8.29 -1.01
CA GLY A 21 -8.57 7.35 0.07
C GLY A 21 -7.85 6.02 -0.10
N LEU A 22 -6.59 5.95 0.32
CA LEU A 22 -5.82 4.72 0.20
C LEU A 22 -6.39 3.67 1.14
N ARG A 23 -6.67 2.49 0.59
CA ARG A 23 -7.21 1.39 1.39
C ARG A 23 -6.64 0.06 0.93
N TRP A 24 -6.26 -0.77 1.90
CA TRP A 24 -5.69 -2.08 1.60
C TRP A 24 -6.21 -3.11 2.58
N THR A 25 -6.20 -4.37 2.18
CA THR A 25 -6.69 -5.46 3.03
C THR A 25 -5.53 -6.34 3.51
N PRO A 26 -5.08 -6.18 4.73
CA PRO A 26 -3.97 -7.02 5.27
C PRO A 26 -4.29 -8.51 5.21
N LEU A 27 -3.24 -9.33 5.08
CA LEU A 27 -3.40 -10.78 5.00
C LEU A 27 -3.41 -11.39 6.40
N ASN A 28 -4.36 -12.29 6.60
CA ASN A 28 -4.50 -12.95 7.88
C ASN A 28 -3.14 -13.44 8.37
N SER A 29 -2.28 -13.81 7.42
CA SER A 29 -0.94 -14.28 7.76
C SER A 29 0.01 -13.10 7.98
N SER A 30 -0.22 -12.02 7.24
CA SER A 30 0.63 -10.83 7.37
C SER A 30 0.63 -10.33 8.82
N THR A 31 1.82 -10.09 9.35
CA THR A 31 1.96 -9.63 10.73
C THR A 31 1.12 -8.38 10.93
N ILE A 32 0.46 -8.29 12.09
CA ILE A 32 -0.38 -7.15 12.39
C ILE A 32 0.40 -6.09 13.16
N ILE A 33 1.04 -5.18 12.42
CA ILE A 33 1.82 -4.11 13.03
C ILE A 33 1.61 -2.81 12.26
N GLY A 34 1.69 -1.69 12.98
CA GLY A 34 1.50 -0.39 12.35
C GLY A 34 2.32 -0.28 11.08
N TYR A 35 1.70 0.27 10.04
CA TYR A 35 2.37 0.46 8.75
C TYR A 35 2.75 1.91 8.55
N ARG A 36 3.69 2.15 7.65
CA ARG A 36 4.16 3.51 7.37
C ARG A 36 4.01 3.83 5.88
N ILE A 37 3.30 4.90 5.59
CA ILE A 37 3.10 5.32 4.19
C ILE A 37 4.08 6.44 3.84
N THR A 38 4.85 6.23 2.78
CA THR A 38 5.84 7.22 2.34
C THR A 38 5.36 7.93 1.08
N VAL A 39 5.51 9.25 1.06
CA VAL A 39 5.10 10.05 -0.09
C VAL A 39 6.19 11.04 -0.46
N VAL A 40 6.38 11.26 -1.77
CA VAL A 40 7.39 12.20 -2.23
C VAL A 40 6.80 13.13 -3.29
N ALA A 41 7.04 14.42 -3.14
CA ALA A 41 6.54 15.41 -4.08
C ALA A 41 7.65 15.79 -5.05
N ALA A 42 7.31 16.00 -6.32
CA ALA A 42 8.31 16.38 -7.32
C ALA A 42 8.24 17.89 -7.60
N GLY A 43 7.10 18.51 -7.28
CA GLY A 43 6.92 19.94 -7.51
C GLY A 43 7.26 20.74 -6.26
N GLU A 44 8.20 20.22 -5.46
CA GLU A 44 8.60 20.89 -4.23
C GLU A 44 10.05 20.57 -3.90
N GLY A 45 10.71 21.50 -3.22
CA GLY A 45 12.10 21.31 -2.84
C GLY A 45 12.22 20.27 -1.74
N ILE A 46 11.09 19.97 -1.08
CA ILE A 46 11.09 18.97 -0.02
C ILE A 46 9.85 18.06 -0.14
N PRO A 47 10.01 16.77 0.08
CA PRO A 47 8.88 15.81 0.04
C PRO A 47 7.97 15.92 1.26
N ILE A 48 6.76 15.41 1.12
CA ILE A 48 5.80 15.45 2.22
C ILE A 48 6.21 14.48 3.31
N PHE A 49 5.84 14.80 4.55
CA PHE A 49 6.19 13.94 5.69
C PHE A 49 5.33 12.67 5.68
N GLU A 50 5.95 11.55 6.03
CA GLU A 50 5.26 10.27 6.08
C GLU A 50 4.24 10.25 7.21
N ASP A 51 3.59 9.11 7.38
CA ASP A 51 2.61 8.97 8.44
C ASP A 51 2.56 7.53 8.93
N PHE A 52 2.36 7.35 10.23
CA PHE A 52 2.28 6.02 10.84
C PHE A 52 0.87 5.72 11.32
N VAL A 53 0.29 4.63 10.81
CA VAL A 53 -1.07 4.25 11.19
C VAL A 53 -1.11 2.77 11.61
N ASP A 54 -1.86 2.49 12.67
CA ASP A 54 -1.97 1.13 13.17
C ASP A 54 -2.43 0.19 12.05
N SER A 55 -2.14 -1.10 12.22
CA SER A 55 -2.53 -2.10 11.22
C SER A 55 -4.04 -2.23 11.15
N SER A 56 -4.70 -2.12 12.30
CA SER A 56 -6.16 -2.23 12.35
C SER A 56 -6.79 -1.29 11.34
N VAL A 57 -6.15 -0.15 11.11
CA VAL A 57 -6.67 0.83 10.15
C VAL A 57 -6.05 0.57 8.78
N GLY A 58 -6.42 -0.54 8.16
CA GLY A 58 -5.90 -0.88 6.84
C GLY A 58 -6.09 0.28 5.86
N TYR A 59 -6.74 1.35 6.33
CA TYR A 59 -7.00 2.52 5.48
C TYR A 59 -6.41 3.78 6.09
N TYR A 60 -6.06 4.73 5.24
CA TYR A 60 -5.49 5.99 5.70
C TYR A 60 -5.73 7.08 4.66
N THR A 61 -5.72 8.33 5.10
CA THR A 61 -5.95 9.47 4.21
C THR A 61 -4.73 10.39 4.20
N VAL A 62 -4.35 10.84 3.02
CA VAL A 62 -3.21 11.75 2.87
C VAL A 62 -3.61 12.92 1.96
N THR A 63 -3.70 14.11 2.55
CA THR A 63 -4.07 15.31 1.80
C THR A 63 -3.00 16.37 1.93
N GLY A 64 -3.06 17.36 1.03
CA GLY A 64 -2.08 18.45 1.03
C GLY A 64 -1.20 18.41 -0.23
N LEU A 65 -1.56 17.55 -1.16
CA LEU A 65 -0.82 17.43 -2.41
C LEU A 65 -1.16 18.62 -3.31
N GLU A 66 -0.54 18.67 -4.50
CA GLU A 66 -0.81 19.76 -5.44
C GLU A 66 -1.17 19.21 -6.84
N PRO A 67 -2.17 19.77 -7.50
CA PRO A 67 -2.59 19.32 -8.86
C PRO A 67 -1.59 19.76 -9.93
N GLY A 68 -1.48 18.95 -10.96
CA GLY A 68 -0.58 19.25 -12.06
C GLY A 68 0.88 18.99 -11.67
N ILE A 69 1.07 18.46 -10.47
CA ILE A 69 2.42 18.16 -9.96
C ILE A 69 2.59 16.66 -9.85
N ASP A 70 3.79 16.20 -10.18
CA ASP A 70 4.11 14.79 -10.12
C ASP A 70 4.49 14.38 -8.70
N TYR A 71 3.64 13.59 -8.07
CA TYR A 71 3.89 13.13 -6.71
C TYR A 71 4.31 11.68 -6.71
N ASP A 72 5.51 11.43 -6.21
CA ASP A 72 6.05 10.08 -6.13
C ASP A 72 5.64 9.45 -4.81
N ILE A 73 4.89 8.36 -4.88
CA ILE A 73 4.42 7.67 -3.68
C ILE A 73 5.03 6.27 -3.60
N SER A 74 4.96 5.68 -2.41
CA SER A 74 5.48 4.34 -2.20
C SER A 74 4.78 3.67 -1.03
N VAL A 75 4.16 2.53 -1.27
CA VAL A 75 3.46 1.80 -0.21
C VAL A 75 4.33 0.62 0.26
N ILE A 76 5.01 0.81 1.39
CA ILE A 76 5.86 -0.24 1.94
C ILE A 76 5.09 -1.10 2.93
N THR A 77 5.22 -2.41 2.79
CA THR A 77 4.53 -3.34 3.69
C THR A 77 5.54 -4.06 4.57
N LEU A 78 5.56 -3.69 5.85
CA LEU A 78 6.48 -4.30 6.81
C LEU A 78 5.74 -5.28 7.70
N ILE A 79 6.11 -6.55 7.59
CA ILE A 79 5.49 -7.59 8.40
C ILE A 79 6.50 -8.68 8.75
N ASN A 80 6.38 -9.26 9.93
CA ASN A 80 7.29 -10.31 10.36
C ASN A 80 7.10 -11.58 9.55
N GLY A 81 5.84 -12.02 9.43
CA GLY A 81 5.52 -13.23 8.66
C GLY A 81 5.13 -14.37 9.60
N GLY A 82 4.53 -15.41 9.05
CA GLY A 82 4.11 -16.56 9.83
C GLY A 82 5.32 -17.38 10.26
N GLU A 83 5.07 -18.41 11.07
CA GLU A 83 6.14 -19.27 11.55
C GLU A 83 6.81 -20.00 10.38
N SER A 84 8.11 -19.83 10.25
CA SER A 84 8.86 -20.47 9.18
C SER A 84 9.14 -21.94 9.53
N ALA A 85 9.60 -22.70 8.54
CA ALA A 85 9.90 -24.11 8.76
C ALA A 85 8.61 -24.92 8.89
N PRO A 86 7.77 -24.88 7.91
CA PRO A 86 6.48 -25.63 7.92
C PRO A 86 6.69 -27.13 7.79
N THR A 87 6.72 -27.61 6.54
CA THR A 87 6.92 -29.03 6.26
C THR A 87 7.88 -29.21 5.09
N THR A 88 8.97 -29.94 5.34
CA THR A 88 9.96 -30.20 4.31
C THR A 88 10.60 -31.57 4.52
N LEU A 89 11.57 -31.88 3.67
CA LEU A 89 12.27 -33.17 3.77
C LEU A 89 13.47 -33.05 4.69
N THR A 90 13.53 -33.93 5.69
CA THR A 90 14.64 -33.92 6.65
C THR A 90 15.76 -34.84 6.16
N GLN A 91 16.98 -34.34 6.23
CA GLN A 91 18.15 -35.11 5.80
C GLN A 91 18.45 -36.21 6.80
N GLN A 92 18.56 -37.45 6.31
CA GLN A 92 18.86 -38.59 7.16
C GLN A 92 19.17 -39.82 6.33
N THR A 93 20.31 -40.44 6.59
CA THR A 93 20.72 -41.64 5.85
C THR A 93 20.19 -42.90 6.54
N SER B 1 -16.24 -2.57 -7.48
CA SER B 1 -16.53 -1.45 -8.42
C SER B 1 -15.26 -1.10 -9.18
N SER B 2 -15.43 -0.70 -10.45
CA SER B 2 -14.28 -0.34 -11.28
C SER B 2 -13.69 0.98 -10.79
N SER B 3 -12.36 1.05 -10.78
CA SER B 3 -11.67 2.26 -10.32
C SER B 3 -11.08 3.02 -11.52
N PRO B 4 -10.95 4.32 -11.42
CA PRO B 4 -10.38 5.16 -12.53
C PRO B 4 -9.11 4.54 -13.11
N ILE B 5 -8.19 4.12 -12.23
CA ILE B 5 -6.95 3.51 -12.68
C ILE B 5 -6.44 2.53 -11.62
N GLN B 6 -5.75 1.48 -12.07
CA GLN B 6 -5.19 0.50 -11.16
C GLN B 6 -3.85 -0.02 -11.71
N GLY B 7 -2.93 -0.31 -10.80
CA GLY B 7 -1.61 -0.81 -11.18
C GLY B 7 -1.48 -2.30 -10.90
N SER B 8 -0.40 -2.68 -10.23
CA SER B 8 -0.17 -4.07 -9.89
C SER B 8 0.95 -4.21 -8.85
N TRP B 9 1.14 -5.42 -8.35
CA TRP B 9 2.19 -5.68 -7.37
C TRP B 9 3.52 -5.93 -8.06
N THR B 10 4.61 -5.50 -7.41
CA THR B 10 5.94 -5.68 -7.96
C THR B 10 6.86 -6.33 -6.93
N TRP B 11 7.56 -7.39 -7.34
CA TRP B 11 8.48 -8.10 -6.45
C TRP B 11 9.90 -7.59 -6.62
N GLU B 12 10.45 -7.02 -5.55
CA GLU B 12 11.81 -6.50 -5.60
C GLU B 12 12.35 -6.29 -4.19
N ASN B 13 13.66 -6.12 -4.08
CA ASN B 13 14.26 -5.82 -2.79
C ASN B 13 13.84 -6.83 -1.73
N GLY B 14 13.76 -8.10 -2.10
CA GLY B 14 13.37 -9.14 -1.16
C GLY B 14 12.10 -8.75 -0.41
N LYS B 15 11.33 -7.83 -0.99
CA LYS B 15 10.10 -7.37 -0.37
C LYS B 15 9.06 -7.00 -1.42
N TRP B 16 7.78 -7.12 -1.03
CA TRP B 16 6.69 -6.77 -1.94
C TRP B 16 6.29 -5.31 -1.73
N THR B 17 6.42 -4.52 -2.80
CA THR B 17 6.07 -3.10 -2.72
C THR B 17 5.21 -2.70 -3.92
N TRP B 18 4.28 -1.78 -3.67
CA TRP B 18 3.39 -1.30 -4.74
C TRP B 18 3.83 0.08 -5.20
N LYS B 19 4.20 0.17 -6.48
CA LYS B 19 4.66 1.43 -7.06
C LYS B 19 4.14 1.58 -8.49
N GLY B 20 4.24 2.80 -9.00
CA GLY B 20 3.78 3.09 -10.35
C GLY B 20 4.09 4.51 -10.75
N ILE B 21 3.39 5.01 -11.77
CA ILE B 21 3.65 6.35 -12.26
C ILE B 21 3.59 7.36 -11.12
N ILE B 22 2.38 7.67 -10.66
CA ILE B 22 2.21 8.60 -9.56
C ILE B 22 0.84 8.41 -8.92
N ARG B 23 0.42 9.38 -8.10
CA ARG B 23 -0.87 9.33 -7.45
C ARG B 23 -1.95 8.85 -8.42
N LEU B 24 -3.16 8.68 -7.90
CA LEU B 24 -4.24 8.22 -8.73
C LEU B 24 -4.52 9.20 -9.87
N GLU B 25 -4.45 8.68 -11.10
CA GLU B 25 -4.70 9.49 -12.28
C GLU B 25 -6.19 9.55 -12.58
N GLN B 26 -6.65 10.73 -12.99
CA GLN B 26 -8.05 10.92 -13.31
C GLN B 26 -8.94 10.21 -12.30
N GLY A 1 -18.02 -23.95 4.75
CA GLY A 1 -18.89 -22.73 4.73
C GLY A 1 -18.45 -21.81 3.60
N SER A 2 -18.66 -20.52 3.78
CA SER A 2 -18.28 -19.55 2.77
C SER A 2 -16.77 -19.56 2.57
N GLU A 3 -16.35 -19.47 1.31
CA GLU A 3 -14.91 -19.47 0.97
C GLU A 3 -14.49 -18.08 0.51
N VAL A 4 -13.59 -17.46 1.25
CA VAL A 4 -13.11 -16.11 0.92
C VAL A 4 -11.89 -16.19 0.00
N PRO A 5 -11.65 -15.19 -0.84
CA PRO A 5 -10.46 -15.18 -1.75
C PRO A 5 -9.15 -15.44 -1.00
N GLN A 6 -8.22 -16.11 -1.66
CA GLN A 6 -6.92 -16.42 -1.07
C GLN A 6 -6.14 -15.14 -0.81
N LEU A 7 -5.44 -14.67 -1.84
CA LEU A 7 -4.64 -13.45 -1.72
C LEU A 7 -5.41 -12.26 -2.30
N THR A 8 -5.54 -11.21 -1.52
CA THR A 8 -6.24 -10.01 -1.96
C THR A 8 -5.31 -9.10 -2.76
N ASP A 9 -5.85 -7.99 -3.26
CA ASP A 9 -5.06 -7.04 -4.05
C ASP A 9 -5.30 -5.62 -3.55
N LEU A 10 -4.31 -4.75 -3.74
CA LEU A 10 -4.43 -3.36 -3.32
C LEU A 10 -5.53 -2.66 -4.10
N SER A 11 -6.27 -1.76 -3.43
CA SER A 11 -7.34 -1.01 -4.08
C SER A 11 -7.39 0.41 -3.56
N PHE A 12 -7.86 1.32 -4.40
CA PHE A 12 -7.95 2.73 -4.04
C PHE A 12 -9.41 3.16 -3.90
N VAL A 13 -9.68 4.08 -2.97
CA VAL A 13 -11.03 4.57 -2.76
C VAL A 13 -11.01 6.03 -2.35
N ASP A 14 -12.10 6.74 -2.64
CA ASP A 14 -12.20 8.14 -2.29
C ASP A 14 -11.07 8.94 -2.94
N ILE A 15 -10.99 8.85 -4.27
CA ILE A 15 -9.97 9.57 -5.03
C ILE A 15 -10.41 11.00 -5.29
N THR A 16 -9.50 11.94 -5.05
CA THR A 16 -9.77 13.37 -5.25
C THR A 16 -8.66 14.02 -6.07
N ASP A 17 -8.65 15.35 -6.11
CA ASP A 17 -7.62 16.07 -6.83
C ASP A 17 -6.31 16.07 -6.07
N SER A 18 -6.38 16.50 -4.81
CA SER A 18 -5.20 16.61 -3.97
C SER A 18 -5.35 15.75 -2.71
N SER A 19 -6.34 14.86 -2.71
CA SER A 19 -6.57 13.98 -1.56
C SER A 19 -7.05 12.62 -2.04
N ILE A 20 -6.34 11.58 -1.60
CA ILE A 20 -6.68 10.19 -1.97
C ILE A 20 -6.79 9.34 -0.71
N GLY A 21 -7.77 8.44 -0.69
CA GLY A 21 -7.99 7.57 0.48
C GLY A 21 -7.47 6.16 0.22
N LEU A 22 -6.21 5.92 0.59
CA LEU A 22 -5.63 4.59 0.39
C LEU A 22 -6.39 3.55 1.19
N ARG A 23 -6.62 2.38 0.57
CA ARG A 23 -7.33 1.30 1.24
C ARG A 23 -6.77 -0.05 0.81
N TRP A 24 -6.58 -0.92 1.79
CA TRP A 24 -6.05 -2.26 1.53
C TRP A 24 -6.67 -3.24 2.52
N THR A 25 -6.70 -4.52 2.15
CA THR A 25 -7.29 -5.55 3.01
C THR A 25 -6.22 -6.41 3.68
N PRO A 26 -5.93 -6.22 4.94
CA PRO A 26 -4.91 -7.05 5.63
C PRO A 26 -5.18 -8.56 5.51
N LEU A 27 -4.10 -9.33 5.59
CA LEU A 27 -4.17 -10.79 5.50
C LEU A 27 -4.05 -11.43 6.87
N ASN A 28 -4.91 -12.39 7.11
CA ASN A 28 -4.93 -13.10 8.37
C ASN A 28 -3.51 -13.48 8.78
N SER A 29 -2.67 -13.72 7.78
CA SER A 29 -1.28 -14.07 8.03
C SER A 29 -0.42 -12.82 8.14
N SER A 30 -0.84 -11.75 7.45
CA SER A 30 -0.08 -10.50 7.50
C SER A 30 0.08 -10.03 8.95
N THR A 31 1.32 -9.97 9.39
CA THR A 31 1.62 -9.56 10.75
C THR A 31 0.91 -8.25 11.04
N ILE A 32 0.47 -8.08 12.29
CA ILE A 32 -0.26 -6.86 12.66
C ILE A 32 0.69 -5.81 13.21
N ILE A 33 1.14 -4.93 12.32
CA ILE A 33 2.05 -3.85 12.71
C ILE A 33 1.85 -2.65 11.80
N GLY A 34 1.65 -1.49 12.39
CA GLY A 34 1.43 -0.28 11.62
C GLY A 34 2.43 -0.15 10.49
N TYR A 35 1.93 0.11 9.29
CA TYR A 35 2.79 0.28 8.12
C TYR A 35 3.24 1.72 8.01
N ARG A 36 4.04 2.01 6.99
CA ARG A 36 4.54 3.37 6.77
C ARG A 36 4.34 3.79 5.34
N ILE A 37 3.63 4.90 5.14
CA ILE A 37 3.38 5.42 3.79
C ILE A 37 4.23 6.68 3.55
N THR A 38 5.12 6.63 2.57
CA THR A 38 5.99 7.77 2.26
C THR A 38 5.48 8.50 1.02
N VAL A 39 5.52 9.83 1.05
CA VAL A 39 5.06 10.65 -0.09
C VAL A 39 6.12 11.68 -0.45
N VAL A 40 6.29 11.91 -1.76
CA VAL A 40 7.26 12.89 -2.23
C VAL A 40 6.62 13.81 -3.27
N ALA A 41 6.82 15.10 -3.11
CA ALA A 41 6.29 16.08 -4.04
C ALA A 41 7.34 16.45 -5.06
N ALA A 42 6.96 16.45 -6.34
CA ALA A 42 7.92 16.80 -7.39
C ALA A 42 7.87 18.29 -7.70
N GLY A 43 6.78 18.95 -7.30
CA GLY A 43 6.61 20.39 -7.53
C GLY A 43 6.96 21.19 -6.28
N GLU A 44 7.80 20.62 -5.43
CA GLU A 44 8.22 21.30 -4.20
C GLU A 44 9.70 21.09 -3.95
N GLY A 45 10.34 22.09 -3.36
CA GLY A 45 11.76 22.00 -3.06
C GLY A 45 12.05 20.94 -2.00
N ILE A 46 11.02 20.59 -1.21
CA ILE A 46 11.17 19.57 -0.16
C ILE A 46 9.96 18.63 -0.13
N PRO A 47 10.17 17.34 0.09
CA PRO A 47 9.06 16.35 0.18
C PRO A 47 8.30 16.45 1.49
N ILE A 48 7.11 15.85 1.51
CA ILE A 48 6.28 15.89 2.70
C ILE A 48 6.63 14.75 3.65
N PHE A 49 6.24 14.91 4.91
CA PHE A 49 6.54 13.91 5.92
C PHE A 49 5.65 12.68 5.74
N GLU A 50 6.23 11.52 5.99
CA GLU A 50 5.50 10.27 5.88
C GLU A 50 4.38 10.20 6.90
N ASP A 51 3.70 9.06 6.96
CA ASP A 51 2.61 8.88 7.89
C ASP A 51 2.63 7.45 8.45
N PHE A 52 2.47 7.32 9.75
CA PHE A 52 2.46 6.01 10.41
C PHE A 52 1.07 5.68 10.95
N VAL A 53 0.49 4.58 10.46
CA VAL A 53 -0.86 4.17 10.89
C VAL A 53 -0.85 2.69 11.29
N ASP A 54 -1.61 2.36 12.33
CA ASP A 54 -1.69 0.98 12.81
C ASP A 54 -2.31 0.09 11.74
N SER A 55 -1.90 -1.18 11.71
CA SER A 55 -2.43 -2.12 10.74
C SER A 55 -3.93 -2.33 10.93
N SER A 56 -4.38 -2.25 12.17
CA SER A 56 -5.80 -2.43 12.47
C SER A 56 -6.66 -1.49 11.63
N VAL A 57 -6.19 -0.26 11.46
CA VAL A 57 -6.93 0.72 10.68
C VAL A 57 -7.07 0.24 9.24
N GLY A 58 -5.97 -0.29 8.69
CA GLY A 58 -6.00 -0.78 7.31
C GLY A 58 -6.16 0.36 6.31
N TYR A 59 -6.83 1.42 6.73
CA TYR A 59 -7.08 2.59 5.87
C TYR A 59 -6.31 3.82 6.38
N TYR A 60 -6.05 4.74 5.46
CA TYR A 60 -5.35 5.97 5.81
C TYR A 60 -5.69 7.06 4.79
N THR A 61 -5.51 8.31 5.18
CA THR A 61 -5.80 9.45 4.29
C THR A 61 -4.59 10.37 4.20
N VAL A 62 -4.27 10.80 2.98
CA VAL A 62 -3.15 11.72 2.75
C VAL A 62 -3.62 12.86 1.86
N THR A 63 -3.79 14.05 2.44
CA THR A 63 -4.24 15.22 1.69
C THR A 63 -3.21 16.34 1.77
N GLY A 64 -3.33 17.30 0.87
CA GLY A 64 -2.40 18.42 0.84
C GLY A 64 -1.44 18.31 -0.33
N LEU A 65 -1.85 17.58 -1.37
CA LEU A 65 -1.00 17.41 -2.55
C LEU A 65 -1.41 18.41 -3.63
N GLU A 66 -0.58 19.43 -3.84
CA GLU A 66 -0.90 20.45 -4.82
C GLU A 66 -1.37 19.85 -6.16
N PRO A 67 -2.43 20.40 -6.74
CA PRO A 67 -2.96 19.90 -8.06
C PRO A 67 -2.07 20.33 -9.21
N GLY A 68 -2.13 19.60 -10.30
CA GLY A 68 -1.33 19.91 -11.46
C GLY A 68 0.14 19.59 -11.25
N ILE A 69 0.49 19.23 -10.02
CA ILE A 69 1.88 18.90 -9.67
C ILE A 69 2.03 17.38 -9.55
N ASP A 70 3.19 16.90 -9.98
CA ASP A 70 3.48 15.48 -9.94
C ASP A 70 3.97 15.08 -8.55
N TYR A 71 3.23 14.18 -7.91
CA TYR A 71 3.57 13.71 -6.57
C TYR A 71 4.05 12.27 -6.61
N ASP A 72 5.26 12.05 -6.16
CA ASP A 72 5.84 10.72 -6.13
C ASP A 72 5.52 10.05 -4.80
N ILE A 73 4.76 8.95 -4.85
CA ILE A 73 4.38 8.22 -3.63
C ILE A 73 4.98 6.82 -3.64
N SER A 74 4.96 6.18 -2.49
CA SER A 74 5.48 4.83 -2.35
C SER A 74 4.78 4.10 -1.21
N VAL A 75 4.65 2.79 -1.35
CA VAL A 75 4.02 1.96 -0.33
C VAL A 75 4.92 0.79 0.01
N ILE A 76 5.08 0.50 1.30
CA ILE A 76 5.91 -0.61 1.74
C ILE A 76 5.14 -1.52 2.68
N THR A 77 5.14 -2.83 2.38
CA THR A 77 4.46 -3.81 3.22
C THR A 77 5.48 -4.52 4.10
N LEU A 78 5.45 -4.23 5.39
CA LEU A 78 6.37 -4.85 6.34
C LEU A 78 5.63 -5.68 7.38
N ILE A 79 5.92 -6.98 7.40
CA ILE A 79 5.28 -7.88 8.36
C ILE A 79 6.33 -8.84 8.93
N ASN A 80 6.02 -9.46 10.07
CA ASN A 80 6.96 -10.39 10.69
C ASN A 80 7.19 -11.61 9.81
N GLY A 81 6.10 -12.14 9.25
CA GLY A 81 6.19 -13.30 8.37
C GLY A 81 4.90 -14.12 8.41
N GLY A 82 4.30 -14.31 7.24
CA GLY A 82 3.05 -15.07 7.13
C GLY A 82 3.34 -16.53 6.75
N GLU A 83 2.28 -17.32 6.62
CA GLU A 83 2.43 -18.73 6.27
C GLU A 83 2.86 -18.86 4.81
N SER A 84 3.54 -19.96 4.50
CA SER A 84 4.00 -20.19 3.13
C SER A 84 2.82 -20.27 2.18
N ALA A 85 3.02 -19.80 0.95
CA ALA A 85 1.97 -19.82 -0.06
C ALA A 85 2.55 -19.51 -1.44
N PRO A 86 3.23 -20.46 -2.02
CA PRO A 86 3.85 -20.30 -3.37
C PRO A 86 2.81 -20.00 -4.44
N THR A 87 3.20 -19.18 -5.43
CA THR A 87 2.28 -18.81 -6.52
C THR A 87 2.88 -19.18 -7.87
N THR A 88 2.11 -19.90 -8.66
CA THR A 88 2.55 -20.33 -9.99
C THR A 88 2.24 -19.26 -11.03
N LEU A 89 2.68 -19.49 -12.26
CA LEU A 89 2.43 -18.55 -13.34
C LEU A 89 0.94 -18.29 -13.49
N THR A 90 0.60 -17.36 -14.37
CA THR A 90 -0.80 -17.02 -14.61
C THR A 90 -1.67 -18.27 -14.68
N GLN A 91 -2.87 -18.18 -14.13
CA GLN A 91 -3.78 -19.30 -14.12
C GLN A 91 -4.21 -19.66 -15.54
N GLN A 92 -4.54 -20.94 -15.77
CA GLN A 92 -4.95 -21.39 -17.09
C GLN A 92 -3.92 -20.99 -18.14
N THR A 93 -2.85 -21.75 -18.25
CA THR A 93 -1.80 -21.47 -19.22
C THR A 93 -2.20 -21.99 -20.59
N SER B 1 -18.62 -0.75 -9.66
CA SER B 1 -18.08 0.58 -9.25
C SER B 1 -17.12 1.09 -10.33
N SER B 2 -17.04 2.41 -10.46
CA SER B 2 -16.16 3.01 -11.45
C SER B 2 -14.69 2.74 -11.10
N SER B 3 -13.87 2.49 -12.12
CA SER B 3 -12.44 2.21 -11.90
C SER B 3 -11.60 3.16 -12.76
N PRO B 4 -10.91 4.14 -12.18
CA PRO B 4 -10.09 5.09 -12.98
C PRO B 4 -8.77 4.45 -13.46
N ILE B 5 -7.96 4.00 -12.50
CA ILE B 5 -6.68 3.37 -12.81
C ILE B 5 -6.32 2.35 -11.75
N GLN B 6 -5.65 1.28 -12.17
CA GLN B 6 -5.23 0.23 -11.23
C GLN B 6 -3.79 -0.19 -11.56
N GLY B 7 -2.98 -0.38 -10.52
CA GLY B 7 -1.59 -0.79 -10.71
C GLY B 7 -1.43 -2.29 -10.52
N SER B 8 -0.32 -2.68 -9.90
CA SER B 8 -0.06 -4.09 -9.66
C SER B 8 1.05 -4.26 -8.63
N TRP B 9 1.24 -5.49 -8.16
CA TRP B 9 2.29 -5.77 -7.18
C TRP B 9 3.60 -6.09 -7.88
N THR B 10 4.72 -5.77 -7.23
CA THR B 10 6.04 -6.04 -7.80
C THR B 10 6.92 -6.79 -6.79
N TRP B 11 7.52 -7.89 -7.24
CA TRP B 11 8.39 -8.69 -6.36
C TRP B 11 9.84 -8.22 -6.49
N GLU B 12 10.36 -7.59 -5.44
CA GLU B 12 11.73 -7.11 -5.45
C GLU B 12 12.22 -6.83 -4.03
N ASN B 13 13.49 -6.56 -3.88
CA ASN B 13 14.02 -6.21 -2.59
C ASN B 13 13.61 -7.21 -1.51
N GLY B 14 13.40 -8.47 -1.91
CA GLY B 14 13.01 -9.51 -0.95
C GLY B 14 11.62 -9.26 -0.37
N LYS B 15 11.08 -8.07 -0.59
CA LYS B 15 9.74 -7.71 -0.09
C LYS B 15 8.85 -7.21 -1.22
N TRP B 16 7.53 -7.32 -1.03
CA TRP B 16 6.60 -6.86 -2.05
C TRP B 16 6.31 -5.38 -1.87
N THR B 17 6.52 -4.58 -2.93
CA THR B 17 6.28 -3.14 -2.87
C THR B 17 5.31 -2.71 -3.96
N TRP B 18 4.39 -1.82 -3.62
CA TRP B 18 3.41 -1.32 -4.58
C TRP B 18 3.76 0.11 -4.98
N LYS B 19 4.26 0.26 -6.20
CA LYS B 19 4.65 1.57 -6.73
C LYS B 19 4.16 1.75 -8.14
N GLY B 20 4.31 2.98 -8.65
CA GLY B 20 3.88 3.27 -10.01
C GLY B 20 4.21 4.71 -10.37
N ILE B 21 3.57 5.22 -11.42
CA ILE B 21 3.83 6.58 -11.87
C ILE B 21 3.66 7.58 -10.74
N ILE B 22 2.42 7.86 -10.36
CA ILE B 22 2.12 8.80 -9.29
C ILE B 22 0.72 8.56 -8.76
N ARG B 23 0.21 9.52 -8.00
CA ARG B 23 -1.13 9.44 -7.44
C ARG B 23 -2.12 8.92 -8.47
N LEU B 24 -3.34 8.71 -8.04
CA LEU B 24 -4.38 8.21 -8.93
C LEU B 24 -4.63 9.20 -10.06
N GLU B 25 -4.35 8.74 -11.28
CA GLU B 25 -4.52 9.56 -12.49
C GLU B 25 -5.77 9.13 -13.23
N GLN B 26 -6.40 10.08 -13.91
CA GLN B 26 -7.60 9.80 -14.67
C GLN B 26 -7.27 9.25 -16.04
N GLY A 1 -11.86 -27.20 -3.33
CA GLY A 1 -10.62 -27.43 -4.12
C GLY A 1 -10.63 -26.54 -5.35
N SER A 2 -11.69 -25.74 -5.49
CA SER A 2 -11.80 -24.83 -6.63
C SER A 2 -10.90 -23.62 -6.43
N GLU A 3 -11.50 -22.44 -6.38
CA GLU A 3 -10.74 -21.21 -6.18
C GLU A 3 -10.11 -21.18 -4.79
N VAL A 4 -8.89 -20.67 -4.70
CA VAL A 4 -8.18 -20.58 -3.43
C VAL A 4 -7.45 -19.25 -3.32
N PRO A 5 -8.19 -18.19 -3.06
CA PRO A 5 -7.59 -16.84 -2.92
C PRO A 5 -6.45 -16.81 -1.90
N GLN A 6 -5.36 -16.15 -2.26
CA GLN A 6 -4.18 -16.06 -1.38
C GLN A 6 -3.89 -14.59 -1.04
N LEU A 7 -3.09 -13.95 -1.88
CA LEU A 7 -2.73 -12.55 -1.67
C LEU A 7 -3.76 -11.63 -2.31
N THR A 8 -4.46 -10.87 -1.47
CA THR A 8 -5.48 -9.95 -1.96
C THR A 8 -4.84 -8.72 -2.59
N ASP A 9 -5.46 -8.20 -3.65
CA ASP A 9 -4.96 -7.03 -4.34
C ASP A 9 -5.39 -5.75 -3.63
N LEU A 10 -4.57 -4.71 -3.74
CA LEU A 10 -4.87 -3.43 -3.11
C LEU A 10 -5.94 -2.68 -3.91
N SER A 11 -6.68 -1.81 -3.24
CA SER A 11 -7.72 -1.02 -3.91
C SER A 11 -7.73 0.40 -3.38
N PHE A 12 -8.16 1.33 -4.23
CA PHE A 12 -8.20 2.74 -3.87
C PHE A 12 -9.64 3.23 -3.77
N VAL A 13 -9.88 4.19 -2.88
CA VAL A 13 -11.23 4.73 -2.72
C VAL A 13 -11.16 6.20 -2.32
N ASP A 14 -12.22 6.94 -2.62
CA ASP A 14 -12.29 8.36 -2.30
C ASP A 14 -11.20 9.13 -3.04
N ILE A 15 -10.83 8.64 -4.21
CA ILE A 15 -9.80 9.31 -5.02
C ILE A 15 -10.21 10.76 -5.29
N THR A 16 -9.29 11.69 -5.06
CA THR A 16 -9.56 13.12 -5.26
C THR A 16 -8.43 13.76 -6.08
N ASP A 17 -8.42 15.09 -6.14
CA ASP A 17 -7.38 15.79 -6.87
C ASP A 17 -6.10 15.87 -6.05
N SER A 18 -6.21 16.29 -4.79
CA SER A 18 -5.05 16.42 -3.92
C SER A 18 -5.19 15.52 -2.69
N SER A 19 -6.15 14.60 -2.72
CA SER A 19 -6.37 13.69 -1.59
C SER A 19 -6.84 12.34 -2.11
N ILE A 20 -6.22 11.27 -1.62
CA ILE A 20 -6.56 9.91 -2.03
C ILE A 20 -6.82 9.05 -0.80
N GLY A 21 -7.81 8.16 -0.89
CA GLY A 21 -8.14 7.27 0.22
C GLY A 21 -7.55 5.89 0.01
N LEU A 22 -6.28 5.74 0.36
CA LEU A 22 -5.61 4.45 0.19
C LEU A 22 -6.17 3.44 1.17
N ARG A 23 -6.63 2.31 0.64
CA ARG A 23 -7.19 1.25 1.47
C ARG A 23 -6.75 -0.13 0.98
N TRP A 24 -6.51 -1.03 1.92
CA TRP A 24 -6.07 -2.38 1.62
C TRP A 24 -6.70 -3.36 2.59
N THR A 25 -6.78 -4.63 2.20
CA THR A 25 -7.39 -5.66 3.04
C THR A 25 -6.32 -6.53 3.72
N PRO A 26 -6.04 -6.35 4.99
CA PRO A 26 -5.02 -7.18 5.70
C PRO A 26 -5.29 -8.68 5.59
N LEU A 27 -4.20 -9.46 5.68
CA LEU A 27 -4.29 -10.92 5.61
C LEU A 27 -4.23 -11.54 6.99
N ASN A 28 -5.13 -12.47 7.22
CA ASN A 28 -5.20 -13.16 8.49
C ASN A 28 -3.80 -13.57 8.94
N SER A 29 -2.93 -13.84 7.97
CA SER A 29 -1.55 -14.22 8.26
C SER A 29 -0.65 -12.99 8.37
N SER A 30 -1.04 -11.91 7.66
CA SER A 30 -0.24 -10.68 7.70
C SER A 30 -0.08 -10.21 9.14
N THR A 31 1.17 -10.12 9.57
CA THR A 31 1.49 -9.70 10.92
C THR A 31 0.80 -8.38 11.23
N ILE A 32 0.41 -8.19 12.49
CA ILE A 32 -0.29 -6.97 12.88
C ILE A 32 0.69 -5.92 13.40
N ILE A 33 1.14 -5.05 12.50
CA ILE A 33 2.08 -3.99 12.85
C ILE A 33 1.87 -2.78 11.94
N GLY A 34 1.77 -1.61 12.55
CA GLY A 34 1.57 -0.39 11.78
C GLY A 34 2.64 -0.22 10.71
N TYR A 35 2.21 0.16 9.51
CA TYR A 35 3.14 0.36 8.40
C TYR A 35 3.47 1.85 8.27
N ARG A 36 4.31 2.17 7.29
CA ARG A 36 4.70 3.56 7.06
C ARG A 36 4.50 3.93 5.60
N ILE A 37 3.74 5.00 5.37
CA ILE A 37 3.48 5.47 4.00
C ILE A 37 4.36 6.68 3.69
N THR A 38 5.22 6.55 2.69
CA THR A 38 6.13 7.63 2.31
C THR A 38 5.63 8.35 1.06
N VAL A 39 5.64 9.67 1.09
CA VAL A 39 5.18 10.49 -0.04
C VAL A 39 6.21 11.56 -0.40
N VAL A 40 6.36 11.84 -1.70
CA VAL A 40 7.33 12.84 -2.15
C VAL A 40 6.69 13.75 -3.19
N ALA A 41 6.91 15.05 -3.04
CA ALA A 41 6.37 16.04 -3.97
C ALA A 41 7.44 16.41 -5.00
N ALA A 42 7.08 16.42 -6.29
CA ALA A 42 8.05 16.78 -7.32
C ALA A 42 8.03 18.29 -7.59
N GLY A 43 6.83 18.88 -7.59
CA GLY A 43 6.70 20.31 -7.83
C GLY A 43 6.97 21.11 -6.56
N GLU A 44 7.83 20.58 -5.71
CA GLU A 44 8.20 21.26 -4.46
C GLU A 44 9.68 21.10 -4.18
N GLY A 45 10.25 22.12 -3.57
CA GLY A 45 11.67 22.09 -3.23
C GLY A 45 11.96 21.09 -2.12
N ILE A 46 10.91 20.73 -1.35
CA ILE A 46 11.08 19.78 -0.23
C ILE A 46 9.93 18.74 -0.25
N PRO A 47 10.23 17.49 0.07
CA PRO A 47 9.18 16.42 0.13
C PRO A 47 8.27 16.59 1.33
N ILE A 48 7.13 15.90 1.31
CA ILE A 48 6.16 15.97 2.40
C ILE A 48 6.51 14.98 3.50
N PHE A 49 5.98 15.22 4.70
CA PHE A 49 6.24 14.34 5.83
C PHE A 49 5.43 13.04 5.69
N GLU A 50 6.06 11.93 6.07
CA GLU A 50 5.42 10.63 6.01
C GLU A 50 4.33 10.52 7.06
N ASP A 51 3.72 9.35 7.16
CA ASP A 51 2.66 9.13 8.14
C ASP A 51 2.70 7.68 8.63
N PHE A 52 2.45 7.49 9.93
CA PHE A 52 2.45 6.15 10.54
C PHE A 52 1.05 5.78 11.00
N VAL A 53 0.49 4.69 10.45
CA VAL A 53 -0.85 4.23 10.82
C VAL A 53 -0.83 2.75 11.21
N ASP A 54 -1.60 2.42 12.24
CA ASP A 54 -1.67 1.04 12.71
C ASP A 54 -2.29 0.13 11.65
N SER A 55 -1.94 -1.15 11.69
CA SER A 55 -2.47 -2.11 10.72
C SER A 55 -3.98 -2.26 10.89
N SER A 56 -4.46 -2.14 12.11
CA SER A 56 -5.88 -2.27 12.39
C SER A 56 -6.70 -1.33 11.50
N VAL A 57 -6.19 -0.12 11.31
CA VAL A 57 -6.89 0.85 10.48
C VAL A 57 -7.02 0.32 9.05
N GLY A 58 -5.94 -0.27 8.53
CA GLY A 58 -5.96 -0.82 7.18
C GLY A 58 -5.96 0.29 6.13
N TYR A 59 -6.70 1.36 6.41
CA TYR A 59 -6.82 2.49 5.48
C TYR A 59 -6.20 3.75 6.07
N TYR A 60 -5.85 4.70 5.20
CA TYR A 60 -5.26 5.95 5.65
C TYR A 60 -5.60 7.06 4.67
N THR A 61 -5.52 8.30 5.12
CA THR A 61 -5.82 9.46 4.27
C THR A 61 -4.62 10.37 4.18
N VAL A 62 -4.29 10.80 2.97
CA VAL A 62 -3.16 11.71 2.75
C VAL A 62 -3.61 12.86 1.85
N THR A 63 -3.83 14.02 2.44
CA THR A 63 -4.26 15.20 1.69
C THR A 63 -3.21 16.29 1.77
N GLY A 64 -3.31 17.25 0.84
CA GLY A 64 -2.36 18.36 0.81
C GLY A 64 -1.39 18.21 -0.36
N LEU A 65 -1.79 17.46 -1.39
CA LEU A 65 -0.93 17.27 -2.55
C LEU A 65 -1.34 18.25 -3.65
N GLU A 66 -0.50 19.24 -3.91
CA GLU A 66 -0.83 20.25 -4.91
C GLU A 66 -1.27 19.63 -6.25
N PRO A 67 -2.33 20.11 -6.86
CA PRO A 67 -2.83 19.58 -8.18
C PRO A 67 -1.92 20.04 -9.31
N GLY A 68 -1.96 19.30 -10.41
CA GLY A 68 -1.16 19.65 -11.56
C GLY A 68 0.32 19.36 -11.31
N ILE A 69 0.65 19.03 -10.07
CA ILE A 69 2.04 18.73 -9.69
C ILE A 69 2.22 17.22 -9.55
N ASP A 70 3.36 16.75 -10.01
CA ASP A 70 3.68 15.34 -9.95
C ASP A 70 4.16 14.96 -8.54
N TYR A 71 3.41 14.09 -7.89
CA TYR A 71 3.74 13.63 -6.54
C TYR A 71 4.23 12.20 -6.57
N ASP A 72 5.45 12.01 -6.10
CA ASP A 72 6.06 10.70 -6.05
C ASP A 72 5.71 10.00 -4.75
N ILE A 73 4.95 8.90 -4.82
CA ILE A 73 4.54 8.17 -3.62
C ILE A 73 5.19 6.79 -3.60
N SER A 74 5.17 6.17 -2.43
CA SER A 74 5.75 4.84 -2.26
C SER A 74 5.04 4.11 -1.13
N VAL A 75 4.51 2.93 -1.43
CA VAL A 75 3.81 2.12 -0.44
C VAL A 75 4.70 0.95 -0.03
N ILE A 76 4.82 0.75 1.28
CA ILE A 76 5.64 -0.34 1.81
C ILE A 76 4.85 -1.18 2.82
N THR A 77 4.90 -2.49 2.63
CA THR A 77 4.21 -3.43 3.53
C THR A 77 5.23 -4.13 4.41
N LEU A 78 5.06 -4.00 5.72
CA LEU A 78 5.98 -4.62 6.68
C LEU A 78 5.23 -5.60 7.58
N ILE A 79 5.52 -6.89 7.44
CA ILE A 79 4.89 -7.92 8.27
C ILE A 79 5.86 -9.06 8.55
N ASN A 80 5.79 -9.62 9.75
CA ASN A 80 6.67 -10.72 10.14
C ASN A 80 6.40 -11.98 9.32
N GLY A 81 5.12 -12.33 9.21
CA GLY A 81 4.71 -13.51 8.45
C GLY A 81 4.73 -14.76 9.32
N GLY A 82 4.92 -14.57 10.62
CA GLY A 82 4.96 -15.70 11.54
C GLY A 82 3.56 -16.29 11.73
N GLU A 83 3.50 -17.47 12.34
CA GLU A 83 2.21 -18.13 12.56
C GLU A 83 1.46 -17.45 13.70
N SER A 84 0.76 -16.37 13.39
CA SER A 84 0.00 -15.64 14.39
C SER A 84 -1.37 -16.28 14.60
N ALA A 85 -1.93 -16.09 15.79
CA ALA A 85 -3.23 -16.67 16.11
C ALA A 85 -3.19 -18.19 16.04
N PRO A 86 -2.30 -18.80 16.78
CA PRO A 86 -2.16 -20.29 16.80
C PRO A 86 -3.38 -20.97 17.41
N THR A 87 -3.65 -22.19 16.94
CA THR A 87 -4.79 -22.95 17.44
C THR A 87 -4.55 -23.39 18.87
N THR A 88 -5.55 -23.20 19.74
CA THR A 88 -5.44 -23.58 21.15
C THR A 88 -6.74 -24.23 21.62
N LEU A 89 -6.66 -24.93 22.74
CA LEU A 89 -7.84 -25.60 23.29
C LEU A 89 -8.69 -24.61 24.07
N THR A 90 -9.97 -24.51 23.70
CA THR A 90 -10.90 -23.60 24.36
C THR A 90 -11.70 -24.34 25.41
N GLN A 91 -11.90 -23.70 26.56
CA GLN A 91 -12.65 -24.30 27.65
C GLN A 91 -14.13 -24.40 27.29
N GLN A 92 -14.69 -25.60 27.42
CA GLN A 92 -16.10 -25.81 27.10
C GLN A 92 -16.43 -25.20 25.74
N THR A 93 -16.23 -25.98 24.68
CA THR A 93 -16.52 -25.51 23.33
C THR A 93 -18.02 -25.55 23.05
N SER B 1 -16.26 -3.46 -7.51
CA SER B 1 -16.42 -2.13 -8.15
C SER B 1 -15.14 -1.73 -8.86
N SER B 2 -15.25 -1.38 -10.13
CA SER B 2 -14.08 -0.98 -10.92
C SER B 2 -13.57 0.37 -10.45
N SER B 3 -12.24 0.52 -10.42
CA SER B 3 -11.62 1.78 -9.98
C SER B 3 -11.10 2.58 -11.20
N PRO B 4 -11.03 3.89 -11.11
CA PRO B 4 -10.54 4.74 -12.24
C PRO B 4 -9.27 4.18 -12.87
N ILE B 5 -8.31 3.78 -12.02
CA ILE B 5 -7.05 3.22 -12.52
C ILE B 5 -6.50 2.22 -11.52
N GLN B 6 -5.86 1.17 -12.03
CA GLN B 6 -5.27 0.14 -11.18
C GLN B 6 -3.89 -0.26 -11.71
N GLY B 7 -2.94 -0.45 -10.80
CA GLY B 7 -1.58 -0.84 -11.19
C GLY B 7 -1.35 -2.32 -10.94
N SER B 8 -0.24 -2.64 -10.28
CA SER B 8 0.08 -4.02 -9.98
C SER B 8 1.20 -4.10 -8.93
N TRP B 9 1.45 -5.31 -8.43
CA TRP B 9 2.50 -5.52 -7.43
C TRP B 9 3.81 -5.86 -8.11
N THR B 10 4.93 -5.58 -7.43
CA THR B 10 6.26 -5.87 -7.97
C THR B 10 7.09 -6.63 -6.95
N TRP B 11 7.70 -7.74 -7.38
CA TRP B 11 8.53 -8.55 -6.49
C TRP B 11 9.99 -8.09 -6.56
N GLU B 12 10.45 -7.47 -5.48
CA GLU B 12 11.84 -7.00 -5.44
C GLU B 12 12.27 -6.73 -4.01
N ASN B 13 13.55 -6.49 -3.81
CA ASN B 13 14.05 -6.17 -2.49
C ASN B 13 13.57 -7.17 -1.45
N GLY B 14 13.34 -8.42 -1.86
CA GLY B 14 12.89 -9.45 -0.93
C GLY B 14 11.50 -9.14 -0.37
N LYS B 15 11.02 -7.92 -0.62
CA LYS B 15 9.70 -7.50 -0.12
C LYS B 15 8.81 -7.03 -1.26
N TRP B 16 7.50 -7.13 -1.06
CA TRP B 16 6.55 -6.71 -2.09
C TRP B 16 6.26 -5.22 -1.93
N THR B 17 6.54 -4.44 -2.98
CA THR B 17 6.31 -3.00 -2.96
C THR B 17 5.41 -2.58 -4.11
N TRP B 18 4.45 -1.70 -3.81
CA TRP B 18 3.53 -1.22 -4.84
C TRP B 18 3.91 0.20 -5.25
N LYS B 19 4.42 0.33 -6.47
CA LYS B 19 4.83 1.63 -7.02
C LYS B 19 4.29 1.80 -8.42
N GLY B 20 4.43 3.01 -8.93
CA GLY B 20 3.97 3.31 -10.27
C GLY B 20 4.28 4.76 -10.63
N ILE B 21 3.60 5.27 -11.65
CA ILE B 21 3.85 6.64 -12.09
C ILE B 21 3.72 7.62 -10.93
N ILE B 22 2.48 7.84 -10.50
CA ILE B 22 2.21 8.75 -9.39
C ILE B 22 0.83 8.46 -8.80
N ARG B 23 0.34 9.38 -7.98
CA ARG B 23 -0.97 9.24 -7.36
C ARG B 23 -1.99 8.69 -8.36
N LEU B 24 -3.17 8.43 -7.86
CA LEU B 24 -4.24 7.90 -8.71
C LEU B 24 -4.58 8.89 -9.81
N GLU B 25 -4.21 8.52 -11.03
CA GLU B 25 -4.48 9.36 -12.20
C GLU B 25 -5.90 9.14 -12.70
N GLN B 26 -6.53 10.21 -13.17
CA GLN B 26 -7.87 10.13 -13.67
C GLN B 26 -7.93 9.25 -14.92
N GLY A 1 -15.93 -29.62 -4.65
CA GLY A 1 -16.07 -28.40 -3.80
C GLY A 1 -16.12 -27.17 -4.70
N SER A 2 -15.52 -26.08 -4.23
CA SER A 2 -15.51 -24.83 -4.99
C SER A 2 -14.31 -23.98 -4.58
N GLU A 3 -13.98 -23.00 -5.42
CA GLU A 3 -12.86 -22.11 -5.14
C GLU A 3 -13.23 -21.12 -4.05
N VAL A 4 -12.25 -20.77 -3.21
CA VAL A 4 -12.48 -19.83 -2.12
C VAL A 4 -11.24 -18.98 -1.89
N PRO A 5 -11.00 -18.02 -2.74
CA PRO A 5 -9.83 -17.11 -2.65
C PRO A 5 -9.84 -16.32 -1.34
N GLN A 6 -8.65 -16.06 -0.80
CA GLN A 6 -8.52 -15.31 0.46
C GLN A 6 -7.47 -14.22 0.33
N LEU A 7 -6.91 -14.08 -0.86
CA LEU A 7 -5.88 -13.07 -1.14
C LEU A 7 -6.51 -11.83 -1.77
N THR A 8 -6.76 -10.83 -0.94
CA THR A 8 -7.35 -9.60 -1.42
C THR A 8 -6.30 -8.75 -2.12
N ASP A 9 -6.75 -7.75 -2.88
CA ASP A 9 -5.85 -6.86 -3.60
C ASP A 9 -6.05 -5.41 -3.17
N LEU A 10 -5.02 -4.60 -3.35
CA LEU A 10 -5.08 -3.19 -2.97
C LEU A 10 -6.14 -2.48 -3.79
N SER A 11 -6.89 -1.59 -3.15
CA SER A 11 -7.94 -0.83 -3.83
C SER A 11 -7.95 0.61 -3.36
N PHE A 12 -8.45 1.50 -4.20
CA PHE A 12 -8.52 2.93 -3.88
C PHE A 12 -9.97 3.38 -3.70
N VAL A 13 -10.19 4.31 -2.79
CA VAL A 13 -11.53 4.82 -2.52
C VAL A 13 -11.47 6.30 -2.14
N ASP A 14 -12.61 6.97 -2.26
CA ASP A 14 -12.68 8.39 -1.92
C ASP A 14 -11.59 9.18 -2.65
N ILE A 15 -11.23 8.70 -3.84
CA ILE A 15 -10.21 9.38 -4.63
C ILE A 15 -10.61 10.82 -4.91
N THR A 16 -9.63 11.71 -4.86
CA THR A 16 -9.87 13.13 -5.10
C THR A 16 -8.74 13.74 -5.91
N ASP A 17 -8.70 15.07 -5.95
CA ASP A 17 -7.66 15.79 -6.67
C ASP A 17 -6.46 16.05 -5.79
N SER A 18 -6.70 16.53 -4.57
CA SER A 18 -5.62 16.82 -3.62
C SER A 18 -5.71 15.92 -2.40
N SER A 19 -6.59 14.93 -2.47
CA SER A 19 -6.77 13.99 -1.36
C SER A 19 -7.23 12.63 -1.88
N ILE A 20 -6.78 11.57 -1.23
CA ILE A 20 -7.17 10.22 -1.64
C ILE A 20 -7.36 9.34 -0.41
N GLY A 21 -8.28 8.39 -0.49
CA GLY A 21 -8.56 7.49 0.63
C GLY A 21 -7.92 6.12 0.39
N LEU A 22 -6.65 5.99 0.74
CA LEU A 22 -5.94 4.74 0.56
C LEU A 22 -6.46 3.69 1.53
N ARG A 23 -6.94 2.57 0.99
CA ARG A 23 -7.47 1.50 1.83
C ARG A 23 -6.97 0.15 1.34
N TRP A 24 -6.72 -0.76 2.29
CA TRP A 24 -6.22 -2.08 1.93
C TRP A 24 -6.78 -3.11 2.90
N THR A 25 -6.81 -4.37 2.46
CA THR A 25 -7.32 -5.46 3.30
C THR A 25 -6.18 -6.40 3.70
N PRO A 26 -5.60 -6.23 4.86
CA PRO A 26 -4.50 -7.10 5.34
C PRO A 26 -4.88 -8.59 5.32
N LEU A 27 -3.91 -9.43 4.99
CA LEU A 27 -4.14 -10.87 4.92
C LEU A 27 -4.12 -11.49 6.31
N ASN A 28 -5.03 -12.42 6.53
CA ASN A 28 -5.13 -13.09 7.80
C ASN A 28 -3.76 -13.64 8.21
N SER A 29 -2.98 -14.06 7.21
CA SER A 29 -1.65 -14.59 7.46
C SER A 29 -0.66 -13.45 7.69
N SER A 30 -0.88 -12.32 7.01
CA SER A 30 0.00 -11.16 7.14
C SER A 30 -0.02 -10.65 8.57
N THR A 31 1.15 -10.32 9.09
CA THR A 31 1.26 -9.80 10.45
C THR A 31 0.56 -8.46 10.57
N ILE A 32 -0.10 -8.24 11.70
CA ILE A 32 -0.81 -6.99 11.94
C ILE A 32 0.06 -6.01 12.71
N ILE A 33 0.73 -5.13 11.98
CA ILE A 33 1.61 -4.13 12.60
C ILE A 33 1.52 -2.81 11.85
N GLY A 34 1.34 -1.73 12.61
CA GLY A 34 1.23 -0.40 12.00
C GLY A 34 2.18 -0.25 10.82
N TYR A 35 1.60 0.07 9.65
CA TYR A 35 2.40 0.24 8.44
C TYR A 35 2.84 1.68 8.31
N ARG A 36 3.63 1.96 7.28
CA ARG A 36 4.12 3.31 7.05
C ARG A 36 4.00 3.68 5.57
N ILE A 37 3.36 4.82 5.30
CA ILE A 37 3.17 5.28 3.93
C ILE A 37 4.16 6.40 3.63
N THR A 38 4.94 6.23 2.57
CA THR A 38 5.92 7.24 2.19
C THR A 38 5.47 7.99 0.94
N VAL A 39 5.56 9.32 0.98
CA VAL A 39 5.16 10.15 -0.15
C VAL A 39 6.28 11.12 -0.52
N VAL A 40 6.50 11.30 -1.81
CA VAL A 40 7.54 12.20 -2.29
C VAL A 40 7.00 13.11 -3.39
N ALA A 41 7.29 14.40 -3.29
CA ALA A 41 6.84 15.35 -4.29
C ALA A 41 7.94 15.60 -5.31
N ALA A 42 7.56 15.64 -6.58
CA ALA A 42 8.52 15.87 -7.66
C ALA A 42 8.65 17.36 -7.95
N GLY A 43 7.51 18.03 -8.06
CA GLY A 43 7.50 19.46 -8.34
C GLY A 43 8.13 20.25 -7.20
N GLU A 44 7.99 19.72 -5.99
CA GLU A 44 8.54 20.39 -4.81
C GLU A 44 9.91 19.81 -4.48
N GLY A 45 10.85 20.70 -4.20
CA GLY A 45 12.21 20.28 -3.89
C GLY A 45 12.25 19.45 -2.62
N ILE A 46 11.23 19.62 -1.78
CA ILE A 46 11.16 18.87 -0.53
C ILE A 46 9.97 17.89 -0.55
N PRO A 47 10.18 16.67 -0.10
CA PRO A 47 9.09 15.67 0.01
C PRO A 47 8.21 15.90 1.24
N ILE A 48 7.09 15.17 1.30
CA ILE A 48 6.17 15.28 2.43
C ILE A 48 6.43 14.19 3.44
N PHE A 49 6.48 14.58 4.72
CA PHE A 49 6.74 13.62 5.78
C PHE A 49 5.81 12.41 5.65
N GLU A 50 6.30 11.26 6.09
CA GLU A 50 5.52 10.02 6.03
C GLU A 50 4.46 10.02 7.11
N ASP A 51 3.71 8.94 7.18
CA ASP A 51 2.66 8.82 8.17
C ASP A 51 2.55 7.38 8.68
N PHE A 52 2.49 7.22 10.01
CA PHE A 52 2.38 5.90 10.61
C PHE A 52 0.95 5.66 11.10
N VAL A 53 0.31 4.64 10.55
CA VAL A 53 -1.07 4.29 10.94
C VAL A 53 -1.15 2.84 11.37
N ASP A 54 -1.83 2.60 12.48
CA ASP A 54 -1.99 1.24 12.99
C ASP A 54 -2.62 0.34 11.94
N SER A 55 -2.12 -0.88 11.83
CA SER A 55 -2.65 -1.83 10.85
C SER A 55 -4.12 -2.09 11.11
N SER A 56 -4.50 -2.04 12.39
CA SER A 56 -5.89 -2.28 12.76
C SER A 56 -6.82 -1.33 12.00
N VAL A 57 -6.33 -0.12 11.74
CA VAL A 57 -7.12 0.86 11.01
C VAL A 57 -7.41 0.38 9.59
N GLY A 58 -6.39 -0.13 8.92
CA GLY A 58 -6.55 -0.63 7.55
C GLY A 58 -6.99 0.51 6.62
N TYR A 59 -6.63 1.74 6.98
CA TYR A 59 -7.02 2.89 6.18
C TYR A 59 -6.25 4.14 6.62
N TYR A 60 -6.06 5.06 5.68
CA TYR A 60 -5.37 6.31 5.99
C TYR A 60 -5.72 7.37 4.96
N THR A 61 -5.53 8.63 5.33
CA THR A 61 -5.84 9.76 4.44
C THR A 61 -4.63 10.67 4.30
N VAL A 62 -4.35 11.08 3.05
CA VAL A 62 -3.23 11.98 2.77
C VAL A 62 -3.70 13.12 1.87
N THR A 63 -3.81 14.32 2.44
CA THR A 63 -4.25 15.48 1.67
C THR A 63 -3.14 16.53 1.61
N GLY A 64 -3.25 17.43 0.62
CA GLY A 64 -2.26 18.49 0.43
C GLY A 64 -1.42 18.24 -0.81
N LEU A 65 -1.74 17.18 -1.55
CA LEU A 65 -0.99 16.85 -2.76
C LEU A 65 -1.44 17.73 -3.91
N GLU A 66 -0.57 18.62 -4.33
CA GLU A 66 -0.91 19.53 -5.41
C GLU A 66 -1.53 18.77 -6.60
N PRO A 67 -2.55 19.31 -7.22
CA PRO A 67 -3.22 18.67 -8.40
C PRO A 67 -2.40 18.79 -9.67
N GLY A 68 -2.74 17.95 -10.64
CA GLY A 68 -2.06 17.96 -11.91
C GLY A 68 -0.55 17.99 -11.73
N ILE A 69 -0.08 17.56 -10.57
CA ILE A 69 1.35 17.56 -10.28
C ILE A 69 1.86 16.12 -10.24
N ASP A 70 3.17 15.98 -10.27
CA ASP A 70 3.80 14.67 -10.23
C ASP A 70 4.35 14.35 -8.84
N TYR A 71 3.60 13.54 -8.09
CA TYR A 71 4.02 13.13 -6.74
C TYR A 71 4.39 11.66 -6.72
N ASP A 72 5.60 11.40 -6.25
CA ASP A 72 6.11 10.04 -6.17
C ASP A 72 5.72 9.44 -4.82
N ILE A 73 4.93 8.38 -4.87
CA ILE A 73 4.45 7.70 -3.66
C ILE A 73 4.98 6.29 -3.61
N SER A 74 4.82 5.66 -2.45
CA SER A 74 5.27 4.29 -2.27
C SER A 74 4.48 3.60 -1.18
N VAL A 75 4.32 2.28 -1.29
CA VAL A 75 3.59 1.51 -0.29
C VAL A 75 4.43 0.29 0.13
N ILE A 76 5.08 0.41 1.28
CA ILE A 76 5.91 -0.69 1.80
C ILE A 76 5.09 -1.64 2.64
N THR A 77 5.21 -2.93 2.36
CA THR A 77 4.47 -3.95 3.11
C THR A 77 5.44 -4.79 3.92
N LEU A 78 5.45 -4.58 5.23
CA LEU A 78 6.34 -5.33 6.12
C LEU A 78 5.53 -6.07 7.16
N ILE A 79 5.71 -7.40 7.20
CA ILE A 79 5.00 -8.24 8.16
C ILE A 79 5.97 -9.23 8.81
N ASN A 80 5.67 -9.62 10.04
CA ASN A 80 6.52 -10.56 10.76
C ASN A 80 6.49 -11.94 10.10
N GLY A 81 5.29 -12.48 9.94
CA GLY A 81 5.14 -13.80 9.31
C GLY A 81 6.19 -14.77 9.83
N GLY A 82 7.21 -15.02 9.01
CA GLY A 82 8.27 -15.93 9.39
C GLY A 82 9.28 -15.24 10.31
N GLU A 83 10.38 -15.94 10.60
CA GLU A 83 11.41 -15.38 11.47
C GLU A 83 11.77 -13.97 11.03
N SER A 84 11.85 -13.05 11.99
CA SER A 84 12.19 -11.67 11.69
C SER A 84 13.71 -11.51 11.58
N ALA A 85 14.13 -10.37 11.05
CA ALA A 85 15.55 -10.09 10.89
C ALA A 85 16.23 -11.18 10.04
N PRO A 86 17.39 -10.91 9.51
CA PRO A 86 18.15 -11.88 8.68
C PRO A 86 18.76 -12.99 9.52
N THR A 87 18.37 -13.07 10.79
CA THR A 87 18.90 -14.08 11.68
C THR A 87 18.53 -15.47 11.17
N THR A 88 19.52 -16.37 11.11
CA THR A 88 19.30 -17.73 10.64
C THR A 88 19.79 -18.73 11.68
N LEU A 89 18.92 -19.69 12.01
CA LEU A 89 19.28 -20.71 12.99
C LEU A 89 20.19 -21.77 12.37
N THR A 90 21.14 -22.25 13.16
CA THR A 90 22.07 -23.26 12.68
C THR A 90 21.35 -24.58 12.41
N GLN A 91 21.67 -25.21 11.30
CA GLN A 91 21.04 -26.48 10.94
C GLN A 91 21.25 -27.52 12.04
N GLN A 92 20.19 -27.79 12.80
CA GLN A 92 20.27 -28.76 13.89
C GLN A 92 20.55 -30.15 13.34
N THR A 93 19.86 -30.50 12.25
CA THR A 93 20.03 -31.81 11.63
C THR A 93 21.06 -31.74 10.51
N SER B 1 -17.48 -1.12 -13.69
CA SER B 1 -17.24 0.04 -12.79
C SER B 1 -16.06 0.85 -13.31
N SER B 2 -16.13 2.17 -13.13
CA SER B 2 -15.05 3.03 -13.58
C SER B 2 -13.79 2.77 -12.79
N SER B 3 -12.65 2.63 -13.48
CA SER B 3 -11.37 2.38 -12.82
C SER B 3 -10.30 3.37 -13.32
N PRO B 4 -9.89 4.31 -12.52
CA PRO B 4 -8.86 5.31 -12.91
C PRO B 4 -7.45 4.72 -12.91
N ILE B 5 -7.10 4.04 -11.81
CA ILE B 5 -5.77 3.46 -11.67
C ILE B 5 -5.85 1.95 -11.92
N GLN B 6 -4.70 1.36 -12.19
CA GLN B 6 -4.64 -0.06 -12.46
C GLN B 6 -3.18 -0.50 -12.65
N GLY B 7 -2.53 -0.86 -11.54
CA GLY B 7 -1.13 -1.29 -11.57
C GLY B 7 -1.01 -2.77 -11.24
N SER B 8 0.08 -3.13 -10.59
CA SER B 8 0.33 -4.51 -10.20
C SER B 8 1.39 -4.61 -9.12
N TRP B 9 1.55 -5.79 -8.55
CA TRP B 9 2.55 -6.01 -7.50
C TRP B 9 3.89 -6.32 -8.13
N THR B 10 4.94 -5.62 -7.66
CA THR B 10 6.29 -5.82 -8.19
C THR B 10 7.20 -6.42 -7.11
N TRP B 11 8.06 -7.35 -7.52
CA TRP B 11 8.99 -7.99 -6.59
C TRP B 11 10.35 -7.30 -6.64
N GLU B 12 10.75 -6.74 -5.51
CA GLU B 12 12.05 -6.07 -5.42
C GLU B 12 12.44 -5.82 -3.95
N ASN B 13 13.69 -5.46 -3.75
CA ASN B 13 14.14 -5.12 -2.41
C ASN B 13 13.77 -6.21 -1.41
N GLY B 14 13.80 -7.45 -1.86
CA GLY B 14 13.47 -8.57 -1.00
C GLY B 14 12.12 -8.37 -0.32
N LYS B 15 11.33 -7.41 -0.82
CA LYS B 15 10.02 -7.13 -0.25
C LYS B 15 9.03 -6.74 -1.35
N TRP B 16 7.75 -7.01 -1.12
CA TRP B 16 6.74 -6.68 -2.10
C TRP B 16 6.28 -5.24 -1.91
N THR B 17 6.43 -4.42 -2.95
CA THR B 17 6.03 -3.02 -2.89
C THR B 17 5.18 -2.65 -4.09
N TRP B 18 4.18 -1.80 -3.86
CA TRP B 18 3.29 -1.34 -4.92
C TRP B 18 3.63 0.09 -5.32
N LYS B 19 3.97 0.28 -6.59
CA LYS B 19 4.33 1.60 -7.10
C LYS B 19 3.85 1.78 -8.53
N GLY B 20 3.98 3.01 -9.03
CA GLY B 20 3.54 3.32 -10.37
C GLY B 20 3.89 4.74 -10.76
N ILE B 21 3.22 5.26 -11.78
CA ILE B 21 3.50 6.61 -12.26
C ILE B 21 3.47 7.59 -11.10
N ILE B 22 2.28 7.90 -10.62
CA ILE B 22 2.12 8.83 -9.51
C ILE B 22 0.77 8.61 -8.82
N ARG B 23 0.40 9.57 -7.98
CA ARG B 23 -0.86 9.51 -7.26
C ARG B 23 -1.99 9.13 -8.21
N LEU B 24 -3.18 8.99 -7.64
CA LEU B 24 -4.34 8.60 -8.43
C LEU B 24 -4.58 9.61 -9.55
N GLU B 25 -4.65 9.11 -10.78
CA GLU B 25 -4.88 9.95 -11.94
C GLU B 25 -6.34 9.87 -12.38
N GLN B 26 -6.81 10.93 -13.01
CA GLN B 26 -8.20 10.98 -13.48
C GLN B 26 -8.28 10.53 -14.94
N GLY A 1 -23.15 -23.10 2.18
CA GLY A 1 -21.67 -23.31 2.29
C GLY A 1 -20.96 -22.46 1.24
N SER A 2 -21.00 -21.14 1.41
CA SER A 2 -20.35 -20.24 0.47
C SER A 2 -18.84 -20.26 0.65
N GLU A 3 -18.12 -19.87 -0.39
CA GLU A 3 -16.67 -19.86 -0.33
C GLU A 3 -16.18 -18.69 0.51
N VAL A 4 -15.08 -18.89 1.23
CA VAL A 4 -14.52 -17.83 2.09
C VAL A 4 -13.02 -17.70 1.86
N PRO A 5 -12.63 -17.07 0.76
CA PRO A 5 -11.20 -16.88 0.42
C PRO A 5 -10.58 -15.73 1.22
N GLN A 6 -9.31 -15.89 1.59
CA GLN A 6 -8.59 -14.86 2.35
C GLN A 6 -7.69 -14.06 1.43
N LEU A 7 -7.81 -14.31 0.13
CA LEU A 7 -6.99 -13.60 -0.85
C LEU A 7 -7.68 -12.33 -1.31
N THR A 8 -7.09 -11.19 -0.97
CA THR A 8 -7.66 -9.89 -1.35
C THR A 8 -6.60 -9.01 -1.99
N ASP A 9 -7.05 -8.05 -2.79
CA ASP A 9 -6.13 -7.13 -3.49
C ASP A 9 -6.36 -5.71 -3.01
N LEU A 10 -5.32 -4.90 -3.11
CA LEU A 10 -5.41 -3.51 -2.70
C LEU A 10 -6.40 -2.75 -3.56
N SER A 11 -7.12 -1.81 -2.95
CA SER A 11 -8.10 -1.01 -3.68
C SER A 11 -8.05 0.45 -3.24
N PHE A 12 -8.56 1.33 -4.08
CA PHE A 12 -8.57 2.76 -3.79
C PHE A 12 -9.99 3.25 -3.55
N VAL A 13 -10.14 4.22 -2.64
CA VAL A 13 -11.46 4.78 -2.32
C VAL A 13 -11.33 6.27 -2.02
N ASP A 14 -12.45 6.98 -2.17
CA ASP A 14 -12.46 8.41 -1.91
C ASP A 14 -11.27 9.08 -2.59
N ILE A 15 -11.21 8.97 -3.91
CA ILE A 15 -10.13 9.58 -4.68
C ILE A 15 -10.41 11.04 -4.94
N THR A 16 -9.37 11.87 -4.86
CA THR A 16 -9.50 13.30 -5.09
C THR A 16 -8.32 13.83 -5.91
N ASP A 17 -8.21 15.15 -5.98
CA ASP A 17 -7.11 15.79 -6.72
C ASP A 17 -5.89 15.97 -5.83
N SER A 18 -6.13 16.42 -4.60
CA SER A 18 -5.04 16.66 -3.65
C SER A 18 -5.19 15.76 -2.43
N SER A 19 -6.11 14.81 -2.51
CA SER A 19 -6.34 13.88 -1.40
C SER A 19 -6.83 12.53 -1.94
N ILE A 20 -6.37 11.45 -1.32
CA ILE A 20 -6.76 10.10 -1.74
C ILE A 20 -7.06 9.23 -0.52
N GLY A 21 -8.03 8.33 -0.66
CA GLY A 21 -8.40 7.44 0.45
C GLY A 21 -7.80 6.06 0.26
N LEU A 22 -6.53 5.91 0.62
CA LEU A 22 -5.85 4.64 0.48
C LEU A 22 -6.47 3.61 1.44
N ARG A 23 -6.92 2.49 0.88
CA ARG A 23 -7.53 1.44 1.69
C ARG A 23 -7.13 0.07 1.15
N TRP A 24 -6.78 -0.83 2.06
CA TRP A 24 -6.37 -2.19 1.67
C TRP A 24 -6.93 -3.19 2.68
N THR A 25 -7.03 -4.45 2.25
CA THR A 25 -7.54 -5.50 3.14
C THR A 25 -6.40 -6.43 3.57
N PRO A 26 -5.91 -6.28 4.77
CA PRO A 26 -4.80 -7.17 5.27
C PRO A 26 -5.14 -8.65 5.18
N LEU A 27 -4.11 -9.47 4.92
CA LEU A 27 -4.29 -10.91 4.80
C LEU A 27 -4.23 -11.57 6.16
N ASN A 28 -5.11 -12.52 6.36
CA ASN A 28 -5.16 -13.23 7.62
C ASN A 28 -3.77 -13.70 8.02
N SER A 29 -2.98 -14.06 7.02
CA SER A 29 -1.61 -14.51 7.26
C SER A 29 -0.68 -13.31 7.47
N SER A 30 -0.97 -12.20 6.78
CA SER A 30 -0.15 -11.00 6.90
C SER A 30 -0.12 -10.52 8.35
N THR A 31 1.08 -10.24 8.85
CA THR A 31 1.25 -9.78 10.21
C THR A 31 0.53 -8.44 10.40
N ILE A 32 -0.02 -8.23 11.60
CA ILE A 32 -0.73 -6.99 11.88
C ILE A 32 0.19 -5.97 12.54
N ILE A 33 0.76 -5.10 11.71
CA ILE A 33 1.68 -4.07 12.20
C ILE A 33 1.57 -2.82 11.34
N GLY A 34 1.47 -1.67 12.00
CA GLY A 34 1.36 -0.41 11.29
C GLY A 34 2.41 -0.30 10.19
N TYR A 35 1.97 0.05 8.99
CA TYR A 35 2.87 0.20 7.85
C TYR A 35 3.06 1.69 7.55
N ARG A 36 4.31 2.11 7.48
CA ARG A 36 4.60 3.51 7.21
C ARG A 36 4.40 3.84 5.73
N ILE A 37 3.67 4.93 5.48
CA ILE A 37 3.41 5.36 4.11
C ILE A 37 4.40 6.46 3.73
N THR A 38 5.13 6.26 2.65
CA THR A 38 6.12 7.25 2.20
C THR A 38 5.58 8.04 1.00
N VAL A 39 5.69 9.36 1.07
CA VAL A 39 5.23 10.24 0.00
C VAL A 39 6.32 11.24 -0.36
N VAL A 40 6.50 11.48 -1.66
CA VAL A 40 7.52 12.42 -2.12
C VAL A 40 6.93 13.36 -3.16
N ALA A 41 7.16 14.65 -2.99
CA ALA A 41 6.66 15.64 -3.93
C ALA A 41 7.76 15.98 -4.94
N ALA A 42 7.40 16.13 -6.21
CA ALA A 42 8.36 16.46 -7.24
C ALA A 42 8.46 17.97 -7.44
N GLY A 43 7.31 18.64 -7.43
CA GLY A 43 7.26 20.09 -7.62
C GLY A 43 7.93 20.82 -6.47
N GLU A 44 7.86 20.23 -5.27
CA GLU A 44 8.46 20.84 -4.09
C GLU A 44 9.81 20.21 -3.82
N GLY A 45 10.81 21.07 -3.64
CA GLY A 45 12.17 20.60 -3.38
C GLY A 45 12.22 19.76 -2.13
N ILE A 46 11.11 19.75 -1.38
CA ILE A 46 11.04 18.96 -0.13
C ILE A 46 9.86 17.98 -0.18
N PRO A 47 10.07 16.74 0.21
CA PRO A 47 8.99 15.72 0.26
C PRO A 47 8.10 15.89 1.49
N ILE A 48 6.91 15.31 1.42
CA ILE A 48 5.97 15.39 2.54
C ILE A 48 6.32 14.35 3.60
N PHE A 49 6.26 14.75 4.86
CA PHE A 49 6.59 13.85 5.96
C PHE A 49 5.74 12.59 5.89
N GLU A 50 6.35 11.45 6.21
CA GLU A 50 5.65 10.17 6.19
C GLU A 50 4.77 10.03 7.43
N ASP A 51 3.65 9.37 7.25
CA ASP A 51 2.71 9.16 8.35
C ASP A 51 2.70 7.69 8.77
N PHE A 52 2.54 7.45 10.07
CA PHE A 52 2.51 6.09 10.61
C PHE A 52 1.09 5.75 11.07
N VAL A 53 0.52 4.71 10.45
CA VAL A 53 -0.83 4.27 10.79
C VAL A 53 -0.84 2.79 11.14
N ASP A 54 -1.57 2.44 12.19
CA ASP A 54 -1.67 1.05 12.61
C ASP A 54 -2.41 0.22 11.57
N SER A 55 -1.95 -1.00 11.36
CA SER A 55 -2.58 -1.89 10.39
C SER A 55 -4.06 -2.10 10.74
N SER A 56 -4.36 -2.00 12.03
CA SER A 56 -5.74 -2.19 12.49
C SER A 56 -6.68 -1.23 11.77
N VAL A 57 -6.17 -0.04 11.45
CA VAL A 57 -6.98 0.97 10.78
C VAL A 57 -7.45 0.43 9.43
N GLY A 58 -6.54 -0.18 8.68
CA GLY A 58 -6.89 -0.74 7.37
C GLY A 58 -7.13 0.37 6.35
N TYR A 59 -6.71 1.58 6.70
CA TYR A 59 -6.88 2.73 5.80
C TYR A 59 -6.17 3.96 6.33
N TYR A 60 -5.86 4.90 5.43
CA TYR A 60 -5.21 6.15 5.84
C TYR A 60 -5.50 7.24 4.83
N THR A 61 -5.42 8.50 5.28
CA THR A 61 -5.68 9.64 4.41
C THR A 61 -4.47 10.55 4.35
N VAL A 62 -4.12 10.98 3.14
CA VAL A 62 -2.98 11.88 2.94
C VAL A 62 -3.39 13.03 2.03
N THR A 63 -3.61 14.20 2.63
CA THR A 63 -4.01 15.38 1.87
C THR A 63 -2.91 16.43 1.90
N GLY A 64 -3.01 17.39 0.97
CA GLY A 64 -2.01 18.46 0.86
C GLY A 64 -1.18 18.32 -0.41
N LEU A 65 -1.54 17.37 -1.26
CA LEU A 65 -0.81 17.17 -2.51
C LEU A 65 -1.30 18.17 -3.55
N GLU A 66 -0.46 19.14 -3.87
CA GLU A 66 -0.84 20.17 -4.82
C GLU A 66 -1.23 19.57 -6.17
N PRO A 67 -2.30 20.06 -6.79
CA PRO A 67 -2.76 19.57 -8.12
C PRO A 67 -1.86 20.07 -9.24
N GLY A 68 -1.80 19.28 -10.31
CA GLY A 68 -0.99 19.64 -11.45
C GLY A 68 0.49 19.40 -11.19
N ILE A 69 0.80 18.79 -10.04
CA ILE A 69 2.18 18.49 -9.65
C ILE A 69 2.36 16.99 -9.54
N ASP A 70 3.55 16.55 -9.93
CA ASP A 70 3.89 15.14 -9.89
C ASP A 70 4.37 14.74 -8.50
N TYR A 71 3.57 13.92 -7.83
CA TYR A 71 3.91 13.46 -6.49
C TYR A 71 4.31 12.00 -6.52
N ASP A 72 5.53 11.73 -6.09
CA ASP A 72 6.06 10.38 -6.05
C ASP A 72 5.70 9.73 -4.71
N ILE A 73 4.95 8.63 -4.78
CA ILE A 73 4.49 7.92 -3.58
C ILE A 73 5.01 6.50 -3.58
N SER A 74 4.91 5.85 -2.44
CA SER A 74 5.35 4.47 -2.31
C SER A 74 4.63 3.78 -1.16
N VAL A 75 4.00 2.64 -1.45
CA VAL A 75 3.28 1.89 -0.41
C VAL A 75 4.13 0.70 0.02
N ILE A 76 4.80 0.84 1.16
CA ILE A 76 5.65 -0.23 1.68
C ILE A 76 4.84 -1.18 2.55
N THR A 77 4.91 -2.47 2.23
CA THR A 77 4.19 -3.49 3.00
C THR A 77 5.17 -4.29 3.84
N LEU A 78 5.10 -4.10 5.15
CA LEU A 78 5.99 -4.81 6.08
C LEU A 78 5.18 -5.69 7.02
N ILE A 79 5.51 -6.97 7.04
CA ILE A 79 4.82 -7.93 7.91
C ILE A 79 5.79 -9.00 8.40
N ASN A 80 5.60 -9.46 9.63
CA ASN A 80 6.48 -10.48 10.20
C ASN A 80 6.39 -11.77 9.40
N GLY A 81 5.19 -12.34 9.30
CA GLY A 81 4.98 -13.57 8.55
C GLY A 81 5.59 -14.75 9.29
N GLY A 82 5.88 -15.82 8.55
CA GLY A 82 6.47 -17.02 9.13
C GLY A 82 7.99 -16.94 9.11
N GLU A 83 8.60 -16.88 10.28
CA GLU A 83 10.06 -16.80 10.38
C GLU A 83 10.65 -18.19 10.42
N SER A 84 11.78 -18.37 9.73
CA SER A 84 12.46 -19.67 9.70
C SER A 84 13.57 -19.71 10.74
N ALA A 85 13.45 -20.65 11.68
CA ALA A 85 14.44 -20.81 12.74
C ALA A 85 15.31 -22.05 12.47
N PRO A 86 14.70 -23.13 12.06
CA PRO A 86 15.43 -24.40 11.77
C PRO A 86 16.46 -24.25 10.65
N THR A 87 16.78 -23.00 10.31
CA THR A 87 17.75 -22.71 9.26
C THR A 87 18.99 -22.05 9.85
N THR A 88 20.16 -22.60 9.54
CA THR A 88 21.43 -22.07 10.04
C THR A 88 22.41 -21.88 8.88
N LEU A 89 22.86 -20.64 8.70
CA LEU A 89 23.81 -20.32 7.64
C LEU A 89 25.20 -20.15 8.20
N THR A 90 26.17 -20.78 7.55
CA THR A 90 27.56 -20.70 8.00
C THR A 90 28.19 -19.41 7.50
N GLN A 91 29.34 -19.06 8.08
CA GLN A 91 30.05 -17.85 7.71
C GLN A 91 30.78 -18.05 6.37
N GLN A 92 30.58 -17.12 5.45
CA GLN A 92 31.23 -17.20 4.15
C GLN A 92 30.95 -18.56 3.50
N THR A 93 31.33 -18.69 2.24
CA THR A 93 31.12 -19.94 1.51
C THR A 93 32.00 -21.05 2.09
N SER B 1 -17.00 -1.49 -14.95
CA SER B 1 -16.50 -0.13 -15.30
C SER B 1 -15.01 -0.05 -15.01
N SER B 2 -14.30 0.78 -15.77
CA SER B 2 -12.87 0.94 -15.57
C SER B 2 -12.59 1.82 -14.35
N SER B 3 -11.41 1.63 -13.74
CA SER B 3 -11.03 2.39 -12.55
C SER B 3 -9.78 3.24 -12.84
N PRO B 4 -9.64 4.34 -12.15
CA PRO B 4 -8.47 5.26 -12.35
C PRO B 4 -7.16 4.60 -11.90
N ILE B 5 -7.23 3.31 -11.55
CA ILE B 5 -6.05 2.57 -11.11
C ILE B 5 -6.08 1.14 -11.63
N GLN B 6 -4.91 0.65 -12.00
CA GLN B 6 -4.81 -0.72 -12.49
C GLN B 6 -3.35 -1.09 -12.74
N GLY B 7 -2.61 -1.35 -11.66
CA GLY B 7 -1.20 -1.73 -11.77
C GLY B 7 -1.01 -3.18 -11.37
N SER B 8 0.08 -3.45 -10.65
CA SER B 8 0.38 -4.81 -10.22
C SER B 8 1.44 -4.80 -9.12
N TRP B 9 1.67 -5.97 -8.53
CA TRP B 9 2.65 -6.09 -7.45
C TRP B 9 4.04 -6.37 -8.05
N THR B 10 5.05 -5.66 -7.55
CA THR B 10 6.42 -5.84 -8.04
C THR B 10 7.29 -6.51 -6.98
N TRP B 11 8.02 -7.54 -7.37
CA TRP B 11 8.90 -8.26 -6.46
C TRP B 11 10.31 -7.67 -6.49
N GLU B 12 10.75 -7.10 -5.37
CA GLU B 12 12.08 -6.53 -5.29
C GLU B 12 12.48 -6.26 -3.85
N ASN B 13 13.74 -5.92 -3.63
CA ASN B 13 14.19 -5.58 -2.30
C ASN B 13 13.75 -6.62 -1.27
N GLY B 14 13.69 -7.88 -1.69
CA GLY B 14 13.28 -8.95 -0.79
C GLY B 14 11.92 -8.66 -0.14
N LYS B 15 11.23 -7.65 -0.66
CA LYS B 15 9.92 -7.28 -0.13
C LYS B 15 8.99 -6.84 -1.26
N TRP B 16 7.69 -7.06 -1.07
CA TRP B 16 6.70 -6.68 -2.08
C TRP B 16 6.28 -5.22 -1.86
N THR B 17 6.37 -4.42 -2.93
CA THR B 17 6.00 -3.01 -2.85
C THR B 17 5.18 -2.61 -4.07
N TRP B 18 4.22 -1.71 -3.86
CA TRP B 18 3.36 -1.24 -4.96
C TRP B 18 3.82 0.14 -5.39
N LYS B 19 4.18 0.27 -6.67
CA LYS B 19 4.65 1.55 -7.21
C LYS B 19 4.03 1.80 -8.59
N GLY B 20 4.12 3.04 -9.03
CA GLY B 20 3.57 3.42 -10.32
C GLY B 20 3.88 4.87 -10.66
N ILE B 21 3.14 5.42 -11.62
CA ILE B 21 3.39 6.81 -12.03
C ILE B 21 3.23 7.76 -10.85
N ILE B 22 1.99 8.09 -10.52
CA ILE B 22 1.70 9.00 -9.43
C ILE B 22 0.28 8.79 -8.93
N ARG B 23 -0.24 9.77 -8.20
CA ARG B 23 -1.60 9.71 -7.68
C ARG B 23 -2.56 9.21 -8.75
N LEU B 24 -3.80 8.99 -8.36
CA LEU B 24 -4.81 8.50 -9.28
C LEU B 24 -4.99 9.48 -10.45
N GLU B 25 -5.12 8.91 -11.64
CA GLU B 25 -5.29 9.70 -12.85
C GLU B 25 -6.70 9.52 -13.42
N GLN B 26 -7.19 10.56 -14.07
CA GLN B 26 -8.52 10.51 -14.67
C GLN B 26 -8.54 9.55 -15.86
N GLY A 1 -0.31 -30.71 5.53
CA GLY A 1 -0.92 -30.18 4.28
C GLY A 1 -1.84 -29.02 4.60
N SER A 2 -1.30 -28.00 5.27
CA SER A 2 -2.08 -26.83 5.64
C SER A 2 -2.09 -25.81 4.50
N GLU A 3 -3.19 -25.74 3.78
CA GLU A 3 -3.32 -24.81 2.65
C GLU A 3 -4.56 -23.94 2.83
N VAL A 4 -4.36 -22.63 2.85
CA VAL A 4 -5.48 -21.69 3.01
C VAL A 4 -5.23 -20.41 2.21
N PRO A 5 -6.28 -19.79 1.72
CA PRO A 5 -6.16 -18.53 0.92
C PRO A 5 -5.67 -17.36 1.77
N GLN A 6 -4.86 -16.48 1.16
CA GLN A 6 -4.34 -15.33 1.87
C GLN A 6 -3.70 -14.35 0.89
N LEU A 7 -4.50 -13.77 0.01
CA LEU A 7 -4.00 -12.82 -0.98
C LEU A 7 -4.58 -11.44 -0.72
N THR A 8 -3.69 -10.46 -0.60
CA THR A 8 -4.12 -9.08 -0.35
C THR A 8 -4.21 -8.29 -1.64
N ASP A 9 -5.33 -7.61 -1.84
CA ASP A 9 -5.55 -6.81 -3.04
C ASP A 9 -5.67 -5.33 -2.69
N LEU A 10 -4.58 -4.60 -2.91
CA LEU A 10 -4.58 -3.17 -2.62
C LEU A 10 -5.47 -2.42 -3.59
N SER A 11 -6.27 -1.50 -3.05
CA SER A 11 -7.18 -0.71 -3.89
C SER A 11 -7.27 0.71 -3.35
N PHE A 12 -7.74 1.63 -4.20
CA PHE A 12 -7.88 3.03 -3.83
C PHE A 12 -9.35 3.41 -3.70
N VAL A 13 -9.64 4.34 -2.78
CA VAL A 13 -11.01 4.79 -2.56
C VAL A 13 -11.02 6.28 -2.24
N ASP A 14 -12.13 6.93 -2.56
CA ASP A 14 -12.27 8.35 -2.29
C ASP A 14 -11.20 9.15 -3.05
N ILE A 15 -10.85 8.67 -4.25
CA ILE A 15 -9.85 9.33 -5.06
C ILE A 15 -10.27 10.78 -5.32
N THR A 16 -9.32 11.71 -5.16
CA THR A 16 -9.60 13.13 -5.39
C THR A 16 -8.47 13.78 -6.17
N ASP A 17 -8.49 15.10 -6.25
CA ASP A 17 -7.44 15.84 -6.97
C ASP A 17 -6.16 15.89 -6.16
N SER A 18 -6.26 16.30 -4.89
CA SER A 18 -5.10 16.40 -4.01
C SER A 18 -5.27 15.53 -2.77
N SER A 19 -6.23 14.61 -2.83
CA SER A 19 -6.50 13.71 -1.70
C SER A 19 -6.94 12.35 -2.19
N ILE A 20 -6.26 11.32 -1.70
CA ILE A 20 -6.56 9.93 -2.08
C ILE A 20 -6.74 9.07 -0.83
N GLY A 21 -7.70 8.16 -0.87
CA GLY A 21 -7.98 7.30 0.27
C GLY A 21 -7.40 5.90 0.06
N LEU A 22 -6.15 5.70 0.48
CA LEU A 22 -5.51 4.41 0.33
C LEU A 22 -6.26 3.35 1.12
N ARG A 23 -6.23 2.13 0.62
CA ARG A 23 -6.91 1.02 1.28
C ARG A 23 -6.31 -0.31 0.87
N TRP A 24 -6.11 -1.19 1.85
CA TRP A 24 -5.54 -2.51 1.61
C TRP A 24 -6.26 -3.54 2.44
N THR A 25 -6.15 -4.81 2.03
CA THR A 25 -6.82 -5.90 2.75
C THR A 25 -5.80 -6.76 3.51
N PRO A 26 -5.64 -6.56 4.80
CA PRO A 26 -4.70 -7.36 5.62
C PRO A 26 -4.96 -8.87 5.54
N LEU A 27 -3.91 -9.65 5.75
CA LEU A 27 -4.00 -11.12 5.71
C LEU A 27 -3.82 -11.71 7.10
N ASN A 28 -4.67 -12.66 7.41
CA ASN A 28 -4.62 -13.32 8.69
C ASN A 28 -3.19 -13.69 9.05
N SER A 29 -2.37 -13.94 8.04
CA SER A 29 -0.97 -14.28 8.25
C SER A 29 -0.11 -13.03 8.26
N SER A 30 -0.60 -11.96 7.63
CA SER A 30 0.15 -10.70 7.58
C SER A 30 0.28 -10.12 8.99
N THR A 31 1.51 -9.95 9.44
CA THR A 31 1.78 -9.40 10.75
C THR A 31 1.11 -8.04 10.87
N ILE A 32 0.54 -7.76 12.05
CA ILE A 32 -0.17 -6.49 12.27
C ILE A 32 0.75 -5.45 12.90
N ILE A 33 1.28 -4.56 12.06
CA ILE A 33 2.16 -3.49 12.53
C ILE A 33 1.86 -2.20 11.80
N GLY A 34 2.20 -1.07 12.42
CA GLY A 34 1.96 0.23 11.81
C GLY A 34 2.96 0.49 10.69
N TYR A 35 2.55 0.23 9.47
CA TYR A 35 3.41 0.44 8.31
C TYR A 35 3.45 1.93 7.95
N ARG A 36 4.65 2.49 7.85
CA ARG A 36 4.79 3.90 7.52
C ARG A 36 4.59 4.14 6.02
N ILE A 37 3.78 5.14 5.70
CA ILE A 37 3.52 5.49 4.30
C ILE A 37 4.40 6.67 3.91
N THR A 38 5.23 6.48 2.89
CA THR A 38 6.14 7.52 2.44
C THR A 38 5.57 8.24 1.22
N VAL A 39 5.67 9.58 1.23
CA VAL A 39 5.18 10.39 0.11
C VAL A 39 6.22 11.44 -0.28
N VAL A 40 6.39 11.66 -1.59
CA VAL A 40 7.36 12.64 -2.07
C VAL A 40 6.71 13.55 -3.09
N ALA A 41 6.90 14.85 -2.93
CA ALA A 41 6.33 15.81 -3.86
C ALA A 41 7.41 16.23 -4.86
N ALA A 42 7.05 16.25 -6.14
CA ALA A 42 8.02 16.63 -7.18
C ALA A 42 7.91 18.12 -7.50
N GLY A 43 6.83 18.75 -7.05
CA GLY A 43 6.61 20.17 -7.31
C GLY A 43 7.01 21.03 -6.10
N GLU A 44 7.87 20.47 -5.26
CA GLU A 44 8.32 21.18 -4.06
C GLU A 44 9.78 20.85 -3.78
N GLY A 45 10.48 21.81 -3.18
CA GLY A 45 11.88 21.63 -2.85
C GLY A 45 12.05 20.59 -1.75
N ILE A 46 10.97 20.32 -1.00
CA ILE A 46 11.02 19.34 0.08
C ILE A 46 9.79 18.40 0.02
N PRO A 47 9.99 17.12 0.26
CA PRO A 47 8.86 16.13 0.27
C PRO A 47 8.00 16.27 1.52
N ILE A 48 6.81 15.67 1.47
CA ILE A 48 5.90 15.72 2.60
C ILE A 48 6.31 14.72 3.67
N PHE A 49 5.91 14.99 4.91
CA PHE A 49 6.25 14.11 6.02
C PHE A 49 5.44 12.81 5.93
N GLU A 50 6.09 11.71 6.28
CA GLU A 50 5.42 10.41 6.25
C GLU A 50 4.51 10.24 7.44
N ASP A 51 3.39 9.58 7.22
CA ASP A 51 2.43 9.34 8.30
C ASP A 51 2.51 7.89 8.77
N PHE A 52 2.22 7.69 10.06
CA PHE A 52 2.26 6.35 10.66
C PHE A 52 0.86 5.95 11.11
N VAL A 53 0.34 4.86 10.56
CA VAL A 53 -1.00 4.37 10.91
C VAL A 53 -0.95 2.88 11.25
N ASP A 54 -1.75 2.48 12.23
CA ASP A 54 -1.81 1.07 12.62
C ASP A 54 -2.37 0.21 11.50
N SER A 55 -1.88 -1.02 11.40
CA SER A 55 -2.35 -1.94 10.36
C SER A 55 -3.82 -2.30 10.59
N SER A 56 -4.23 -2.34 11.85
CA SER A 56 -5.61 -2.69 12.19
C SER A 56 -6.58 -1.79 11.45
N VAL A 57 -6.21 -0.53 11.26
CA VAL A 57 -7.07 0.41 10.56
C VAL A 57 -7.36 -0.08 9.15
N GLY A 58 -6.32 -0.56 8.47
CA GLY A 58 -6.50 -1.06 7.11
C GLY A 58 -6.90 0.07 6.17
N TYR A 59 -6.56 1.30 6.55
CA TYR A 59 -6.90 2.46 5.74
C TYR A 59 -6.22 3.73 6.25
N TYR A 60 -6.01 4.68 5.35
CA TYR A 60 -5.39 5.94 5.72
C TYR A 60 -5.73 7.02 4.69
N THR A 61 -5.56 8.28 5.10
CA THR A 61 -5.85 9.41 4.21
C THR A 61 -4.64 10.33 4.13
N VAL A 62 -4.30 10.75 2.92
CA VAL A 62 -3.18 11.65 2.70
C VAL A 62 -3.60 12.78 1.75
N THR A 63 -3.90 13.95 2.31
CA THR A 63 -4.32 15.10 1.50
C THR A 63 -3.30 16.22 1.59
N GLY A 64 -3.40 17.16 0.67
CA GLY A 64 -2.48 18.29 0.64
C GLY A 64 -1.50 18.16 -0.51
N LEU A 65 -1.88 17.42 -1.55
CA LEU A 65 -1.00 17.24 -2.71
C LEU A 65 -1.40 18.23 -3.81
N GLU A 66 -0.60 19.26 -3.99
CA GLU A 66 -0.89 20.28 -4.99
C GLU A 66 -1.32 19.66 -6.33
N PRO A 67 -2.34 20.20 -6.98
CA PRO A 67 -2.80 19.69 -8.30
C PRO A 67 -1.85 20.09 -9.42
N GLY A 68 -1.88 19.33 -10.50
CA GLY A 68 -1.03 19.63 -11.63
C GLY A 68 0.44 19.31 -11.34
N ILE A 69 0.72 18.94 -10.09
CA ILE A 69 2.08 18.61 -9.67
C ILE A 69 2.23 17.10 -9.55
N ASP A 70 3.41 16.63 -9.90
CA ASP A 70 3.71 15.21 -9.84
C ASP A 70 4.16 14.82 -8.43
N TYR A 71 3.40 13.92 -7.81
CA TYR A 71 3.70 13.46 -6.46
C TYR A 71 4.18 12.01 -6.47
N ASP A 72 5.39 11.80 -6.00
CA ASP A 72 5.98 10.47 -5.95
C ASP A 72 5.64 9.81 -4.62
N ILE A 73 4.89 8.71 -4.68
CA ILE A 73 4.49 7.99 -3.47
C ILE A 73 5.15 6.61 -3.43
N SER A 74 5.12 6.00 -2.26
CA SER A 74 5.70 4.67 -2.09
C SER A 74 5.02 3.93 -0.95
N VAL A 75 4.44 2.77 -1.25
CA VAL A 75 3.78 1.97 -0.22
C VAL A 75 4.74 0.90 0.30
N ILE A 76 5.35 1.18 1.46
CA ILE A 76 6.28 0.22 2.06
C ILE A 76 5.53 -0.75 2.96
N THR A 77 5.55 -2.02 2.58
CA THR A 77 4.86 -3.05 3.37
C THR A 77 5.85 -3.79 4.25
N LEU A 78 5.66 -3.67 5.56
CA LEU A 78 6.53 -4.33 6.53
C LEU A 78 5.75 -5.29 7.41
N ILE A 79 5.98 -6.58 7.22
CA ILE A 79 5.30 -7.60 8.02
C ILE A 79 6.25 -8.75 8.34
N ASN A 80 6.19 -9.23 9.58
CA ASN A 80 7.06 -10.32 10.01
C ASN A 80 6.73 -11.61 9.26
N GLY A 81 5.45 -11.97 9.25
CA GLY A 81 5.00 -13.18 8.56
C GLY A 81 5.19 -14.40 9.44
N GLY A 82 5.17 -15.57 8.81
CA GLY A 82 5.32 -16.82 9.55
C GLY A 82 6.80 -17.09 9.83
N GLU A 83 7.05 -18.15 10.59
CA GLU A 83 8.43 -18.52 10.94
C GLU A 83 9.17 -19.02 9.71
N SER A 84 10.48 -18.81 9.69
CA SER A 84 11.30 -19.25 8.57
C SER A 84 10.99 -20.71 8.24
N ALA A 85 10.34 -20.93 7.10
CA ALA A 85 10.00 -22.28 6.67
C ALA A 85 9.41 -22.26 5.26
N PRO A 86 10.11 -21.66 4.33
CA PRO A 86 9.65 -21.58 2.91
C PRO A 86 9.64 -22.95 2.23
N THR A 87 8.85 -23.07 1.17
CA THR A 87 8.74 -24.33 0.43
C THR A 87 8.69 -24.06 -1.07
N THR A 88 9.05 -25.06 -1.86
CA THR A 88 9.05 -24.92 -3.32
C THR A 88 8.04 -25.88 -3.94
N LEU A 89 7.18 -25.36 -4.79
CA LEU A 89 6.16 -26.17 -5.44
C LEU A 89 6.79 -27.00 -6.56
N THR A 90 6.12 -28.10 -6.91
CA THR A 90 6.63 -28.98 -7.95
C THR A 90 6.63 -28.25 -9.30
N GLN A 91 7.35 -28.81 -10.26
CA GLN A 91 7.44 -28.20 -11.59
C GLN A 91 6.19 -28.53 -12.40
N GLN A 92 5.45 -27.50 -12.79
CA GLN A 92 4.23 -27.69 -13.57
C GLN A 92 3.26 -28.61 -12.84
N THR A 93 2.10 -28.08 -12.49
CA THR A 93 1.10 -28.87 -11.79
C THR A 93 0.52 -29.94 -12.70
N SER B 1 -18.24 -1.40 -9.37
CA SER B 1 -17.80 -0.03 -9.01
C SER B 1 -16.86 0.50 -10.07
N SER B 2 -16.87 1.82 -10.27
CA SER B 2 -16.01 2.43 -11.27
C SER B 2 -14.55 2.33 -10.84
N SER B 3 -13.65 2.19 -11.82
CA SER B 3 -12.22 2.13 -11.53
C SER B 3 -11.46 3.09 -12.45
N PRO B 4 -11.06 4.25 -11.97
CA PRO B 4 -10.26 5.23 -12.78
C PRO B 4 -8.96 4.63 -13.31
N ILE B 5 -8.11 4.18 -12.39
CA ILE B 5 -6.83 3.59 -12.75
C ILE B 5 -6.42 2.55 -11.72
N GLN B 6 -5.77 1.49 -12.18
CA GLN B 6 -5.30 0.44 -11.28
C GLN B 6 -3.89 -0.01 -11.70
N GLY B 7 -3.04 -0.25 -10.71
CA GLY B 7 -1.66 -0.67 -10.98
C GLY B 7 -1.51 -2.17 -10.79
N SER B 8 -0.42 -2.57 -10.14
CA SER B 8 -0.17 -3.99 -9.89
C SER B 8 0.93 -4.17 -8.85
N TRP B 9 1.10 -5.41 -8.38
CA TRP B 9 2.13 -5.70 -7.39
C TRP B 9 3.47 -5.97 -8.07
N THR B 10 4.56 -5.65 -7.38
CA THR B 10 5.90 -5.88 -7.93
C THR B 10 6.77 -6.62 -6.93
N TRP B 11 7.38 -7.71 -7.37
CA TRP B 11 8.24 -8.52 -6.49
C TRP B 11 9.69 -8.03 -6.58
N GLU B 12 10.17 -7.43 -5.50
CA GLU B 12 11.55 -6.95 -5.46
C GLU B 12 12.01 -6.73 -4.03
N ASN B 13 13.30 -6.55 -3.85
CA ASN B 13 13.84 -6.26 -2.54
C ASN B 13 13.32 -7.27 -1.51
N GLY B 14 13.14 -8.51 -1.93
CA GLY B 14 12.65 -9.55 -1.03
C GLY B 14 11.38 -9.11 -0.30
N LYS B 15 10.73 -8.08 -0.84
CA LYS B 15 9.49 -7.56 -0.26
C LYS B 15 8.51 -7.13 -1.35
N TRP B 16 7.22 -7.25 -1.04
CA TRP B 16 6.19 -6.86 -2.00
C TRP B 16 5.85 -5.38 -1.81
N THR B 17 6.12 -4.58 -2.84
CA THR B 17 5.85 -3.15 -2.77
C THR B 17 4.96 -2.71 -3.92
N TRP B 18 4.03 -1.81 -3.61
CA TRP B 18 3.10 -1.28 -4.62
C TRP B 18 3.56 0.11 -5.04
N LYS B 19 4.12 0.20 -6.24
CA LYS B 19 4.63 1.48 -6.77
C LYS B 19 4.13 1.69 -8.19
N GLY B 20 4.30 2.91 -8.68
CA GLY B 20 3.87 3.24 -10.03
C GLY B 20 4.21 4.69 -10.37
N ILE B 21 3.57 5.21 -11.41
CA ILE B 21 3.85 6.58 -11.83
C ILE B 21 3.63 7.55 -10.68
N ILE B 22 2.38 7.79 -10.33
CA ILE B 22 2.03 8.71 -9.26
C ILE B 22 0.61 8.44 -8.78
N ARG B 23 0.06 9.40 -8.03
CA ARG B 23 -1.30 9.29 -7.52
C ARG B 23 -2.24 8.73 -8.60
N LEU B 24 -3.47 8.47 -8.21
CA LEU B 24 -4.44 7.93 -9.15
C LEU B 24 -4.75 8.92 -10.24
N GLU B 25 -4.30 8.60 -11.46
CA GLU B 25 -4.52 9.45 -12.62
C GLU B 25 -5.71 8.96 -13.43
N GLN B 26 -6.38 9.87 -14.11
CA GLN B 26 -7.53 9.51 -14.92
C GLN B 26 -7.19 8.35 -15.85
N GLY A 1 -9.82 -27.70 8.10
CA GLY A 1 -10.09 -26.54 7.19
C GLY A 1 -8.92 -26.37 6.24
N SER A 2 -7.73 -26.20 6.79
CA SER A 2 -6.53 -26.02 5.98
C SER A 2 -6.77 -24.99 4.88
N GLU A 3 -7.46 -23.91 5.23
CA GLU A 3 -7.76 -22.85 4.27
C GLU A 3 -6.49 -22.40 3.56
N VAL A 4 -6.59 -22.15 2.26
CA VAL A 4 -5.43 -21.71 1.49
C VAL A 4 -5.21 -20.20 1.66
N PRO A 5 -3.98 -19.76 1.60
CA PRO A 5 -3.64 -18.31 1.73
C PRO A 5 -4.13 -17.50 0.52
N GLN A 6 -5.10 -16.62 0.75
CA GLN A 6 -5.63 -15.78 -0.32
C GLN A 6 -4.94 -14.43 -0.33
N LEU A 7 -4.36 -14.07 -1.47
CA LEU A 7 -3.66 -12.79 -1.61
C LEU A 7 -4.56 -11.76 -2.27
N THR A 8 -4.92 -10.73 -1.51
CA THR A 8 -5.78 -9.67 -2.03
C THR A 8 -4.96 -8.64 -2.79
N ASP A 9 -5.63 -7.82 -3.58
CA ASP A 9 -4.96 -6.78 -4.36
C ASP A 9 -5.25 -5.40 -3.79
N LEU A 10 -4.27 -4.53 -3.86
CA LEU A 10 -4.44 -3.18 -3.34
C LEU A 10 -5.46 -2.41 -4.18
N SER A 11 -6.23 -1.56 -3.52
CA SER A 11 -7.25 -0.76 -4.21
C SER A 11 -7.32 0.65 -3.64
N PHE A 12 -7.79 1.59 -4.43
CA PHE A 12 -7.91 2.99 -4.00
C PHE A 12 -9.37 3.39 -3.89
N VAL A 13 -9.65 4.37 -3.03
CA VAL A 13 -11.01 4.84 -2.83
C VAL A 13 -11.02 6.33 -2.49
N ASP A 14 -12.10 7.01 -2.84
CA ASP A 14 -12.21 8.43 -2.58
C ASP A 14 -11.13 9.22 -3.32
N ILE A 15 -10.81 8.77 -4.54
CA ILE A 15 -9.79 9.44 -5.35
C ILE A 15 -10.16 10.91 -5.54
N THR A 16 -9.19 11.79 -5.33
CA THR A 16 -9.41 13.22 -5.48
C THR A 16 -8.25 13.86 -6.24
N ASP A 17 -8.25 15.19 -6.28
CA ASP A 17 -7.18 15.92 -6.97
C ASP A 17 -5.91 15.93 -6.14
N SER A 18 -6.03 16.29 -4.86
CA SER A 18 -4.88 16.34 -3.96
C SER A 18 -5.10 15.44 -2.75
N SER A 19 -6.05 14.52 -2.86
CA SER A 19 -6.35 13.60 -1.76
C SER A 19 -6.76 12.23 -2.30
N ILE A 20 -6.14 11.18 -1.78
CA ILE A 20 -6.45 9.82 -2.21
C ILE A 20 -6.64 8.93 -1.00
N GLY A 21 -7.59 8.00 -1.08
CA GLY A 21 -7.87 7.09 0.03
C GLY A 21 -7.24 5.72 -0.20
N LEU A 22 -5.98 5.58 0.18
CA LEU A 22 -5.28 4.31 -0.01
C LEU A 22 -5.85 3.27 0.95
N ARG A 23 -6.41 2.19 0.40
CA ARG A 23 -6.99 1.13 1.20
C ARG A 23 -6.72 -0.24 0.58
N TRP A 24 -6.28 -1.18 1.40
CA TRP A 24 -6.00 -2.53 0.91
C TRP A 24 -6.27 -3.53 2.01
N THR A 25 -6.97 -4.60 1.67
CA THR A 25 -7.31 -5.62 2.66
C THR A 25 -6.06 -6.37 3.13
N PRO A 26 -5.69 -6.26 4.39
CA PRO A 26 -4.52 -6.98 4.94
C PRO A 26 -4.56 -8.50 4.67
N LEU A 27 -3.39 -9.13 4.64
CA LEU A 27 -3.30 -10.57 4.39
C LEU A 27 -3.26 -11.34 5.70
N ASN A 28 -4.08 -12.37 5.77
CA ASN A 28 -4.14 -13.19 6.97
C ASN A 28 -2.75 -13.48 7.50
N SER A 29 -1.79 -13.57 6.58
CA SER A 29 -0.40 -13.84 6.96
C SER A 29 0.33 -12.53 7.27
N SER A 30 -0.08 -11.45 6.60
CA SER A 30 0.55 -10.14 6.81
C SER A 30 0.63 -9.83 8.31
N THR A 31 1.84 -9.83 8.83
CA THR A 31 2.05 -9.55 10.25
C THR A 31 1.33 -8.26 10.62
N ILE A 32 0.87 -8.18 11.86
CA ILE A 32 0.13 -7.00 12.33
C ILE A 32 1.06 -6.00 12.98
N ILE A 33 1.57 -5.08 12.16
CA ILE A 33 2.47 -4.04 12.64
C ILE A 33 2.29 -2.76 11.84
N GLY A 34 2.05 -1.66 12.54
CA GLY A 34 1.86 -0.38 11.87
C GLY A 34 2.94 -0.14 10.83
N TYR A 35 2.50 0.14 9.61
CA TYR A 35 3.42 0.39 8.50
C TYR A 35 3.64 1.88 8.34
N ARG A 36 4.54 2.25 7.44
CA ARG A 36 4.85 3.66 7.19
C ARG A 36 4.71 3.99 5.71
N ILE A 37 3.86 4.97 5.42
CA ILE A 37 3.62 5.39 4.04
C ILE A 37 4.54 6.56 3.70
N THR A 38 5.38 6.36 2.69
CA THR A 38 6.31 7.40 2.27
C THR A 38 5.74 8.18 1.11
N VAL A 39 5.74 9.51 1.24
CA VAL A 39 5.21 10.39 0.20
C VAL A 39 6.28 11.37 -0.24
N VAL A 40 6.44 11.54 -1.55
CA VAL A 40 7.44 12.46 -2.08
C VAL A 40 6.80 13.40 -3.10
N ALA A 41 7.01 14.70 -2.92
CA ALA A 41 6.47 15.69 -3.83
C ALA A 41 7.55 16.08 -4.83
N ALA A 42 7.21 16.04 -6.11
CA ALA A 42 8.16 16.38 -7.15
C ALA A 42 8.12 17.89 -7.45
N GLY A 43 6.99 18.53 -7.15
CA GLY A 43 6.83 19.96 -7.39
C GLY A 43 7.35 20.78 -6.23
N GLU A 44 8.21 20.17 -5.42
CA GLU A 44 8.78 20.85 -4.25
C GLU A 44 10.22 20.41 -4.02
N GLY A 45 11.02 21.30 -3.47
CA GLY A 45 12.42 21.02 -3.20
C GLY A 45 12.55 20.00 -2.09
N ILE A 46 11.49 19.86 -1.29
CA ILE A 46 11.49 18.91 -0.18
C ILE A 46 10.21 18.06 -0.19
N PRO A 47 10.32 16.78 0.07
CA PRO A 47 9.15 15.86 0.14
C PRO A 47 8.35 16.04 1.43
N ILE A 48 7.14 15.51 1.44
CA ILE A 48 6.28 15.60 2.62
C ILE A 48 6.69 14.57 3.66
N PHE A 49 6.28 14.79 4.90
CA PHE A 49 6.61 13.86 5.98
C PHE A 49 5.78 12.59 5.88
N GLU A 50 6.39 11.46 6.20
CA GLU A 50 5.69 10.17 6.15
C GLU A 50 4.81 10.02 7.36
N ASP A 51 3.63 9.43 7.17
CA ASP A 51 2.70 9.23 8.27
C ASP A 51 2.77 7.79 8.77
N PHE A 52 2.47 7.61 10.05
CA PHE A 52 2.50 6.28 10.66
C PHE A 52 1.10 5.86 11.10
N VAL A 53 0.64 4.73 10.57
CA VAL A 53 -0.70 4.21 10.90
C VAL A 53 -0.62 2.73 11.25
N ASP A 54 -1.42 2.33 12.23
CA ASP A 54 -1.45 0.94 12.66
C ASP A 54 -1.94 0.04 11.53
N SER A 55 -1.47 -1.20 11.51
CA SER A 55 -1.87 -2.16 10.47
C SER A 55 -3.36 -2.47 10.58
N SER A 56 -3.87 -2.51 11.80
CA SER A 56 -5.27 -2.82 12.02
C SER A 56 -6.16 -1.93 11.14
N VAL A 57 -5.74 -0.69 10.97
CA VAL A 57 -6.51 0.25 10.15
C VAL A 57 -6.52 -0.23 8.69
N GLY A 58 -5.38 -0.70 8.20
CA GLY A 58 -5.30 -1.19 6.83
C GLY A 58 -5.36 -0.04 5.83
N TYR A 59 -6.22 0.94 6.12
CA TYR A 59 -6.41 2.11 5.25
C TYR A 59 -5.87 3.36 5.89
N TYR A 60 -5.62 4.38 5.08
CA TYR A 60 -5.11 5.65 5.59
C TYR A 60 -5.48 6.78 4.63
N THR A 61 -5.39 8.02 5.11
CA THR A 61 -5.71 9.19 4.30
C THR A 61 -4.50 10.10 4.17
N VAL A 62 -4.20 10.50 2.94
CA VAL A 62 -3.06 11.40 2.68
C VAL A 62 -3.50 12.51 1.72
N THR A 63 -3.60 13.73 2.24
CA THR A 63 -4.00 14.87 1.42
C THR A 63 -3.02 16.01 1.59
N GLY A 64 -3.13 17.00 0.69
CA GLY A 64 -2.25 18.16 0.74
C GLY A 64 -1.25 18.14 -0.42
N LEU A 65 -1.61 17.45 -1.51
CA LEU A 65 -0.73 17.35 -2.68
C LEU A 65 -1.18 18.34 -3.72
N GLU A 66 -0.41 19.40 -3.88
CA GLU A 66 -0.77 20.45 -4.83
C GLU A 66 -1.14 19.85 -6.21
N PRO A 67 -2.14 20.37 -6.88
CA PRO A 67 -2.57 19.89 -8.24
C PRO A 67 -1.58 20.34 -9.31
N GLY A 68 -1.57 19.60 -10.40
CA GLY A 68 -0.69 19.93 -11.51
C GLY A 68 0.76 19.56 -11.21
N ILE A 69 0.99 19.06 -10.00
CA ILE A 69 2.33 18.67 -9.55
C ILE A 69 2.42 17.15 -9.44
N ASP A 70 3.55 16.63 -9.85
CA ASP A 70 3.80 15.20 -9.80
C ASP A 70 4.21 14.78 -8.39
N TYR A 71 3.44 13.86 -7.81
CA TYR A 71 3.72 13.36 -6.47
C TYR A 71 4.10 11.88 -6.51
N ASP A 72 5.27 11.58 -5.98
CA ASP A 72 5.76 10.21 -5.92
C ASP A 72 5.40 9.62 -4.56
N ILE A 73 4.46 8.67 -4.54
CA ILE A 73 4.05 8.04 -3.30
C ILE A 73 4.17 6.53 -3.37
N SER A 74 5.09 5.95 -2.61
CA SER A 74 5.27 4.51 -2.59
C SER A 74 4.71 3.94 -1.31
N VAL A 75 3.81 2.96 -1.44
CA VAL A 75 3.21 2.35 -0.27
C VAL A 75 4.07 1.17 0.19
N ILE A 76 4.88 1.41 1.23
CA ILE A 76 5.75 0.38 1.76
C ILE A 76 4.97 -0.51 2.74
N THR A 77 5.18 -1.81 2.62
CA THR A 77 4.50 -2.77 3.50
C THR A 77 5.52 -3.47 4.40
N LEU A 78 5.37 -3.27 5.71
CA LEU A 78 6.28 -3.88 6.69
C LEU A 78 5.57 -4.97 7.47
N ILE A 79 5.98 -6.21 7.23
CA ILE A 79 5.39 -7.34 7.93
C ILE A 79 6.45 -8.42 8.14
N ASN A 80 6.38 -9.10 9.28
CA ASN A 80 7.33 -10.16 9.59
C ASN A 80 7.17 -11.35 8.64
N GLY A 81 5.92 -11.80 8.47
CA GLY A 81 5.63 -12.94 7.59
C GLY A 81 5.19 -14.15 8.39
N GLY A 82 3.90 -14.49 8.29
CA GLY A 82 3.37 -15.63 9.01
C GLY A 82 4.03 -16.93 8.53
N GLU A 83 4.93 -17.47 9.36
CA GLU A 83 5.63 -18.71 9.00
C GLU A 83 4.89 -19.90 9.59
N SER A 84 4.63 -20.89 8.73
CA SER A 84 3.92 -22.09 9.17
C SER A 84 4.75 -22.82 10.22
N ALA A 85 4.07 -23.36 11.23
CA ALA A 85 4.76 -24.09 12.30
C ALA A 85 4.21 -25.52 12.42
N PRO A 86 5.02 -26.45 12.85
CA PRO A 86 4.60 -27.87 13.02
C PRO A 86 3.62 -28.04 14.18
N THR A 87 2.91 -29.16 14.18
CA THR A 87 1.94 -29.45 15.22
C THR A 87 2.17 -30.84 15.79
N THR A 88 1.82 -31.01 17.08
CA THR A 88 1.98 -32.30 17.75
C THR A 88 0.77 -32.61 18.62
N LEU A 89 0.75 -33.82 19.15
CA LEU A 89 -0.37 -34.25 19.99
C LEU A 89 -0.25 -33.63 21.38
N THR A 90 -1.39 -33.23 21.94
CA THR A 90 -1.41 -32.63 23.26
C THR A 90 -1.09 -33.67 24.32
N GLN A 91 -0.27 -33.29 25.29
CA GLN A 91 0.11 -34.20 26.36
C GLN A 91 -1.04 -34.36 27.35
N GLN A 92 -1.31 -35.60 27.74
CA GLN A 92 -2.38 -35.89 28.68
C GLN A 92 -2.04 -35.33 30.05
N THR A 93 -3.05 -34.84 30.76
CA THR A 93 -2.85 -34.29 32.09
C THR A 93 -2.43 -35.39 33.06
N SER B 1 -18.69 -1.52 -8.51
CA SER B 1 -18.42 -0.50 -9.56
C SER B 1 -16.96 -0.57 -9.98
N SER B 2 -16.71 -0.30 -11.27
CA SER B 2 -15.36 -0.33 -11.79
C SER B 2 -14.54 0.84 -11.27
N SER B 3 -13.24 0.63 -11.11
CA SER B 3 -12.36 1.68 -10.60
C SER B 3 -11.80 2.52 -11.76
N PRO B 4 -11.49 3.77 -11.52
CA PRO B 4 -10.95 4.69 -12.56
C PRO B 4 -9.55 4.25 -13.04
N ILE B 5 -8.70 3.87 -12.10
CA ILE B 5 -7.35 3.45 -12.41
C ILE B 5 -6.85 2.43 -11.40
N GLN B 6 -6.05 1.47 -11.86
CA GLN B 6 -5.50 0.44 -10.99
C GLN B 6 -4.11 0.05 -11.49
N GLY B 7 -3.21 -0.25 -10.55
CA GLY B 7 -1.85 -0.65 -10.89
C GLY B 7 -1.64 -2.13 -10.68
N SER B 8 -0.56 -2.48 -9.99
CA SER B 8 -0.24 -3.88 -9.72
C SER B 8 0.85 -3.99 -8.65
N TRP B 9 1.08 -5.22 -8.18
CA TRP B 9 2.09 -5.46 -7.17
C TRP B 9 3.46 -5.68 -7.83
N THR B 10 4.53 -5.42 -7.08
CA THR B 10 5.89 -5.61 -7.59
C THR B 10 6.75 -6.36 -6.58
N TRP B 11 7.49 -7.35 -7.06
CA TRP B 11 8.35 -8.15 -6.19
C TRP B 11 9.77 -7.62 -6.23
N GLU B 12 10.23 -7.10 -5.09
CA GLU B 12 11.58 -6.56 -5.00
C GLU B 12 12.01 -6.43 -3.54
N ASN B 13 13.31 -6.29 -3.32
CA ASN B 13 13.83 -6.10 -1.98
C ASN B 13 13.28 -7.16 -1.03
N GLY B 14 13.09 -8.37 -1.54
CA GLY B 14 12.58 -9.46 -0.74
C GLY B 14 11.26 -9.09 -0.07
N LYS B 15 10.61 -8.06 -0.59
CA LYS B 15 9.33 -7.59 -0.05
C LYS B 15 8.41 -7.13 -1.17
N TRP B 16 7.11 -7.27 -0.95
CA TRP B 16 6.13 -6.84 -1.94
C TRP B 16 5.77 -5.38 -1.72
N THR B 17 6.15 -4.53 -2.68
CA THR B 17 5.88 -3.09 -2.59
C THR B 17 5.01 -2.64 -3.74
N TRP B 18 4.00 -1.83 -3.43
CA TRP B 18 3.09 -1.31 -4.44
C TRP B 18 3.54 0.09 -4.88
N LYS B 19 4.14 0.17 -6.06
CA LYS B 19 4.64 1.43 -6.60
C LYS B 19 4.15 1.66 -8.01
N GLY B 20 4.33 2.88 -8.50
CA GLY B 20 3.92 3.20 -9.85
C GLY B 20 4.25 4.65 -10.19
N ILE B 21 3.63 5.16 -11.25
CA ILE B 21 3.92 6.52 -11.69
C ILE B 21 3.69 7.50 -10.54
N ILE B 22 2.42 7.75 -10.22
CA ILE B 22 2.06 8.67 -9.14
C ILE B 22 0.64 8.40 -8.67
N ARG B 23 0.10 9.35 -7.89
CA ARG B 23 -1.26 9.23 -7.38
C ARG B 23 -2.19 8.75 -8.48
N LEU B 24 -3.43 8.45 -8.10
CA LEU B 24 -4.40 7.96 -9.06
C LEU B 24 -4.72 9.03 -10.09
N GLU B 25 -4.20 8.81 -11.30
CA GLU B 25 -4.42 9.73 -12.40
C GLU B 25 -5.68 9.35 -13.17
N GLN B 26 -6.28 10.34 -13.81
CA GLN B 26 -7.50 10.12 -14.59
C GLN B 26 -8.47 9.22 -13.81
N GLY A 1 -18.74 -22.22 6.09
CA GLY A 1 -19.27 -21.19 5.14
C GLY A 1 -19.31 -21.77 3.74
N SER A 2 -19.15 -20.90 2.73
CA SER A 2 -19.17 -21.34 1.34
C SER A 2 -18.07 -20.65 0.55
N GLU A 3 -17.99 -19.32 0.67
CA GLU A 3 -16.96 -18.56 -0.04
C GLU A 3 -16.23 -17.63 0.92
N VAL A 4 -14.92 -17.83 1.04
CA VAL A 4 -14.10 -17.03 1.93
C VAL A 4 -12.70 -16.82 1.33
N PRO A 5 -12.55 -15.83 0.49
CA PRO A 5 -11.24 -15.53 -0.16
C PRO A 5 -10.14 -15.29 0.87
N GLN A 6 -8.95 -15.82 0.58
CA GLN A 6 -7.81 -15.66 1.50
C GLN A 6 -6.83 -14.64 0.94
N LEU A 7 -6.90 -14.40 -0.37
CA LEU A 7 -6.00 -13.45 -1.02
C LEU A 7 -6.77 -12.19 -1.40
N THR A 8 -6.45 -11.08 -0.73
CA THR A 8 -7.12 -9.81 -1.00
C THR A 8 -6.26 -8.96 -1.94
N ASP A 9 -6.82 -7.84 -2.38
CA ASP A 9 -6.10 -6.94 -3.28
C ASP A 9 -6.31 -5.49 -2.87
N LEU A 10 -5.26 -4.69 -3.00
CA LEU A 10 -5.33 -3.29 -2.63
C LEU A 10 -6.34 -2.57 -3.52
N SER A 11 -7.08 -1.63 -2.92
CA SER A 11 -8.08 -0.87 -3.67
C SER A 11 -8.06 0.60 -3.25
N PHE A 12 -8.51 1.47 -4.15
CA PHE A 12 -8.55 2.91 -3.88
C PHE A 12 -9.98 3.39 -3.75
N VAL A 13 -10.20 4.36 -2.85
CA VAL A 13 -11.53 4.90 -2.61
C VAL A 13 -11.45 6.39 -2.29
N ASP A 14 -12.57 7.08 -2.42
CA ASP A 14 -12.63 8.50 -2.14
C ASP A 14 -11.52 9.24 -2.89
N ILE A 15 -11.19 8.74 -4.07
CA ILE A 15 -10.15 9.36 -4.88
C ILE A 15 -10.51 10.81 -5.19
N THR A 16 -9.52 11.68 -5.15
CA THR A 16 -9.72 13.11 -5.42
C THR A 16 -8.53 13.69 -6.18
N ASP A 17 -8.48 15.02 -6.23
CA ASP A 17 -7.38 15.71 -6.91
C ASP A 17 -6.23 16.00 -5.96
N SER A 18 -6.56 16.49 -4.76
CA SER A 18 -5.55 16.81 -3.76
C SER A 18 -5.67 15.91 -2.54
N SER A 19 -6.55 14.91 -2.64
CA SER A 19 -6.75 13.98 -1.54
C SER A 19 -7.20 12.62 -2.06
N ILE A 20 -6.79 11.55 -1.39
CA ILE A 20 -7.15 10.20 -1.80
C ILE A 20 -7.34 9.31 -0.57
N GLY A 21 -8.26 8.34 -0.68
CA GLY A 21 -8.54 7.43 0.43
C GLY A 21 -7.85 6.09 0.23
N LEU A 22 -6.58 6.01 0.61
CA LEU A 22 -5.82 4.77 0.45
C LEU A 22 -6.31 3.74 1.45
N ARG A 23 -6.71 2.57 0.94
CA ARG A 23 -7.22 1.50 1.80
C ARG A 23 -6.67 0.16 1.34
N TRP A 24 -6.32 -0.69 2.29
CA TRP A 24 -5.79 -2.01 1.97
C TRP A 24 -6.22 -3.01 3.05
N THR A 25 -6.28 -4.29 2.66
CA THR A 25 -6.69 -5.34 3.60
C THR A 25 -5.49 -6.22 3.95
N PRO A 26 -4.91 -6.06 5.12
CA PRO A 26 -3.74 -6.88 5.54
C PRO A 26 -4.04 -8.39 5.46
N LEU A 27 -3.01 -9.17 5.11
CA LEU A 27 -3.16 -10.62 5.00
C LEU A 27 -3.13 -11.28 6.36
N ASN A 28 -3.99 -12.27 6.53
CA ASN A 28 -4.07 -12.99 7.77
C ASN A 28 -2.69 -13.46 8.19
N SER A 29 -1.89 -13.85 7.21
CA SER A 29 -0.53 -14.30 7.47
C SER A 29 0.38 -13.10 7.77
N SER A 30 0.13 -11.98 7.11
CA SER A 30 0.93 -10.78 7.32
C SER A 30 0.85 -10.34 8.77
N THR A 31 2.01 -10.04 9.35
CA THR A 31 2.06 -9.60 10.74
C THR A 31 1.21 -8.35 10.94
N ILE A 32 0.58 -8.23 12.10
CA ILE A 32 -0.28 -7.09 12.40
C ILE A 32 0.52 -6.01 13.13
N ILE A 33 1.09 -5.09 12.36
CA ILE A 33 1.87 -3.99 12.92
C ILE A 33 1.66 -2.71 12.12
N GLY A 34 1.56 -1.59 12.83
CA GLY A 34 1.35 -0.31 12.16
C GLY A 34 2.25 -0.17 10.95
N TYR A 35 1.64 0.18 9.81
CA TYR A 35 2.39 0.35 8.57
C TYR A 35 2.83 1.80 8.42
N ARG A 36 3.59 2.07 7.37
CA ARG A 36 4.07 3.43 7.11
C ARG A 36 3.95 3.76 5.63
N ILE A 37 3.28 4.87 5.34
CA ILE A 37 3.09 5.31 3.96
C ILE A 37 4.06 6.44 3.63
N THR A 38 4.84 6.26 2.57
CA THR A 38 5.83 7.26 2.17
C THR A 38 5.33 8.02 0.94
N VAL A 39 5.45 9.34 0.99
CA VAL A 39 5.02 10.20 -0.12
C VAL A 39 6.08 11.23 -0.44
N VAL A 40 6.31 11.46 -1.74
CA VAL A 40 7.31 12.43 -2.18
C VAL A 40 6.73 13.33 -3.25
N ALA A 41 6.94 14.64 -3.11
CA ALA A 41 6.45 15.60 -4.10
C ALA A 41 7.57 15.95 -5.06
N ALA A 42 7.23 16.11 -6.33
CA ALA A 42 8.23 16.46 -7.34
C ALA A 42 8.26 17.97 -7.58
N GLY A 43 7.09 18.59 -7.60
CA GLY A 43 6.99 20.04 -7.81
C GLY A 43 7.61 20.81 -6.64
N GLU A 44 7.51 20.25 -5.44
CA GLU A 44 8.05 20.89 -4.25
C GLU A 44 9.41 20.29 -3.92
N GLY A 45 10.39 21.16 -3.69
CA GLY A 45 11.73 20.72 -3.39
C GLY A 45 11.75 19.85 -2.15
N ILE A 46 10.71 20.00 -1.32
CA ILE A 46 10.62 19.19 -0.09
C ILE A 46 9.46 18.19 -0.20
N PRO A 47 9.69 16.96 0.18
CA PRO A 47 8.62 15.91 0.17
C PRO A 47 7.66 16.06 1.35
N ILE A 48 6.51 15.41 1.26
CA ILE A 48 5.52 15.45 2.32
C ILE A 48 5.87 14.44 3.41
N PHE A 49 5.79 14.87 4.66
CA PHE A 49 6.12 14.00 5.78
C PHE A 49 5.27 12.73 5.75
N GLU A 50 5.92 11.60 5.99
CA GLU A 50 5.24 10.31 6.01
C GLU A 50 4.29 10.21 7.19
N ASP A 51 3.70 9.05 7.37
CA ASP A 51 2.79 8.84 8.49
C ASP A 51 2.69 7.36 8.83
N PHE A 52 2.32 7.06 10.07
CA PHE A 52 2.18 5.67 10.52
C PHE A 52 0.76 5.42 11.03
N VAL A 53 0.14 4.34 10.55
CA VAL A 53 -1.22 4.00 10.96
C VAL A 53 -1.28 2.54 11.39
N ASP A 54 -2.01 2.28 12.47
CA ASP A 54 -2.15 0.92 12.98
C ASP A 54 -2.64 -0.02 11.88
N SER A 55 -2.14 -1.25 11.90
CA SER A 55 -2.53 -2.25 10.91
C SER A 55 -4.02 -2.55 11.00
N SER A 56 -4.54 -2.55 12.22
CA SER A 56 -5.95 -2.84 12.44
C SER A 56 -6.83 -1.87 11.65
N VAL A 57 -6.33 -0.65 11.49
CA VAL A 57 -7.09 0.37 10.75
C VAL A 57 -7.25 -0.04 9.28
N GLY A 58 -6.15 -0.49 8.66
CA GLY A 58 -6.19 -0.90 7.27
C GLY A 58 -6.72 0.22 6.39
N TYR A 59 -6.55 1.47 6.85
CA TYR A 59 -7.02 2.62 6.10
C TYR A 59 -6.30 3.89 6.53
N TYR A 60 -6.10 4.81 5.58
CA TYR A 60 -5.45 6.07 5.89
C TYR A 60 -5.77 7.10 4.81
N THR A 61 -5.57 8.37 5.14
CA THR A 61 -5.83 9.46 4.19
C THR A 61 -4.66 10.42 4.12
N VAL A 62 -4.34 10.86 2.90
CA VAL A 62 -3.23 11.80 2.70
C VAL A 62 -3.70 12.96 1.82
N THR A 63 -3.92 14.12 2.44
CA THR A 63 -4.37 15.30 1.71
C THR A 63 -3.25 16.32 1.65
N GLY A 64 -3.31 17.19 0.63
CA GLY A 64 -2.29 18.23 0.45
C GLY A 64 -1.39 17.91 -0.75
N LEU A 65 -2.02 17.49 -1.86
CA LEU A 65 -1.27 17.17 -3.07
C LEU A 65 -1.65 18.12 -4.19
N GLU A 66 -0.80 19.08 -4.46
CA GLU A 66 -1.08 20.08 -5.49
C GLU A 66 -1.49 19.42 -6.81
N PRO A 67 -2.49 19.94 -7.49
CA PRO A 67 -2.95 19.40 -8.80
C PRO A 67 -2.00 19.76 -9.93
N GLY A 68 -1.95 18.90 -10.93
CA GLY A 68 -1.10 19.14 -12.07
C GLY A 68 0.38 18.98 -11.71
N ILE A 69 0.64 18.32 -10.59
CA ILE A 69 2.02 18.11 -10.11
C ILE A 69 2.28 16.62 -10.00
N ASP A 70 3.54 16.26 -10.21
CA ASP A 70 3.95 14.86 -10.14
C ASP A 70 4.36 14.49 -8.72
N TYR A 71 3.53 13.69 -8.07
CA TYR A 71 3.81 13.25 -6.70
C TYR A 71 4.29 11.81 -6.70
N ASP A 72 5.52 11.62 -6.21
CA ASP A 72 6.10 10.29 -6.13
C ASP A 72 5.71 9.64 -4.80
N ILE A 73 5.01 8.52 -4.88
CA ILE A 73 4.55 7.81 -3.68
C ILE A 73 5.12 6.40 -3.65
N SER A 74 5.00 5.76 -2.51
CA SER A 74 5.48 4.40 -2.34
C SER A 74 4.72 3.68 -1.24
N VAL A 75 4.18 2.51 -1.54
CA VAL A 75 3.44 1.74 -0.53
C VAL A 75 4.27 0.54 -0.10
N ILE A 76 4.92 0.67 1.06
CA ILE A 76 5.76 -0.40 1.61
C ILE A 76 5.01 -1.14 2.70
N THR A 77 5.18 -2.46 2.73
CA THR A 77 4.51 -3.29 3.74
C THR A 77 5.53 -4.03 4.58
N LEU A 78 5.60 -3.69 5.86
CA LEU A 78 6.54 -4.33 6.78
C LEU A 78 5.80 -5.27 7.73
N ILE A 79 6.27 -6.50 7.80
CA ILE A 79 5.67 -7.50 8.67
C ILE A 79 6.74 -8.37 9.31
N ASN A 80 6.51 -8.78 10.55
CA ASN A 80 7.48 -9.61 11.26
C ASN A 80 7.78 -10.88 10.47
N GLY A 81 6.79 -11.74 10.33
CA GLY A 81 6.96 -12.99 9.58
C GLY A 81 5.92 -14.02 10.02
N GLY A 82 4.91 -14.21 9.17
CA GLY A 82 3.84 -15.17 9.47
C GLY A 82 4.19 -16.55 8.90
N GLU A 83 3.32 -17.51 9.16
CA GLU A 83 3.54 -18.88 8.67
C GLU A 83 3.11 -18.99 7.22
N SER A 84 4.05 -19.41 6.37
CA SER A 84 3.77 -19.56 4.94
C SER A 84 2.92 -20.80 4.70
N ALA A 85 2.22 -20.81 3.58
CA ALA A 85 1.37 -21.95 3.24
C ALA A 85 2.21 -23.11 2.70
N PRO A 86 1.67 -24.31 2.72
CA PRO A 86 2.38 -25.53 2.22
C PRO A 86 2.55 -25.50 0.71
N THR A 87 1.83 -24.62 0.04
CA THR A 87 1.89 -24.50 -1.41
C THR A 87 1.81 -23.04 -1.83
N THR A 88 2.24 -22.77 -3.06
CA THR A 88 2.22 -21.40 -3.60
C THR A 88 1.59 -21.39 -4.99
N LEU A 89 0.99 -20.26 -5.35
CA LEU A 89 0.36 -20.11 -6.65
C LEU A 89 1.33 -19.51 -7.67
N THR A 90 1.23 -19.96 -8.91
CA THR A 90 2.11 -19.47 -9.96
C THR A 90 1.84 -17.99 -10.21
N GLN A 91 2.92 -17.22 -10.37
CA GLN A 91 2.81 -15.79 -10.63
C GLN A 91 2.86 -15.49 -12.12
N GLN A 92 2.39 -14.33 -12.50
CA GLN A 92 2.38 -13.92 -13.90
C GLN A 92 1.49 -14.86 -14.72
N THR A 93 2.05 -15.45 -15.77
CA THR A 93 1.30 -16.37 -16.63
C THR A 93 1.54 -17.82 -16.19
N SER B 1 -13.43 0.73 -20.24
CA SER B 1 -13.62 1.94 -19.38
C SER B 1 -12.36 2.18 -18.58
N SER B 2 -11.75 3.36 -18.75
CA SER B 2 -10.54 3.70 -18.02
C SER B 2 -10.85 3.93 -16.56
N SER B 3 -9.98 3.41 -15.68
CA SER B 3 -10.18 3.57 -14.24
C SER B 3 -9.12 4.49 -13.64
N PRO B 4 -9.43 5.21 -12.59
CA PRO B 4 -8.48 6.13 -11.92
C PRO B 4 -7.08 5.54 -11.81
N ILE B 5 -7.01 4.23 -11.64
CA ILE B 5 -5.73 3.53 -11.52
C ILE B 5 -5.84 2.09 -11.99
N GLN B 6 -4.70 1.50 -12.34
CA GLN B 6 -4.67 0.12 -12.78
C GLN B 6 -3.23 -0.38 -12.90
N GLY B 7 -2.62 -0.71 -11.75
CA GLY B 7 -1.24 -1.20 -11.74
C GLY B 7 -1.19 -2.68 -11.38
N SER B 8 -0.12 -3.07 -10.70
CA SER B 8 0.06 -4.46 -10.30
C SER B 8 1.15 -4.59 -9.24
N TRP B 9 1.27 -5.77 -8.67
CA TRP B 9 2.29 -6.01 -7.65
C TRP B 9 3.65 -6.29 -8.29
N THR B 10 4.71 -5.84 -7.63
CA THR B 10 6.06 -6.04 -8.14
C THR B 10 6.95 -6.67 -7.08
N TRP B 11 7.71 -7.71 -7.47
CA TRP B 11 8.60 -8.39 -6.55
C TRP B 11 10.00 -7.78 -6.62
N GLU B 12 10.44 -7.20 -5.51
CA GLU B 12 11.76 -6.58 -5.46
C GLU B 12 12.18 -6.32 -4.02
N ASN B 13 13.45 -6.00 -3.82
CA ASN B 13 13.93 -5.65 -2.49
C ASN B 13 13.49 -6.68 -1.46
N GLY B 14 13.49 -7.94 -1.86
CA GLY B 14 13.10 -9.02 -0.96
C GLY B 14 11.77 -8.72 -0.27
N LYS B 15 11.02 -7.76 -0.83
CA LYS B 15 9.73 -7.39 -0.27
C LYS B 15 8.76 -6.99 -1.37
N TRP B 16 7.47 -7.20 -1.13
CA TRP B 16 6.45 -6.84 -2.11
C TRP B 16 6.02 -5.39 -1.92
N THR B 17 6.16 -4.59 -2.98
CA THR B 17 5.79 -3.17 -2.93
C THR B 17 4.96 -2.79 -4.14
N TRP B 18 4.01 -1.88 -3.94
CA TRP B 18 3.15 -1.41 -5.02
C TRP B 18 3.56 0.01 -5.43
N LYS B 19 3.95 0.17 -6.70
CA LYS B 19 4.38 1.47 -7.20
C LYS B 19 3.88 1.67 -8.62
N GLY B 20 4.03 2.90 -9.11
CA GLY B 20 3.58 3.22 -10.45
C GLY B 20 3.94 4.66 -10.82
N ILE B 21 3.27 5.18 -11.85
CA ILE B 21 3.57 6.53 -12.31
C ILE B 21 3.54 7.52 -11.14
N ILE B 22 2.34 7.81 -10.65
CA ILE B 22 2.18 8.74 -9.55
C ILE B 22 0.82 8.53 -8.87
N ARG B 23 0.44 9.49 -8.04
CA ARG B 23 -0.84 9.44 -7.34
C ARG B 23 -1.95 9.05 -8.28
N LEU B 24 -3.15 8.94 -7.75
CA LEU B 24 -4.30 8.55 -8.54
C LEU B 24 -4.52 9.54 -9.68
N GLU B 25 -4.49 9.03 -10.90
CA GLU B 25 -4.69 9.87 -12.08
C GLU B 25 -6.09 9.66 -12.65
N GLN B 26 -6.60 10.68 -13.32
CA GLN B 26 -7.93 10.63 -13.92
C GLN B 26 -7.84 10.36 -15.41
N GLY A 1 -14.47 -29.33 -0.26
CA GLY A 1 -14.57 -29.11 -1.73
C GLY A 1 -13.25 -28.62 -2.27
N SER A 2 -12.19 -28.77 -1.48
CA SER A 2 -10.86 -28.33 -1.90
C SER A 2 -10.89 -26.87 -2.31
N GLU A 3 -10.89 -25.97 -1.32
CA GLU A 3 -10.91 -24.53 -1.58
C GLU A 3 -9.58 -23.90 -1.23
N VAL A 4 -8.95 -23.29 -2.23
CA VAL A 4 -7.64 -22.66 -2.02
C VAL A 4 -7.83 -21.20 -1.58
N PRO A 5 -6.90 -20.68 -0.82
CA PRO A 5 -6.96 -19.27 -0.33
C PRO A 5 -6.82 -18.26 -1.48
N GLN A 6 -7.45 -17.11 -1.33
CA GLN A 6 -7.40 -16.06 -2.35
C GLN A 6 -6.97 -14.74 -1.72
N LEU A 7 -5.87 -14.18 -2.23
CA LEU A 7 -5.36 -12.92 -1.72
C LEU A 7 -5.96 -11.76 -2.50
N THR A 8 -6.47 -10.77 -1.76
CA THR A 8 -7.09 -9.60 -2.39
C THR A 8 -6.03 -8.54 -2.68
N ASP A 9 -6.07 -7.99 -3.88
CA ASP A 9 -5.11 -6.97 -4.28
C ASP A 9 -5.51 -5.61 -3.72
N LEU A 10 -4.56 -4.68 -3.70
CA LEU A 10 -4.82 -3.35 -3.18
C LEU A 10 -5.88 -2.64 -4.01
N SER A 11 -6.62 -1.73 -3.38
CA SER A 11 -7.66 -0.99 -4.06
C SER A 11 -7.68 0.46 -3.59
N PHE A 12 -8.09 1.36 -4.48
CA PHE A 12 -8.15 2.79 -4.16
C PHE A 12 -9.58 3.27 -4.10
N VAL A 13 -9.85 4.22 -3.21
CA VAL A 13 -11.20 4.76 -3.05
C VAL A 13 -11.14 6.22 -2.65
N ASP A 14 -12.25 6.93 -2.84
CA ASP A 14 -12.31 8.34 -2.48
C ASP A 14 -11.21 9.13 -3.19
N ILE A 15 -10.81 8.64 -4.36
CA ILE A 15 -9.77 9.31 -5.14
C ILE A 15 -10.15 10.76 -5.39
N THR A 16 -9.16 11.65 -5.27
CA THR A 16 -9.39 13.08 -5.49
C THR A 16 -8.21 13.71 -6.24
N ASP A 17 -8.18 15.02 -6.27
CA ASP A 17 -7.10 15.75 -6.95
C ASP A 17 -5.94 16.01 -6.00
N SER A 18 -6.25 16.42 -4.76
CA SER A 18 -5.22 16.70 -3.76
C SER A 18 -5.34 15.76 -2.57
N SER A 19 -6.22 14.76 -2.69
CA SER A 19 -6.43 13.80 -1.62
C SER A 19 -6.83 12.44 -2.18
N ILE A 20 -6.26 11.38 -1.63
CA ILE A 20 -6.58 10.02 -2.08
C ILE A 20 -6.87 9.12 -0.89
N GLY A 21 -7.79 8.17 -1.07
CA GLY A 21 -8.16 7.26 0.00
C GLY A 21 -7.42 5.93 -0.12
N LEU A 22 -6.18 5.91 0.36
CA LEU A 22 -5.37 4.70 0.29
C LEU A 22 -5.92 3.66 1.25
N ARG A 23 -6.33 2.50 0.71
CA ARG A 23 -6.87 1.43 1.53
C ARG A 23 -6.35 0.08 1.07
N TRP A 24 -6.07 -0.80 2.03
CA TRP A 24 -5.56 -2.13 1.72
C TRP A 24 -6.16 -3.14 2.68
N THR A 25 -6.18 -4.41 2.26
CA THR A 25 -6.73 -5.48 3.09
C THR A 25 -5.61 -6.40 3.58
N PRO A 26 -5.19 -6.27 4.80
CA PRO A 26 -4.13 -7.14 5.37
C PRO A 26 -4.46 -8.63 5.25
N LEU A 27 -3.44 -9.45 5.02
CA LEU A 27 -3.62 -10.90 4.89
C LEU A 27 -3.66 -11.56 6.26
N ASN A 28 -4.56 -12.52 6.40
CA ASN A 28 -4.69 -13.24 7.65
C ASN A 28 -3.32 -13.68 8.16
N SER A 29 -2.43 -13.99 7.22
CA SER A 29 -1.09 -14.42 7.58
C SER A 29 -0.17 -13.21 7.80
N SER A 30 -0.45 -12.12 7.09
CA SER A 30 0.35 -10.90 7.23
C SER A 30 0.34 -10.41 8.67
N THR A 31 1.52 -10.12 9.19
CA THR A 31 1.64 -9.65 10.57
C THR A 31 0.87 -8.36 10.75
N ILE A 32 0.20 -8.22 11.88
CA ILE A 32 -0.58 -7.02 12.16
C ILE A 32 0.23 -6.00 12.95
N ILE A 33 0.89 -5.10 12.23
CA ILE A 33 1.71 -4.06 12.86
C ILE A 33 1.57 -2.75 12.10
N GLY A 34 1.34 -1.67 12.82
CA GLY A 34 1.17 -0.35 12.20
C GLY A 34 2.13 -0.17 11.03
N TYR A 35 1.56 -0.05 9.84
CA TYR A 35 2.36 0.13 8.64
C TYR A 35 2.80 1.57 8.51
N ARG A 36 3.58 1.87 7.48
CA ARG A 36 4.07 3.22 7.26
C ARG A 36 3.94 3.62 5.79
N ILE A 37 3.27 4.75 5.54
CA ILE A 37 3.06 5.24 4.18
C ILE A 37 4.15 6.25 3.85
N THR A 38 4.42 6.42 2.56
CA THR A 38 5.46 7.36 2.13
C THR A 38 4.97 8.17 0.93
N VAL A 39 5.14 9.49 1.00
CA VAL A 39 4.73 10.38 -0.08
C VAL A 39 5.83 11.40 -0.38
N VAL A 40 6.08 11.65 -1.66
CA VAL A 40 7.10 12.62 -2.06
C VAL A 40 6.57 13.52 -3.17
N ALA A 41 6.83 14.82 -3.05
CA ALA A 41 6.39 15.77 -4.05
C ALA A 41 7.53 16.06 -5.03
N ALA A 42 7.21 16.14 -6.31
CA ALA A 42 8.23 16.42 -7.33
C ALA A 42 8.35 17.92 -7.58
N GLY A 43 7.20 18.57 -7.75
CA GLY A 43 7.19 20.02 -8.00
C GLY A 43 7.79 20.78 -6.83
N GLU A 44 7.66 20.21 -5.63
CA GLU A 44 8.18 20.85 -4.43
C GLU A 44 9.56 20.29 -4.12
N GLY A 45 10.52 21.19 -3.94
CA GLY A 45 11.89 20.80 -3.65
C GLY A 45 11.96 19.99 -2.38
N ILE A 46 10.94 20.15 -1.53
CA ILE A 46 10.90 19.41 -0.27
C ILE A 46 9.79 18.36 -0.30
N PRO A 47 10.07 17.15 0.14
CA PRO A 47 9.05 16.06 0.21
C PRO A 47 8.10 16.26 1.39
N ILE A 48 7.02 15.49 1.38
CA ILE A 48 6.01 15.54 2.43
C ILE A 48 6.34 14.54 3.53
N PHE A 49 6.04 14.91 4.76
CA PHE A 49 6.31 14.06 5.89
C PHE A 49 5.45 12.79 5.84
N GLU A 50 6.04 11.67 6.23
CA GLU A 50 5.34 10.39 6.23
C GLU A 50 4.35 10.33 7.36
N ASP A 51 3.70 9.17 7.50
CA ASP A 51 2.72 8.99 8.57
C ASP A 51 2.63 7.52 8.98
N PHE A 52 2.37 7.28 10.27
CA PHE A 52 2.25 5.92 10.78
C PHE A 52 0.83 5.65 11.26
N VAL A 53 0.22 4.60 10.74
CA VAL A 53 -1.14 4.23 11.11
C VAL A 53 -1.21 2.77 11.53
N ASP A 54 -1.93 2.50 12.62
CA ASP A 54 -2.05 1.15 13.12
C ASP A 54 -2.63 0.23 12.06
N SER A 55 -2.18 -1.02 12.05
CA SER A 55 -2.66 -2.00 11.08
C SER A 55 -4.16 -2.17 11.18
N SER A 56 -4.69 -2.06 12.40
CA SER A 56 -6.11 -2.21 12.62
C SER A 56 -6.90 -1.30 11.70
N VAL A 57 -6.35 -0.12 11.44
CA VAL A 57 -7.01 0.84 10.57
C VAL A 57 -6.99 0.35 9.12
N GLY A 58 -5.84 -0.17 8.69
CA GLY A 58 -5.70 -0.68 7.33
C GLY A 58 -5.75 0.47 6.31
N TYR A 59 -6.70 1.38 6.51
CA TYR A 59 -6.88 2.52 5.60
C TYR A 59 -6.30 3.79 6.19
N TYR A 60 -5.99 4.74 5.33
CA TYR A 60 -5.42 6.00 5.78
C TYR A 60 -5.69 7.09 4.74
N THR A 61 -5.60 8.35 5.18
CA THR A 61 -5.83 9.49 4.29
C THR A 61 -4.63 10.42 4.27
N VAL A 62 -4.25 10.86 3.08
CA VAL A 62 -3.12 11.78 2.92
C VAL A 62 -3.50 12.94 2.02
N THR A 63 -3.84 14.08 2.62
CA THR A 63 -4.23 15.26 1.85
C THR A 63 -3.13 16.30 1.87
N GLY A 64 -3.16 17.20 0.89
CA GLY A 64 -2.16 18.26 0.78
C GLY A 64 -1.23 18.02 -0.40
N LEU A 65 -1.80 17.59 -1.53
CA LEU A 65 -1.02 17.32 -2.73
C LEU A 65 -1.44 18.27 -3.84
N GLU A 66 -0.57 19.21 -4.14
CA GLU A 66 -0.89 20.21 -5.16
C GLU A 66 -1.29 19.54 -6.48
N PRO A 67 -2.33 20.02 -7.14
CA PRO A 67 -2.80 19.46 -8.45
C PRO A 67 -1.89 19.90 -9.59
N GLY A 68 -1.89 19.09 -10.65
CA GLY A 68 -1.09 19.40 -11.81
C GLY A 68 0.40 19.20 -11.54
N ILE A 69 0.70 18.62 -10.38
CA ILE A 69 2.09 18.37 -9.98
C ILE A 69 2.31 16.88 -9.81
N ASP A 70 3.51 16.45 -10.16
CA ASP A 70 3.86 15.05 -10.07
C ASP A 70 4.27 14.68 -8.65
N TYR A 71 3.46 13.86 -8.01
CA TYR A 71 3.73 13.42 -6.64
C TYR A 71 4.22 11.98 -6.63
N ASP A 72 5.42 11.80 -6.11
CA ASP A 72 6.02 10.47 -6.03
C ASP A 72 5.61 9.81 -4.71
N ILE A 73 4.90 8.69 -4.81
CA ILE A 73 4.43 7.97 -3.63
C ILE A 73 5.03 6.58 -3.59
N SER A 74 4.96 5.96 -2.42
CA SER A 74 5.48 4.61 -2.25
C SER A 74 4.77 3.90 -1.10
N VAL A 75 4.19 2.75 -1.39
CA VAL A 75 3.51 1.97 -0.35
C VAL A 75 4.40 0.81 0.10
N ILE A 76 5.00 0.95 1.27
CA ILE A 76 5.88 -0.10 1.82
C ILE A 76 5.12 -0.97 2.81
N THR A 77 5.26 -2.29 2.65
CA THR A 77 4.57 -3.23 3.53
C THR A 77 5.58 -3.96 4.38
N LEU A 78 5.44 -3.82 5.70
CA LEU A 78 6.36 -4.48 6.63
C LEU A 78 5.60 -5.40 7.57
N ILE A 79 5.88 -6.69 7.47
CA ILE A 79 5.22 -7.68 8.33
C ILE A 79 6.24 -8.72 8.79
N ASN A 80 6.07 -9.19 10.03
CA ASN A 80 6.99 -10.20 10.58
C ASN A 80 6.89 -11.51 9.81
N GLY A 81 5.69 -12.08 9.77
CA GLY A 81 5.47 -13.34 9.07
C GLY A 81 6.29 -14.46 9.70
N GLY A 82 5.90 -14.87 10.91
CA GLY A 82 6.59 -15.93 11.61
C GLY A 82 6.86 -17.11 10.68
N GLU A 83 8.14 -17.48 10.54
CA GLU A 83 8.52 -18.59 9.67
C GLU A 83 8.60 -19.89 10.47
N SER A 84 8.29 -21.00 9.81
CA SER A 84 8.32 -22.30 10.47
C SER A 84 9.74 -22.66 10.86
N ALA A 85 9.88 -23.34 12.00
CA ALA A 85 11.20 -23.74 12.46
C ALA A 85 12.10 -22.52 12.66
N PRO A 86 11.88 -21.77 13.70
CA PRO A 86 12.69 -20.56 14.01
C PRO A 86 14.17 -20.88 14.19
N THR A 87 15.01 -19.95 13.75
CA THR A 87 16.45 -20.15 13.88
C THR A 87 16.93 -19.73 15.26
N THR A 88 18.14 -20.14 15.61
CA THR A 88 18.72 -19.81 16.91
C THR A 88 20.12 -19.24 16.75
N LEU A 89 20.40 -18.15 17.46
CA LEU A 89 21.72 -17.51 17.38
C LEU A 89 22.75 -18.35 18.11
N THR A 90 23.89 -18.58 17.48
CA THR A 90 24.95 -19.36 18.08
C THR A 90 25.82 -18.49 18.98
N GLN A 91 26.65 -19.11 19.80
CA GLN A 91 27.53 -18.38 20.71
C GLN A 91 28.46 -17.47 19.93
N GLN A 92 28.12 -16.18 19.87
CA GLN A 92 28.94 -15.21 19.15
C GLN A 92 30.30 -15.07 19.80
N THR A 93 30.32 -15.07 21.14
CA THR A 93 31.57 -14.94 21.89
C THR A 93 31.60 -15.92 23.05
N SER B 1 -17.34 -2.23 -8.96
CA SER B 1 -17.26 -0.97 -9.75
C SER B 1 -15.81 -0.74 -10.18
N SER B 2 -15.62 -0.45 -11.47
CA SER B 2 -14.28 -0.22 -11.99
C SER B 2 -13.70 1.05 -11.39
N SER B 3 -12.36 1.11 -11.32
CA SER B 3 -11.68 2.28 -10.76
C SER B 3 -11.01 3.10 -11.87
N PRO B 4 -10.88 4.40 -11.69
CA PRO B 4 -10.23 5.28 -12.70
C PRO B 4 -8.93 4.69 -13.23
N ILE B 5 -8.07 4.23 -12.32
CA ILE B 5 -6.80 3.64 -12.70
C ILE B 5 -6.35 2.62 -11.68
N GLN B 6 -5.67 1.58 -12.13
CA GLN B 6 -5.17 0.54 -11.23
C GLN B 6 -3.79 0.05 -11.69
N GLY B 7 -2.93 -0.27 -10.72
CA GLY B 7 -1.58 -0.76 -11.03
C GLY B 7 -1.47 -2.25 -10.78
N SER B 8 -0.38 -2.65 -10.13
CA SER B 8 -0.17 -4.06 -9.83
C SER B 8 0.97 -4.22 -8.81
N TRP B 9 1.15 -5.44 -8.32
CA TRP B 9 2.21 -5.73 -7.37
C TRP B 9 3.52 -6.02 -8.08
N THR B 10 4.63 -5.64 -7.45
CA THR B 10 5.95 -5.86 -8.03
C THR B 10 6.88 -6.55 -7.03
N TRP B 11 7.52 -7.63 -7.46
CA TRP B 11 8.44 -8.36 -6.59
C TRP B 11 9.86 -7.83 -6.76
N GLU B 12 10.42 -7.30 -5.66
CA GLU B 12 11.78 -6.77 -5.69
C GLU B 12 12.31 -6.55 -4.27
N ASN B 13 13.59 -6.30 -4.16
CA ASN B 13 14.18 -6.01 -2.87
C ASN B 13 13.76 -7.03 -1.83
N GLY B 14 13.68 -8.29 -2.24
CA GLY B 14 13.30 -9.36 -1.32
C GLY B 14 12.04 -8.99 -0.54
N LYS B 15 11.31 -7.99 -1.02
CA LYS B 15 10.08 -7.56 -0.37
C LYS B 15 9.03 -7.16 -1.40
N TRP B 16 7.76 -7.33 -1.03
CA TRP B 16 6.67 -6.99 -1.92
C TRP B 16 6.26 -5.54 -1.70
N THR B 17 6.39 -4.72 -2.75
CA THR B 17 6.04 -3.30 -2.67
C THR B 17 5.16 -2.89 -3.84
N TRP B 18 4.22 -1.99 -3.58
CA TRP B 18 3.32 -1.51 -4.62
C TRP B 18 3.73 -0.10 -5.05
N LYS B 19 4.11 0.05 -6.32
CA LYS B 19 4.55 1.34 -6.84
C LYS B 19 4.08 1.53 -8.26
N GLY B 20 4.21 2.75 -8.76
CA GLY B 20 3.79 3.06 -10.12
C GLY B 20 4.15 4.49 -10.49
N ILE B 21 3.51 5.00 -11.55
CA ILE B 21 3.79 6.35 -12.00
C ILE B 21 3.67 7.35 -10.86
N ILE B 22 2.42 7.67 -10.50
CA ILE B 22 2.15 8.62 -9.43
C ILE B 22 0.75 8.42 -8.88
N ARG B 23 0.27 9.41 -8.12
CA ARG B 23 -1.07 9.35 -7.55
C ARG B 23 -2.07 8.84 -8.58
N LEU B 24 -3.29 8.61 -8.15
CA LEU B 24 -4.33 8.10 -9.03
C LEU B 24 -4.72 9.16 -10.05
N GLU B 25 -4.37 8.87 -11.30
CA GLU B 25 -4.68 9.79 -12.39
C GLU B 25 -6.11 9.58 -12.86
N GLN B 26 -6.70 10.64 -13.39
CA GLN B 26 -8.07 10.58 -13.87
C GLN B 26 -9.00 10.06 -12.78
N GLY A 1 0.99 -25.71 -8.57
CA GLY A 1 1.06 -25.91 -7.09
C GLY A 1 -0.36 -25.94 -6.52
N SER A 2 -0.76 -24.87 -5.87
CA SER A 2 -2.09 -24.78 -5.28
C SER A 2 -2.53 -23.32 -5.15
N GLU A 3 -3.73 -23.02 -5.64
CA GLU A 3 -4.26 -21.66 -5.58
C GLU A 3 -5.39 -21.60 -4.57
N VAL A 4 -5.03 -21.59 -3.29
CA VAL A 4 -6.04 -21.54 -2.24
C VAL A 4 -6.62 -20.11 -2.10
N PRO A 5 -7.91 -19.90 -2.35
CA PRO A 5 -8.51 -18.54 -2.22
C PRO A 5 -8.28 -17.93 -0.82
N GLN A 6 -7.76 -16.71 -0.77
CA GLN A 6 -7.52 -16.04 0.50
C GLN A 6 -6.71 -14.76 0.28
N LEU A 7 -6.36 -14.49 -0.97
CA LEU A 7 -5.59 -13.29 -1.29
C LEU A 7 -6.53 -12.13 -1.61
N THR A 8 -6.40 -11.05 -0.85
CA THR A 8 -7.23 -9.87 -1.05
C THR A 8 -6.44 -8.74 -1.67
N ASP A 9 -6.93 -8.23 -2.79
CA ASP A 9 -6.27 -7.13 -3.49
C ASP A 9 -6.75 -5.80 -2.96
N LEU A 10 -5.82 -4.85 -2.89
CA LEU A 10 -6.10 -3.51 -2.41
C LEU A 10 -6.89 -2.74 -3.46
N SER A 11 -7.69 -1.76 -3.01
CA SER A 11 -8.47 -0.93 -3.92
C SER A 11 -8.46 0.52 -3.46
N PHE A 12 -8.66 1.42 -4.42
CA PHE A 12 -8.68 2.86 -4.13
C PHE A 12 -10.11 3.39 -4.11
N VAL A 13 -10.36 4.37 -3.26
CA VAL A 13 -11.68 4.97 -3.16
C VAL A 13 -11.58 6.44 -2.75
N ASP A 14 -12.66 7.16 -2.97
CA ASP A 14 -12.68 8.58 -2.63
C ASP A 14 -11.54 9.33 -3.30
N ILE A 15 -11.08 8.79 -4.44
CA ILE A 15 -9.99 9.42 -5.16
C ILE A 15 -10.33 10.87 -5.50
N THR A 16 -9.36 11.74 -5.30
CA THR A 16 -9.54 13.18 -5.57
C THR A 16 -8.34 13.73 -6.30
N ASP A 17 -8.26 15.05 -6.36
CA ASP A 17 -7.15 15.71 -7.02
C ASP A 17 -6.02 15.99 -6.03
N SER A 18 -6.38 16.41 -4.82
CA SER A 18 -5.38 16.73 -3.79
C SER A 18 -5.50 15.79 -2.62
N SER A 19 -6.30 14.74 -2.78
CA SER A 19 -6.49 13.76 -1.71
C SER A 19 -6.90 12.43 -2.31
N ILE A 20 -6.67 11.35 -1.56
CA ILE A 20 -7.03 10.01 -2.02
C ILE A 20 -7.40 9.12 -0.83
N GLY A 21 -8.31 8.18 -1.05
CA GLY A 21 -8.74 7.27 0.02
C GLY A 21 -8.04 5.92 -0.10
N LEU A 22 -6.79 5.86 0.34
CA LEU A 22 -6.03 4.61 0.25
C LEU A 22 -6.69 3.53 1.12
N ARG A 23 -6.89 2.36 0.54
CA ARG A 23 -7.51 1.25 1.25
C ARG A 23 -6.91 -0.07 0.82
N TRP A 24 -6.60 -0.90 1.81
CA TRP A 24 -6.01 -2.20 1.55
C TRP A 24 -6.47 -3.19 2.62
N THR A 25 -6.49 -4.47 2.26
CA THR A 25 -6.91 -5.52 3.19
C THR A 25 -5.71 -6.38 3.60
N PRO A 26 -5.13 -6.18 4.75
CA PRO A 26 -3.98 -7.00 5.21
C PRO A 26 -4.27 -8.50 5.19
N LEU A 27 -3.22 -9.29 4.95
CA LEU A 27 -3.35 -10.75 4.91
C LEU A 27 -3.40 -11.33 6.30
N ASN A 28 -4.31 -12.25 6.49
CA ASN A 28 -4.46 -12.89 7.77
C ASN A 28 -3.12 -13.39 8.27
N SER A 29 -2.27 -13.83 7.34
CA SER A 29 -0.95 -14.31 7.68
C SER A 29 0.01 -13.14 7.94
N SER A 30 -0.19 -12.05 7.21
CA SER A 30 0.67 -10.87 7.36
C SER A 30 0.62 -10.38 8.81
N THR A 31 1.80 -10.09 9.36
CA THR A 31 1.89 -9.62 10.74
C THR A 31 1.08 -8.34 10.90
N ILE A 32 0.45 -8.18 12.06
CA ILE A 32 -0.37 -7.00 12.32
C ILE A 32 0.45 -5.93 13.04
N ILE A 33 1.08 -5.05 12.26
CA ILE A 33 1.88 -3.97 12.82
C ILE A 33 1.73 -2.70 11.97
N GLY A 34 1.38 -1.60 12.63
CA GLY A 34 1.19 -0.33 11.93
C GLY A 34 2.25 -0.13 10.86
N TYR A 35 1.80 0.02 9.62
CA TYR A 35 2.70 0.23 8.50
C TYR A 35 3.04 1.70 8.36
N ARG A 36 3.89 2.03 7.39
CA ARG A 36 4.29 3.40 7.16
C ARG A 36 4.17 3.76 5.68
N ILE A 37 3.48 4.86 5.40
CA ILE A 37 3.29 5.31 4.03
C ILE A 37 4.26 6.45 3.71
N THR A 38 5.06 6.26 2.66
CA THR A 38 6.02 7.28 2.26
C THR A 38 5.53 8.04 1.04
N VAL A 39 5.57 9.36 1.11
CA VAL A 39 5.12 10.22 -0.01
C VAL A 39 6.20 11.24 -0.34
N VAL A 40 6.43 11.47 -1.63
CA VAL A 40 7.43 12.42 -2.07
C VAL A 40 6.84 13.33 -3.14
N ALA A 41 7.02 14.63 -2.98
CA ALA A 41 6.51 15.59 -3.94
C ALA A 41 7.63 15.96 -4.92
N ALA A 42 7.29 16.11 -6.19
CA ALA A 42 8.29 16.48 -7.19
C ALA A 42 8.34 18.00 -7.39
N GLY A 43 7.17 18.63 -7.38
CA GLY A 43 7.07 20.08 -7.57
C GLY A 43 7.71 20.83 -6.40
N GLU A 44 7.65 20.24 -5.22
CA GLU A 44 8.22 20.88 -4.03
C GLU A 44 9.60 20.30 -3.75
N GLY A 45 10.54 21.18 -3.49
CA GLY A 45 11.90 20.77 -3.23
C GLY A 45 11.97 19.85 -2.02
N ILE A 46 10.94 19.92 -1.16
CA ILE A 46 10.90 19.08 0.05
C ILE A 46 9.73 18.08 -0.03
N PRO A 47 9.95 16.83 0.31
CA PRO A 47 8.88 15.80 0.31
C PRO A 47 7.95 15.94 1.53
N ILE A 48 6.78 15.32 1.44
CA ILE A 48 5.83 15.37 2.53
C ILE A 48 6.19 14.33 3.59
N PHE A 49 6.15 14.75 4.86
CA PHE A 49 6.49 13.85 5.96
C PHE A 49 5.64 12.58 5.89
N GLU A 50 6.26 11.45 6.22
CA GLU A 50 5.57 10.18 6.22
C GLU A 50 4.77 10.00 7.50
N ASP A 51 3.69 9.24 7.41
CA ASP A 51 2.85 8.99 8.58
C ASP A 51 2.77 7.50 8.90
N PHE A 52 2.39 7.18 10.13
CA PHE A 52 2.28 5.78 10.56
C PHE A 52 0.86 5.49 11.02
N VAL A 53 0.27 4.44 10.49
CA VAL A 53 -1.11 4.04 10.84
C VAL A 53 -1.15 2.58 11.25
N ASP A 54 -1.91 2.29 12.30
CA ASP A 54 -2.02 0.92 12.79
C ASP A 54 -2.53 -0.01 11.69
N SER A 55 -2.00 -1.23 11.67
CA SER A 55 -2.41 -2.21 10.67
C SER A 55 -3.90 -2.52 10.78
N SER A 56 -4.41 -2.51 12.00
CA SER A 56 -5.82 -2.78 12.22
C SER A 56 -6.70 -1.83 11.42
N VAL A 57 -6.21 -0.61 11.24
CA VAL A 57 -6.95 0.40 10.50
C VAL A 57 -7.08 -0.01 9.03
N GLY A 58 -5.97 -0.45 8.44
CA GLY A 58 -5.97 -0.87 7.04
C GLY A 58 -6.47 0.25 6.14
N TYR A 59 -6.31 1.49 6.60
CA TYR A 59 -6.76 2.65 5.82
C TYR A 59 -6.08 3.93 6.29
N TYR A 60 -5.82 4.84 5.35
CA TYR A 60 -5.19 6.10 5.68
C TYR A 60 -5.50 7.14 4.61
N THR A 61 -5.35 8.42 4.97
CA THR A 61 -5.62 9.51 4.04
C THR A 61 -4.45 10.47 3.99
N VAL A 62 -4.09 10.90 2.78
CA VAL A 62 -3.00 11.84 2.59
C VAL A 62 -3.45 12.98 1.67
N THR A 63 -3.76 14.12 2.27
CA THR A 63 -4.21 15.30 1.51
C THR A 63 -3.15 16.39 1.53
N GLY A 64 -3.28 17.33 0.60
CA GLY A 64 -2.33 18.44 0.50
C GLY A 64 -1.45 18.30 -0.75
N LEU A 65 -1.74 17.31 -1.57
CA LEU A 65 -0.96 17.09 -2.79
C LEU A 65 -1.39 18.07 -3.87
N GLU A 66 -0.55 19.04 -4.17
CA GLU A 66 -0.89 20.06 -5.15
C GLU A 66 -1.28 19.42 -6.51
N PRO A 67 -2.31 19.92 -7.16
CA PRO A 67 -2.76 19.39 -8.49
C PRO A 67 -1.82 19.80 -9.61
N GLY A 68 -1.76 18.96 -10.63
CA GLY A 68 -0.92 19.23 -11.77
C GLY A 68 0.56 19.04 -11.44
N ILE A 69 0.83 18.47 -10.26
CA ILE A 69 2.21 18.23 -9.81
C ILE A 69 2.45 16.73 -9.69
N ASP A 70 3.64 16.32 -10.05
CA ASP A 70 4.02 14.92 -9.99
C ASP A 70 4.43 14.54 -8.57
N TYR A 71 3.61 13.73 -7.93
CA TYR A 71 3.87 13.29 -6.57
C TYR A 71 4.32 11.85 -6.57
N ASP A 72 5.55 11.65 -6.10
CA ASP A 72 6.13 10.31 -6.02
C ASP A 72 5.77 9.67 -4.69
N ILE A 73 5.07 8.54 -4.75
CA ILE A 73 4.63 7.83 -3.54
C ILE A 73 5.19 6.42 -3.52
N SER A 74 5.11 5.78 -2.36
CA SER A 74 5.59 4.41 -2.21
C SER A 74 4.86 3.73 -1.07
N VAL A 75 4.73 2.41 -1.15
CA VAL A 75 4.07 1.63 -0.10
C VAL A 75 5.01 0.52 0.37
N ILE A 76 5.52 0.66 1.59
CA ILE A 76 6.43 -0.34 2.15
C ILE A 76 5.66 -1.31 3.04
N THR A 77 5.75 -2.60 2.72
CA THR A 77 5.07 -3.62 3.50
C THR A 77 6.07 -4.35 4.40
N LEU A 78 5.94 -4.14 5.70
CA LEU A 78 6.83 -4.78 6.67
C LEU A 78 6.02 -5.63 7.64
N ILE A 79 6.33 -6.93 7.67
CA ILE A 79 5.64 -7.85 8.56
C ILE A 79 6.61 -8.89 9.11
N ASN A 80 6.35 -9.38 10.32
CA ASN A 80 7.21 -10.38 10.95
C ASN A 80 7.13 -11.71 10.21
N GLY A 81 5.91 -12.15 9.92
CA GLY A 81 5.69 -13.42 9.21
C GLY A 81 5.15 -14.49 10.16
N GLY A 82 5.81 -15.64 10.20
CA GLY A 82 5.38 -16.73 11.06
C GLY A 82 5.54 -16.35 12.53
N GLU A 83 4.63 -16.86 13.36
CA GLU A 83 4.68 -16.57 14.79
C GLU A 83 5.90 -17.22 15.43
N SER A 84 6.36 -16.65 16.53
CA SER A 84 7.52 -17.19 17.23
C SER A 84 7.16 -18.50 17.91
N ALA A 85 8.18 -19.27 18.28
CA ALA A 85 7.98 -20.56 18.95
C ALA A 85 9.33 -21.21 19.27
N PRO A 86 10.25 -21.20 18.33
CA PRO A 86 11.60 -21.80 18.52
C PRO A 86 12.37 -21.18 19.67
N THR A 87 13.60 -21.63 19.88
CA THR A 87 14.42 -21.10 20.95
C THR A 87 14.68 -19.61 20.75
N THR A 88 14.46 -18.82 21.79
CA THR A 88 14.66 -17.38 21.70
C THR A 88 15.24 -16.85 23.02
N LEU A 89 15.80 -15.66 22.97
CA LEU A 89 16.40 -15.06 24.16
C LEU A 89 15.35 -14.94 25.27
N THR A 90 15.76 -15.30 26.48
CA THR A 90 14.84 -15.24 27.62
C THR A 90 14.92 -13.88 28.30
N GLN A 91 13.79 -13.19 28.38
CA GLN A 91 13.74 -11.87 29.01
C GLN A 91 13.74 -12.01 30.53
N GLN A 92 14.42 -11.09 31.20
CA GLN A 92 14.48 -11.11 32.66
C GLN A 92 13.11 -10.85 33.25
N THR A 93 12.71 -11.71 34.19
CA THR A 93 11.40 -11.56 34.84
C THR A 93 11.44 -10.42 35.84
N SER B 1 -18.57 -0.58 -7.98
CA SER B 1 -17.85 0.70 -7.77
C SER B 1 -17.06 1.05 -9.03
N SER B 2 -17.01 2.35 -9.34
CA SER B 2 -16.29 2.80 -10.52
C SER B 2 -14.80 2.60 -10.32
N SER B 3 -14.07 2.31 -11.41
CA SER B 3 -12.62 2.12 -11.33
C SER B 3 -11.91 3.07 -12.31
N PRO B 4 -11.25 4.12 -11.83
CA PRO B 4 -10.54 5.09 -12.72
C PRO B 4 -9.21 4.52 -13.23
N ILE B 5 -8.33 4.14 -12.31
CA ILE B 5 -7.03 3.59 -12.67
C ILE B 5 -6.57 2.63 -11.60
N GLN B 6 -5.83 1.59 -12.01
CA GLN B 6 -5.31 0.61 -11.07
C GLN B 6 -3.95 0.11 -11.56
N GLY B 7 -3.05 -0.18 -10.62
CA GLY B 7 -1.71 -0.67 -10.95
C GLY B 7 -1.57 -2.14 -10.62
N SER B 8 -0.47 -2.48 -9.94
CA SER B 8 -0.23 -3.86 -9.57
C SER B 8 0.95 -3.96 -8.60
N TRP B 9 1.17 -5.16 -8.09
CA TRP B 9 2.27 -5.40 -7.15
C TRP B 9 3.52 -5.87 -7.89
N THR B 10 4.69 -5.60 -7.32
CA THR B 10 5.96 -6.01 -7.94
C THR B 10 6.88 -6.64 -6.90
N TRP B 11 7.59 -7.69 -7.30
CA TRP B 11 8.52 -8.37 -6.40
C TRP B 11 9.91 -7.76 -6.52
N GLU B 12 10.36 -7.14 -5.42
CA GLU B 12 11.68 -6.51 -5.41
C GLU B 12 12.14 -6.28 -3.97
N ASN B 13 13.45 -6.24 -3.80
CA ASN B 13 14.03 -5.97 -2.49
C ASN B 13 13.55 -6.96 -1.44
N GLY B 14 13.46 -8.22 -1.81
CA GLY B 14 13.01 -9.27 -0.89
C GLY B 14 11.70 -8.88 -0.20
N LYS B 15 11.05 -7.83 -0.69
CA LYS B 15 9.79 -7.37 -0.12
C LYS B 15 8.82 -6.92 -1.21
N TRP B 16 7.53 -7.03 -0.94
CA TRP B 16 6.53 -6.61 -1.92
C TRP B 16 6.24 -5.13 -1.77
N THR B 17 6.49 -4.36 -2.83
CA THR B 17 6.26 -2.92 -2.80
C THR B 17 5.36 -2.50 -3.97
N TRP B 18 4.47 -1.55 -3.70
CA TRP B 18 3.55 -1.04 -4.72
C TRP B 18 4.04 0.31 -5.22
N LYS B 19 4.37 0.37 -6.50
CA LYS B 19 4.86 1.62 -7.11
C LYS B 19 4.35 1.77 -8.52
N GLY B 20 4.43 2.98 -9.04
CA GLY B 20 3.97 3.26 -10.38
C GLY B 20 4.24 4.70 -10.78
N ILE B 21 3.52 5.18 -11.78
CA ILE B 21 3.73 6.55 -12.27
C ILE B 21 3.67 7.54 -11.10
N ILE B 22 2.46 7.80 -10.62
CA ILE B 22 2.28 8.73 -9.51
C ILE B 22 0.92 8.49 -8.85
N ARG B 23 0.49 9.44 -8.03
CA ARG B 23 -0.79 9.35 -7.34
C ARG B 23 -1.86 8.84 -8.29
N LEU B 24 -3.05 8.63 -7.74
CA LEU B 24 -4.15 8.14 -8.53
C LEU B 24 -4.49 9.11 -9.65
N GLU B 25 -4.45 8.61 -10.88
CA GLU B 25 -4.76 9.42 -12.05
C GLU B 25 -6.25 9.56 -12.23
N GLN B 26 -6.68 10.72 -12.68
CA GLN B 26 -8.09 10.98 -12.87
C GLN B 26 -8.60 10.22 -14.09
N GLY A 1 -11.71 -27.22 9.10
CA GLY A 1 -13.00 -26.93 8.41
C GLY A 1 -13.24 -25.43 8.36
N SER A 2 -12.15 -24.66 8.34
CA SER A 2 -12.25 -23.20 8.30
C SER A 2 -12.63 -22.73 6.90
N GLU A 3 -13.05 -21.48 6.79
CA GLU A 3 -13.44 -20.91 5.50
C GLU A 3 -12.22 -20.78 4.59
N VAL A 4 -12.45 -20.94 3.29
CA VAL A 4 -11.35 -20.85 2.34
C VAL A 4 -10.79 -19.41 2.30
N PRO A 5 -9.50 -19.20 2.52
CA PRO A 5 -8.89 -17.84 2.49
C PRO A 5 -8.71 -17.33 1.06
N GLN A 6 -9.25 -16.14 0.78
CA GLN A 6 -9.14 -15.54 -0.55
C GLN A 6 -8.08 -14.45 -0.54
N LEU A 7 -7.27 -14.42 -1.59
CA LEU A 7 -6.21 -13.42 -1.69
C LEU A 7 -6.78 -12.09 -2.18
N THR A 8 -6.83 -11.12 -1.28
CA THR A 8 -7.34 -9.80 -1.62
C THR A 8 -6.24 -8.94 -2.24
N ASP A 9 -6.63 -7.85 -2.88
CA ASP A 9 -5.69 -6.94 -3.51
C ASP A 9 -5.94 -5.52 -3.07
N LEU A 10 -4.92 -4.69 -3.15
CA LEU A 10 -5.04 -3.30 -2.74
C LEU A 10 -6.02 -2.58 -3.65
N SER A 11 -6.79 -1.67 -3.07
CA SER A 11 -7.78 -0.89 -3.83
C SER A 11 -7.81 0.55 -3.36
N PHE A 12 -8.22 1.45 -4.25
CA PHE A 12 -8.31 2.88 -3.94
C PHE A 12 -9.76 3.33 -3.90
N VAL A 13 -10.06 4.27 -2.99
CA VAL A 13 -11.42 4.79 -2.86
C VAL A 13 -11.39 6.26 -2.46
N ASP A 14 -12.50 6.95 -2.67
CA ASP A 14 -12.59 8.36 -2.34
C ASP A 14 -11.47 9.14 -3.00
N ILE A 15 -11.04 8.68 -4.16
CA ILE A 15 -9.96 9.34 -4.89
C ILE A 15 -10.33 10.80 -5.16
N THR A 16 -9.34 11.68 -5.04
CA THR A 16 -9.56 13.11 -5.26
C THR A 16 -8.36 13.73 -5.99
N ASP A 17 -8.33 15.06 -6.03
CA ASP A 17 -7.24 15.78 -6.69
C ASP A 17 -6.10 16.03 -5.71
N SER A 18 -6.45 16.50 -4.50
CA SER A 18 -5.45 16.79 -3.47
C SER A 18 -5.59 15.86 -2.29
N SER A 19 -6.44 14.84 -2.43
CA SER A 19 -6.66 13.87 -1.37
C SER A 19 -7.06 12.53 -1.95
N ILE A 20 -6.62 11.46 -1.31
CA ILE A 20 -6.93 10.10 -1.77
C ILE A 20 -7.27 9.20 -0.59
N GLY A 21 -8.17 8.25 -0.80
CA GLY A 21 -8.57 7.33 0.27
C GLY A 21 -7.84 6.00 0.13
N LEU A 22 -6.62 5.94 0.63
CA LEU A 22 -5.83 4.72 0.56
C LEU A 22 -6.41 3.66 1.49
N ARG A 23 -6.78 2.52 0.92
CA ARG A 23 -7.35 1.43 1.70
C ARG A 23 -6.83 0.09 1.18
N TRP A 24 -6.46 -0.78 2.12
CA TRP A 24 -5.94 -2.11 1.77
C TRP A 24 -6.51 -3.15 2.70
N THR A 25 -6.55 -4.40 2.24
CA THR A 25 -7.07 -5.50 3.05
C THR A 25 -5.94 -6.44 3.46
N PRO A 26 -5.42 -6.32 4.65
CA PRO A 26 -4.32 -7.20 5.13
C PRO A 26 -4.65 -8.69 4.98
N LEU A 27 -3.60 -9.49 4.73
CA LEU A 27 -3.76 -10.94 4.56
C LEU A 27 -3.66 -11.63 5.90
N ASN A 28 -4.48 -12.65 6.05
CA ASN A 28 -4.50 -13.41 7.28
C ASN A 28 -3.09 -13.82 7.67
N SER A 29 -2.28 -14.14 6.66
CA SER A 29 -0.90 -14.53 6.90
C SER A 29 -0.03 -13.29 7.15
N SER A 30 -0.37 -12.19 6.49
CA SER A 30 0.38 -10.94 6.65
C SER A 30 0.34 -10.49 8.11
N THR A 31 1.50 -10.17 8.66
CA THR A 31 1.59 -9.72 10.05
C THR A 31 0.88 -8.37 10.21
N ILE A 32 0.20 -8.19 11.34
CA ILE A 32 -0.51 -6.95 11.61
C ILE A 32 0.35 -5.99 12.42
N ILE A 33 1.11 -5.15 11.72
CA ILE A 33 1.99 -4.18 12.38
C ILE A 33 1.84 -2.81 11.73
N GLY A 34 1.93 -1.76 12.53
CA GLY A 34 1.79 -0.42 12.00
C GLY A 34 2.55 -0.24 10.70
N TYR A 35 1.80 -0.05 9.63
CA TYR A 35 2.36 0.15 8.31
C TYR A 35 2.56 1.64 8.07
N ARG A 36 3.80 2.04 7.83
CA ARG A 36 4.11 3.44 7.59
C ARG A 36 4.03 3.75 6.10
N ILE A 37 3.38 4.87 5.77
CA ILE A 37 3.21 5.31 4.38
C ILE A 37 4.32 6.27 4.02
N THR A 38 4.63 6.36 2.72
CA THR A 38 5.67 7.27 2.26
C THR A 38 5.18 8.09 1.07
N VAL A 39 5.35 9.41 1.14
CA VAL A 39 4.91 10.30 0.07
C VAL A 39 6.00 11.32 -0.26
N VAL A 40 6.24 11.55 -1.56
CA VAL A 40 7.25 12.51 -2.00
C VAL A 40 6.66 13.43 -3.04
N ALA A 41 6.80 14.73 -2.82
CA ALA A 41 6.28 15.72 -3.76
C ALA A 41 7.39 16.13 -4.71
N ALA A 42 7.04 16.34 -5.97
CA ALA A 42 8.04 16.75 -6.97
C ALA A 42 8.01 18.26 -7.16
N GLY A 43 6.80 18.83 -7.25
CA GLY A 43 6.64 20.27 -7.44
C GLY A 43 6.95 21.02 -6.15
N GLU A 44 7.86 20.47 -5.36
CA GLU A 44 8.24 21.09 -4.09
C GLU A 44 9.72 20.83 -3.79
N GLY A 45 10.33 21.77 -3.07
CA GLY A 45 11.73 21.65 -2.70
C GLY A 45 11.91 20.64 -1.58
N ILE A 46 10.81 20.29 -0.92
CA ILE A 46 10.86 19.32 0.19
C ILE A 46 9.68 18.34 0.11
N PRO A 47 9.91 17.07 0.37
CA PRO A 47 8.83 16.04 0.37
C PRO A 47 7.94 16.13 1.61
N ILE A 48 6.76 15.53 1.53
CA ILE A 48 5.83 15.54 2.66
C ILE A 48 6.29 14.54 3.72
N PHE A 49 6.13 14.91 4.98
CA PHE A 49 6.53 14.03 6.08
C PHE A 49 5.70 12.76 6.07
N GLU A 50 6.35 11.64 6.37
CA GLU A 50 5.68 10.35 6.41
C GLU A 50 4.86 10.22 7.67
N ASP A 51 3.73 9.52 7.55
CA ASP A 51 2.84 9.32 8.70
C ASP A 51 2.82 7.85 9.10
N PHE A 52 2.58 7.59 10.39
CA PHE A 52 2.52 6.23 10.91
C PHE A 52 1.09 5.89 11.33
N VAL A 53 0.55 4.82 10.73
CA VAL A 53 -0.82 4.39 11.03
C VAL A 53 -0.84 2.92 11.39
N ASP A 54 -1.61 2.57 12.42
CA ASP A 54 -1.73 1.19 12.85
C ASP A 54 -2.38 0.34 11.76
N SER A 55 -1.87 -0.86 11.57
CA SER A 55 -2.41 -1.77 10.55
C SER A 55 -3.89 -2.05 10.81
N SER A 56 -4.28 -2.00 12.07
CA SER A 56 -5.67 -2.24 12.44
C SER A 56 -6.59 -1.31 11.68
N VAL A 57 -6.11 -0.10 11.39
CA VAL A 57 -6.92 0.88 10.70
C VAL A 57 -7.29 0.34 9.31
N GLY A 58 -6.33 -0.24 8.62
CA GLY A 58 -6.57 -0.79 7.28
C GLY A 58 -6.81 0.32 6.26
N TYR A 59 -6.47 1.54 6.65
CA TYR A 59 -6.65 2.70 5.76
C TYR A 59 -6.02 3.96 6.34
N TYR A 60 -5.72 4.92 5.48
CA TYR A 60 -5.16 6.19 5.93
C TYR A 60 -5.45 7.29 4.92
N THR A 61 -5.48 8.52 5.40
CA THR A 61 -5.76 9.67 4.53
C THR A 61 -4.55 10.59 4.46
N VAL A 62 -4.20 11.00 3.25
CA VAL A 62 -3.07 11.91 3.03
C VAL A 62 -3.50 13.05 2.11
N THR A 63 -3.79 14.21 2.71
CA THR A 63 -4.22 15.39 1.93
C THR A 63 -3.14 16.45 1.94
N GLY A 64 -3.26 17.40 1.01
CA GLY A 64 -2.30 18.49 0.88
C GLY A 64 -1.46 18.35 -0.38
N LEU A 65 -1.84 17.42 -1.26
CA LEU A 65 -1.09 17.21 -2.50
C LEU A 65 -1.56 18.22 -3.55
N GLU A 66 -0.73 19.20 -3.84
CA GLU A 66 -1.10 20.21 -4.81
C GLU A 66 -1.46 19.60 -6.18
N PRO A 67 -2.51 20.09 -6.83
CA PRO A 67 -2.93 19.59 -8.17
C PRO A 67 -2.01 20.08 -9.27
N GLY A 68 -1.95 19.30 -10.35
CA GLY A 68 -1.13 19.65 -11.48
C GLY A 68 0.35 19.43 -11.20
N ILE A 69 0.65 18.82 -10.06
CA ILE A 69 2.03 18.55 -9.65
C ILE A 69 2.24 17.05 -9.56
N ASP A 70 3.46 16.63 -9.87
CA ASP A 70 3.82 15.22 -9.84
C ASP A 70 4.22 14.81 -8.44
N TYR A 71 3.42 13.94 -7.83
CA TYR A 71 3.69 13.45 -6.48
C TYR A 71 4.15 12.01 -6.52
N ASP A 72 5.35 11.79 -6.02
CA ASP A 72 5.94 10.45 -5.98
C ASP A 72 5.55 9.79 -4.66
N ILE A 73 4.84 8.68 -4.75
CA ILE A 73 4.38 7.96 -3.55
C ILE A 73 5.07 6.61 -3.45
N SER A 74 5.02 6.04 -2.26
CA SER A 74 5.64 4.74 -2.01
C SER A 74 4.93 4.02 -0.87
N VAL A 75 4.36 2.85 -1.16
CA VAL A 75 3.67 2.07 -0.14
C VAL A 75 4.55 0.90 0.29
N ILE A 76 5.20 1.04 1.44
CA ILE A 76 6.09 0.00 1.94
C ILE A 76 5.32 -0.94 2.87
N THR A 77 4.95 -2.10 2.34
CA THR A 77 4.23 -3.08 3.13
C THR A 77 5.21 -3.80 4.03
N LEU A 78 5.09 -3.57 5.33
CA LEU A 78 5.98 -4.19 6.31
C LEU A 78 5.23 -5.21 7.17
N ILE A 79 5.67 -6.46 7.12
CA ILE A 79 5.05 -7.52 7.92
C ILE A 79 6.10 -8.53 8.36
N ASN A 80 5.97 -9.04 9.58
CA ASN A 80 6.93 -10.01 10.09
C ASN A 80 6.96 -11.27 9.22
N GLY A 81 5.80 -11.89 9.05
CA GLY A 81 5.69 -13.09 8.22
C GLY A 81 6.35 -14.28 8.91
N GLY A 82 5.53 -15.21 9.37
CA GLY A 82 6.05 -16.41 10.04
C GLY A 82 7.06 -17.12 9.16
N GLU A 83 7.66 -18.18 9.71
CA GLU A 83 8.66 -18.95 8.97
C GLU A 83 8.03 -19.61 7.74
N SER A 84 8.77 -19.63 6.65
CA SER A 84 8.27 -20.24 5.41
C SER A 84 8.21 -21.75 5.56
N ALA A 85 7.17 -22.37 5.00
CA ALA A 85 7.01 -23.81 5.06
C ALA A 85 5.76 -24.25 4.31
N PRO A 86 5.62 -23.84 3.08
CA PRO A 86 4.45 -24.19 2.23
C PRO A 86 4.41 -25.69 1.92
N THR A 87 3.21 -26.21 1.71
CA THR A 87 3.04 -27.63 1.41
C THR A 87 2.94 -27.83 -0.10
N THR A 88 3.86 -28.61 -0.65
CA THR A 88 3.88 -28.89 -2.08
C THR A 88 2.99 -30.07 -2.41
N LEU A 89 2.63 -30.22 -3.68
CA LEU A 89 1.78 -31.32 -4.11
C LEU A 89 2.58 -32.62 -4.15
N THR A 90 1.96 -33.70 -3.69
CA THR A 90 2.63 -35.00 -3.69
C THR A 90 2.54 -35.64 -5.07
N GLN A 91 3.37 -36.65 -5.30
CA GLN A 91 3.39 -37.35 -6.58
C GLN A 91 2.30 -38.41 -6.62
N GLN A 92 1.64 -38.52 -7.76
CA GLN A 92 0.56 -39.51 -7.92
C GLN A 92 1.15 -40.92 -7.94
N THR A 93 0.63 -41.75 -8.85
CA THR A 93 1.11 -43.13 -8.97
C THR A 93 0.96 -43.61 -10.41
N SER B 1 -18.03 1.00 -15.91
CA SER B 1 -17.45 1.58 -14.65
C SER B 1 -16.04 2.08 -14.94
N SER B 2 -15.83 3.38 -14.72
CA SER B 2 -14.51 3.97 -14.95
C SER B 2 -13.55 3.52 -13.86
N SER B 3 -12.30 3.26 -14.25
CA SER B 3 -11.27 2.85 -13.29
C SER B 3 -10.01 3.72 -13.46
N PRO B 4 -9.74 4.63 -12.54
CA PRO B 4 -8.53 5.51 -12.63
C PRO B 4 -7.28 4.80 -12.12
N ILE B 5 -7.41 3.50 -11.83
CA ILE B 5 -6.29 2.72 -11.33
C ILE B 5 -6.35 1.29 -11.86
N GLN B 6 -5.17 0.75 -12.13
CA GLN B 6 -5.07 -0.62 -12.62
C GLN B 6 -3.60 -1.02 -12.83
N GLY B 7 -2.91 -1.30 -11.74
CA GLY B 7 -1.50 -1.68 -11.80
C GLY B 7 -1.31 -3.16 -11.46
N SER B 8 -0.26 -3.45 -10.72
CA SER B 8 0.02 -4.82 -10.33
C SER B 8 1.07 -4.86 -9.22
N TRP B 9 1.29 -6.05 -8.67
CA TRP B 9 2.28 -6.23 -7.61
C TRP B 9 3.66 -6.51 -8.22
N THR B 10 4.67 -5.78 -7.75
CA THR B 10 6.04 -5.97 -8.26
C THR B 10 6.91 -6.61 -7.19
N TRP B 11 7.67 -7.63 -7.59
CA TRP B 11 8.56 -8.32 -6.66
C TRP B 11 9.97 -7.72 -6.73
N GLU B 12 10.42 -7.17 -5.60
CA GLU B 12 11.76 -6.58 -5.55
C GLU B 12 12.19 -6.37 -4.10
N ASN B 13 13.47 -6.09 -3.92
CA ASN B 13 13.97 -5.80 -2.58
C ASN B 13 13.51 -6.86 -1.58
N GLY B 14 13.47 -8.11 -2.01
CA GLY B 14 13.05 -9.19 -1.13
C GLY B 14 11.73 -8.86 -0.44
N LYS B 15 11.01 -7.88 -0.97
CA LYS B 15 9.72 -7.47 -0.39
C LYS B 15 8.73 -7.09 -1.48
N TRP B 16 7.45 -7.31 -1.21
CA TRP B 16 6.40 -6.97 -2.17
C TRP B 16 6.00 -5.51 -1.99
N THR B 17 6.25 -4.71 -3.02
CA THR B 17 5.93 -3.28 -2.99
C THR B 17 5.07 -2.90 -4.19
N TRP B 18 4.08 -2.05 -3.96
CA TRP B 18 3.20 -1.57 -5.02
C TRP B 18 3.53 -0.12 -5.37
N LYS B 19 3.98 0.10 -6.60
CA LYS B 19 4.33 1.45 -7.04
C LYS B 19 3.96 1.66 -8.49
N GLY B 20 4.13 2.89 -8.95
CA GLY B 20 3.81 3.21 -10.33
C GLY B 20 4.16 4.65 -10.66
N ILE B 21 3.56 5.18 -11.72
CA ILE B 21 3.87 6.54 -12.16
C ILE B 21 3.75 7.51 -10.99
N ILE B 22 2.53 7.78 -10.59
CA ILE B 22 2.26 8.70 -9.48
C ILE B 22 0.86 8.46 -8.91
N ARG B 23 0.41 9.42 -8.09
CA ARG B 23 -0.91 9.34 -7.49
C ARG B 23 -1.95 8.87 -8.51
N LEU B 24 -3.15 8.66 -8.04
CA LEU B 24 -4.22 8.21 -8.91
C LEU B 24 -4.45 9.21 -10.04
N GLU B 25 -4.45 8.71 -11.27
CA GLU B 25 -4.65 9.53 -12.45
C GLU B 25 -6.03 9.27 -13.05
N GLN B 26 -6.63 10.32 -13.60
CA GLN B 26 -7.94 10.20 -14.20
C GLN B 26 -7.83 9.62 -15.61
N GLY A 1 -21.16 -22.74 -4.73
CA GLY A 1 -22.26 -21.78 -5.02
C GLY A 1 -21.92 -20.42 -4.42
N SER A 2 -20.94 -20.39 -3.54
CA SER A 2 -20.53 -19.15 -2.88
C SER A 2 -19.05 -19.21 -2.49
N GLU A 3 -18.19 -18.68 -3.36
CA GLU A 3 -16.76 -18.67 -3.09
C GLU A 3 -16.38 -17.47 -2.24
N VAL A 4 -15.30 -17.61 -1.48
CA VAL A 4 -14.81 -16.54 -0.60
C VAL A 4 -13.29 -16.54 -0.54
N PRO A 5 -12.64 -16.03 -1.55
CA PRO A 5 -11.16 -15.98 -1.61
C PRO A 5 -10.57 -15.24 -0.41
N GLN A 6 -9.47 -15.77 0.12
CA GLN A 6 -8.81 -15.17 1.27
C GLN A 6 -7.85 -14.07 0.82
N LEU A 7 -7.26 -14.26 -0.36
CA LEU A 7 -6.33 -13.28 -0.91
C LEU A 7 -7.09 -12.17 -1.64
N THR A 8 -6.75 -10.92 -1.31
CA THR A 8 -7.40 -9.77 -1.93
C THR A 8 -6.35 -8.77 -2.41
N ASP A 9 -6.75 -7.91 -3.34
CA ASP A 9 -5.84 -6.89 -3.90
C ASP A 9 -6.17 -5.52 -3.32
N LEU A 10 -5.18 -4.64 -3.32
CA LEU A 10 -5.37 -3.30 -2.79
C LEU A 10 -6.39 -2.55 -3.62
N SER A 11 -7.12 -1.63 -2.97
CA SER A 11 -8.14 -0.84 -3.66
C SER A 11 -8.10 0.60 -3.18
N PHE A 12 -8.60 1.51 -4.02
CA PHE A 12 -8.63 2.94 -3.70
C PHE A 12 -10.06 3.41 -3.48
N VAL A 13 -10.22 4.37 -2.57
CA VAL A 13 -11.54 4.92 -2.28
C VAL A 13 -11.44 6.39 -1.92
N ASP A 14 -12.55 7.12 -2.09
CA ASP A 14 -12.59 8.53 -1.78
C ASP A 14 -11.48 9.29 -2.51
N ILE A 15 -11.12 8.79 -3.70
CA ILE A 15 -10.07 9.43 -4.49
C ILE A 15 -10.41 10.89 -4.74
N THR A 16 -9.38 11.74 -4.69
CA THR A 16 -9.56 13.18 -4.91
C THR A 16 -8.39 13.76 -5.71
N ASP A 17 -8.33 15.08 -5.79
CA ASP A 17 -7.24 15.75 -6.52
C ASP A 17 -6.07 16.02 -5.60
N SER A 18 -6.36 16.46 -4.37
CA SER A 18 -5.32 16.77 -3.39
C SER A 18 -5.39 15.82 -2.19
N SER A 19 -6.26 14.82 -2.28
CA SER A 19 -6.41 13.84 -1.21
C SER A 19 -6.88 12.50 -1.78
N ILE A 20 -6.46 11.42 -1.15
CA ILE A 20 -6.84 10.07 -1.58
C ILE A 20 -7.12 9.18 -0.37
N GLY A 21 -8.07 8.27 -0.51
CA GLY A 21 -8.44 7.36 0.59
C GLY A 21 -7.83 5.98 0.36
N LEU A 22 -6.56 5.82 0.71
CA LEU A 22 -5.90 4.54 0.53
C LEU A 22 -6.48 3.52 1.50
N ARG A 23 -7.01 2.42 0.96
CA ARG A 23 -7.59 1.37 1.79
C ARG A 23 -7.29 0.00 1.21
N TRP A 24 -6.94 -0.95 2.09
CA TRP A 24 -6.63 -2.30 1.66
C TRP A 24 -7.16 -3.28 2.71
N THR A 25 -7.30 -4.55 2.33
CA THR A 25 -7.77 -5.57 3.26
C THR A 25 -6.57 -6.37 3.76
N PRO A 26 -6.09 -6.14 4.96
CA PRO A 26 -4.90 -6.90 5.45
C PRO A 26 -5.08 -8.41 5.38
N LEU A 27 -3.97 -9.14 5.19
CA LEU A 27 -4.02 -10.60 5.10
C LEU A 27 -3.92 -11.23 6.47
N ASN A 28 -4.79 -12.19 6.70
CA ASN A 28 -4.81 -12.90 7.96
C ASN A 28 -3.41 -13.33 8.35
N SER A 29 -2.60 -13.65 7.34
CA SER A 29 -1.21 -14.04 7.58
C SER A 29 -0.33 -12.82 7.79
N SER A 30 -0.64 -11.72 7.10
CA SER A 30 0.14 -10.50 7.24
C SER A 30 0.20 -10.07 8.70
N THR A 31 1.41 -9.86 9.20
CA THR A 31 1.58 -9.44 10.59
C THR A 31 0.92 -8.08 10.82
N ILE A 32 0.51 -7.83 12.06
CA ILE A 32 -0.18 -6.58 12.40
C ILE A 32 0.79 -5.55 12.99
N ILE A 33 1.32 -4.67 12.13
CA ILE A 33 2.25 -3.63 12.59
C ILE A 33 1.94 -2.31 11.90
N GLY A 34 2.31 -1.20 12.54
CA GLY A 34 2.05 0.10 11.96
C GLY A 34 2.80 0.28 10.64
N TYR A 35 2.05 0.38 9.56
CA TYR A 35 2.64 0.56 8.24
C TYR A 35 3.00 2.02 8.02
N ARG A 36 4.13 2.26 7.37
CA ARG A 36 4.59 3.62 7.10
C ARG A 36 4.38 3.98 5.65
N ILE A 37 3.59 5.01 5.41
CA ILE A 37 3.29 5.46 4.05
C ILE A 37 4.25 6.60 3.68
N THR A 38 4.99 6.43 2.59
CA THR A 38 5.95 7.45 2.16
C THR A 38 5.47 8.12 0.87
N VAL A 39 5.49 9.45 0.86
CA VAL A 39 5.05 10.23 -0.30
C VAL A 39 6.11 11.26 -0.69
N VAL A 40 6.25 11.49 -2.00
CA VAL A 40 7.23 12.44 -2.51
C VAL A 40 6.57 13.36 -3.53
N ALA A 41 6.79 14.65 -3.37
CA ALA A 41 6.24 15.65 -4.28
C ALA A 41 7.31 16.05 -5.30
N ALA A 42 6.93 16.22 -6.56
CA ALA A 42 7.89 16.60 -7.59
C ALA A 42 7.84 18.11 -7.85
N GLY A 43 6.74 18.73 -7.43
CA GLY A 43 6.57 20.18 -7.61
C GLY A 43 6.91 20.94 -6.33
N GLU A 44 7.86 20.37 -5.57
CA GLU A 44 8.28 21.00 -4.32
C GLU A 44 9.77 20.73 -4.06
N GLY A 45 10.41 21.68 -3.39
CA GLY A 45 11.82 21.54 -3.09
C GLY A 45 12.06 20.44 -2.06
N ILE A 46 11.00 20.11 -1.30
CA ILE A 46 11.11 19.06 -0.27
C ILE A 46 9.88 18.13 -0.32
N PRO A 47 10.07 16.84 -0.13
CA PRO A 47 8.95 15.85 -0.13
C PRO A 47 8.11 15.94 1.14
N ILE A 48 6.90 15.38 1.08
CA ILE A 48 6.01 15.41 2.24
C ILE A 48 6.44 14.39 3.28
N PHE A 49 6.13 14.67 4.54
CA PHE A 49 6.51 13.76 5.63
C PHE A 49 5.68 12.49 5.58
N GLU A 50 6.30 11.38 5.98
CA GLU A 50 5.63 10.09 6.00
C GLU A 50 4.81 9.93 7.27
N ASP A 51 3.68 9.25 7.14
CA ASP A 51 2.77 9.02 8.27
C ASP A 51 2.75 7.53 8.63
N PHE A 52 2.46 7.25 9.90
CA PHE A 52 2.39 5.87 10.39
C PHE A 52 0.99 5.56 10.91
N VAL A 53 0.41 4.45 10.44
CA VAL A 53 -0.94 4.06 10.86
C VAL A 53 -0.97 2.58 11.27
N ASP A 54 -1.67 2.29 12.35
CA ASP A 54 -1.79 0.92 12.83
C ASP A 54 -2.38 0.02 11.74
N SER A 55 -1.88 -1.21 11.67
CA SER A 55 -2.34 -2.17 10.67
C SER A 55 -3.83 -2.45 10.86
N SER A 56 -4.27 -2.47 12.12
CA SER A 56 -5.67 -2.74 12.44
C SER A 56 -6.59 -1.77 11.72
N VAL A 57 -6.13 -0.53 11.55
CA VAL A 57 -6.93 0.48 10.88
C VAL A 57 -7.20 0.07 9.43
N GLY A 58 -6.17 -0.39 8.74
CA GLY A 58 -6.32 -0.81 7.36
C GLY A 58 -6.77 0.36 6.48
N TYR A 59 -6.48 1.58 6.93
CA TYR A 59 -6.88 2.77 6.18
C TYR A 59 -6.15 4.01 6.68
N TYR A 60 -5.93 4.96 5.77
CA TYR A 60 -5.27 6.20 6.12
C TYR A 60 -5.65 7.30 5.13
N THR A 61 -5.57 8.55 5.58
CA THR A 61 -5.89 9.69 4.73
C THR A 61 -4.65 10.57 4.57
N VAL A 62 -4.37 10.96 3.33
CA VAL A 62 -3.23 11.81 3.02
C VAL A 62 -3.69 12.97 2.13
N THR A 63 -3.64 14.19 2.67
CA THR A 63 -4.07 15.37 1.91
C THR A 63 -2.95 16.40 1.88
N GLY A 64 -3.02 17.29 0.90
CA GLY A 64 -2.01 18.33 0.75
C GLY A 64 -1.12 18.06 -0.47
N LEU A 65 -1.73 17.58 -1.54
CA LEU A 65 -0.99 17.29 -2.78
C LEU A 65 -1.44 18.26 -3.86
N GLU A 66 -0.59 19.23 -4.18
CA GLU A 66 -0.93 20.23 -5.17
C GLU A 66 -1.39 19.60 -6.49
N PRO A 67 -2.44 20.11 -7.10
CA PRO A 67 -2.95 19.59 -8.40
C PRO A 67 -2.06 20.01 -9.56
N GLY A 68 -2.10 19.22 -10.62
CA GLY A 68 -1.29 19.52 -11.80
C GLY A 68 0.19 19.28 -11.53
N ILE A 69 0.51 18.69 -10.37
CA ILE A 69 1.90 18.42 -10.01
C ILE A 69 2.09 16.91 -9.90
N ASP A 70 3.26 16.46 -10.30
CA ASP A 70 3.59 15.05 -10.26
C ASP A 70 4.04 14.65 -8.86
N TYR A 71 3.24 13.82 -8.20
CA TYR A 71 3.54 13.36 -6.85
C TYR A 71 3.96 11.90 -6.86
N ASP A 72 5.18 11.66 -6.42
CA ASP A 72 5.73 10.32 -6.36
C ASP A 72 5.37 9.67 -5.01
N ILE A 73 4.56 8.61 -5.05
CA ILE A 73 4.14 7.93 -3.83
C ILE A 73 4.75 6.54 -3.76
N SER A 74 4.66 5.94 -2.59
CA SER A 74 5.17 4.59 -2.37
C SER A 74 4.43 3.92 -1.23
N VAL A 75 4.35 2.59 -1.28
CA VAL A 75 3.67 1.83 -0.24
C VAL A 75 4.58 0.68 0.22
N ILE A 76 5.23 0.85 1.36
CA ILE A 76 6.13 -0.19 1.87
C ILE A 76 5.35 -1.20 2.71
N THR A 77 5.46 -2.47 2.33
CA THR A 77 4.76 -3.54 3.06
C THR A 77 5.75 -4.33 3.90
N LEU A 78 5.67 -4.15 5.21
CA LEU A 78 6.56 -4.85 6.14
C LEU A 78 5.76 -5.69 7.11
N ILE A 79 5.99 -6.99 7.08
CA ILE A 79 5.30 -7.92 7.99
C ILE A 79 6.26 -8.99 8.48
N ASN A 80 6.09 -9.39 9.74
CA ASN A 80 6.96 -10.40 10.33
C ASN A 80 6.78 -11.74 9.63
N GLY A 81 5.53 -12.21 9.56
CA GLY A 81 5.23 -13.47 8.91
C GLY A 81 5.95 -14.63 9.61
N GLY A 82 6.72 -14.31 10.64
CA GLY A 82 7.46 -15.33 11.38
C GLY A 82 6.69 -15.76 12.63
N GLU A 83 6.11 -16.96 12.57
CA GLU A 83 5.35 -17.48 13.70
C GLU A 83 6.28 -18.15 14.70
N SER A 84 5.83 -18.23 15.95
CA SER A 84 6.65 -18.83 17.00
C SER A 84 6.69 -20.35 16.83
N ALA A 85 7.76 -20.97 17.32
CA ALA A 85 7.92 -22.41 17.24
C ALA A 85 8.22 -22.83 15.78
N PRO A 86 8.39 -24.12 15.54
CA PRO A 86 8.67 -24.65 14.17
C PRO A 86 7.52 -24.39 13.21
N THR A 87 7.85 -24.31 11.92
CA THR A 87 6.84 -24.05 10.89
C THR A 87 6.97 -25.09 9.78
N THR A 88 5.89 -25.25 9.01
CA THR A 88 5.88 -26.21 7.90
C THR A 88 5.08 -25.64 6.73
N LEU A 89 4.96 -26.44 5.68
CA LEU A 89 4.22 -26.01 4.49
C LEU A 89 2.76 -26.42 4.60
N THR A 90 1.88 -25.48 4.30
CA THR A 90 0.45 -25.73 4.37
C THR A 90 -0.02 -26.51 3.13
N GLN A 91 -1.09 -27.27 3.28
CA GLN A 91 -1.62 -28.06 2.18
C GLN A 91 -2.39 -27.16 1.21
N GLN A 92 -2.20 -27.39 -0.08
CA GLN A 92 -2.87 -26.59 -1.10
C GLN A 92 -4.39 -26.83 -1.04
N THR A 93 -5.08 -26.02 -0.24
CA THR A 93 -6.52 -26.15 -0.10
C THR A 93 -7.23 -25.51 -1.30
N SER B 1 -16.92 0.91 -16.49
CA SER B 1 -16.03 2.11 -16.55
C SER B 1 -14.63 1.72 -16.07
N SER B 2 -13.62 2.20 -16.78
CA SER B 2 -12.23 1.90 -16.43
C SER B 2 -11.86 2.64 -15.14
N SER B 3 -10.86 2.10 -14.42
CA SER B 3 -10.42 2.71 -13.17
C SER B 3 -9.31 3.74 -13.44
N PRO B 4 -9.21 4.77 -12.61
CA PRO B 4 -8.16 5.83 -12.79
C PRO B 4 -6.75 5.31 -12.49
N ILE B 5 -6.64 4.01 -12.27
CA ILE B 5 -5.36 3.39 -11.98
C ILE B 5 -5.32 1.94 -12.45
N GLN B 6 -4.14 1.48 -12.79
CA GLN B 6 -3.97 0.10 -13.23
C GLN B 6 -2.54 -0.37 -13.03
N GLY B 7 -2.17 -0.65 -11.78
CA GLY B 7 -0.83 -1.10 -11.44
C GLY B 7 -0.81 -2.58 -11.09
N SER B 8 0.22 -3.01 -10.39
CA SER B 8 0.34 -4.39 -9.99
C SER B 8 1.38 -4.55 -8.89
N TRP B 9 1.44 -5.75 -8.30
CA TRP B 9 2.42 -6.00 -7.24
C TRP B 9 3.76 -6.37 -7.84
N THR B 10 4.81 -5.66 -7.43
CA THR B 10 6.17 -5.92 -7.94
C THR B 10 7.03 -6.56 -6.87
N TRP B 11 7.83 -7.55 -7.28
CA TRP B 11 8.73 -8.24 -6.35
C TRP B 11 10.12 -7.63 -6.40
N GLU B 12 10.54 -7.06 -5.27
CA GLU B 12 11.86 -6.45 -5.19
C GLU B 12 12.27 -6.24 -3.73
N ASN B 13 13.54 -5.94 -3.51
CA ASN B 13 14.01 -5.66 -2.17
C ASN B 13 13.55 -6.73 -1.17
N GLY B 14 13.46 -7.98 -1.62
CA GLY B 14 13.04 -9.07 -0.75
C GLY B 14 11.70 -8.78 -0.08
N LYS B 15 11.01 -7.76 -0.59
CA LYS B 15 9.70 -7.37 -0.04
C LYS B 15 8.77 -6.93 -1.15
N TRP B 16 7.46 -7.13 -0.94
CA TRP B 16 6.47 -6.75 -1.94
C TRP B 16 6.11 -5.27 -1.79
N THR B 17 6.38 -4.49 -2.82
CA THR B 17 6.10 -3.05 -2.79
C THR B 17 5.25 -2.65 -4.00
N TRP B 18 4.25 -1.80 -3.75
CA TRP B 18 3.36 -1.34 -4.81
C TRP B 18 3.80 0.05 -5.28
N LYS B 19 4.13 0.15 -6.57
CA LYS B 19 4.57 1.41 -7.15
C LYS B 19 4.02 1.57 -8.57
N GLY B 20 4.10 2.79 -9.07
CA GLY B 20 3.61 3.07 -10.41
C GLY B 20 3.90 4.52 -10.81
N ILE B 21 3.17 5.01 -11.81
CA ILE B 21 3.40 6.37 -12.29
C ILE B 21 3.33 7.38 -11.13
N ILE B 22 2.12 7.69 -10.69
CA ILE B 22 1.92 8.65 -9.61
C ILE B 22 0.53 8.46 -9.00
N ARG B 23 0.12 9.43 -8.20
CA ARG B 23 -1.20 9.40 -7.58
C ARG B 23 -2.26 9.01 -8.58
N LEU B 24 -3.47 8.84 -8.09
CA LEU B 24 -4.57 8.46 -8.94
C LEU B 24 -4.78 9.48 -10.06
N GLU B 25 -4.73 9.01 -11.29
CA GLU B 25 -4.90 9.86 -12.46
C GLU B 25 -6.15 9.45 -13.22
N GLN B 26 -6.77 10.43 -13.89
CA GLN B 26 -7.98 10.19 -14.64
C GLN B 26 -7.65 9.39 -15.91
N GLY A 1 -18.33 -21.29 -12.95
CA GLY A 1 -18.31 -19.86 -12.56
C GLY A 1 -18.45 -19.74 -11.05
N SER A 2 -17.33 -19.88 -10.34
CA SER A 2 -17.34 -19.78 -8.88
C SER A 2 -16.00 -19.26 -8.38
N GLU A 3 -15.98 -18.00 -7.96
CA GLU A 3 -14.75 -17.39 -7.44
C GLU A 3 -14.74 -17.40 -5.93
N VAL A 4 -14.02 -18.36 -5.35
CA VAL A 4 -13.94 -18.46 -3.91
C VAL A 4 -12.92 -17.47 -3.36
N PRO A 5 -13.09 -17.05 -2.13
CA PRO A 5 -12.13 -16.10 -1.47
C PRO A 5 -10.68 -16.56 -1.59
N GLN A 6 -9.78 -15.61 -1.76
CA GLN A 6 -8.36 -15.93 -1.88
C GLN A 6 -7.51 -14.70 -1.58
N LEU A 7 -6.37 -14.59 -2.26
CA LEU A 7 -5.47 -13.47 -2.05
C LEU A 7 -6.21 -12.15 -2.31
N THR A 8 -6.09 -11.22 -1.37
CA THR A 8 -6.74 -9.92 -1.50
C THR A 8 -5.90 -9.00 -2.37
N ASP A 9 -6.49 -7.88 -2.78
CA ASP A 9 -5.79 -6.91 -3.63
C ASP A 9 -6.05 -5.50 -3.13
N LEU A 10 -5.03 -4.66 -3.21
CA LEU A 10 -5.14 -3.28 -2.77
C LEU A 10 -6.15 -2.53 -3.62
N SER A 11 -6.90 -1.61 -3.00
CA SER A 11 -7.90 -0.83 -3.71
C SER A 11 -7.89 0.62 -3.24
N PHE A 12 -8.31 1.52 -4.12
CA PHE A 12 -8.34 2.95 -3.79
C PHE A 12 -9.78 3.44 -3.69
N VAL A 13 -10.01 4.40 -2.80
CA VAL A 13 -11.35 4.96 -2.61
C VAL A 13 -11.27 6.44 -2.26
N ASP A 14 -12.38 7.14 -2.44
CA ASP A 14 -12.42 8.57 -2.14
C ASP A 14 -11.32 9.31 -2.89
N ILE A 15 -10.97 8.82 -4.08
CA ILE A 15 -9.94 9.46 -4.88
C ILE A 15 -10.29 10.92 -5.14
N THR A 16 -9.29 11.78 -5.04
CA THR A 16 -9.49 13.22 -5.24
C THR A 16 -8.32 13.82 -6.01
N ASP A 17 -8.27 15.14 -6.03
CA ASP A 17 -7.18 15.85 -6.71
C ASP A 17 -6.02 16.13 -5.76
N SER A 18 -6.35 16.54 -4.54
CA SER A 18 -5.33 16.85 -3.53
C SER A 18 -5.44 15.91 -2.34
N SER A 19 -6.32 14.92 -2.45
CA SER A 19 -6.51 13.95 -1.37
C SER A 19 -6.95 12.61 -1.93
N ILE A 20 -6.51 11.53 -1.30
CA ILE A 20 -6.87 10.18 -1.73
C ILE A 20 -7.15 9.28 -0.53
N GLY A 21 -8.09 8.36 -0.69
CA GLY A 21 -8.45 7.45 0.40
C GLY A 21 -7.76 6.10 0.24
N LEU A 22 -6.51 6.01 0.65
CA LEU A 22 -5.76 4.77 0.54
C LEU A 22 -6.35 3.72 1.46
N ARG A 23 -6.76 2.59 0.88
CA ARG A 23 -7.35 1.51 1.65
C ARG A 23 -6.84 0.17 1.16
N TRP A 24 -6.54 -0.73 2.10
CA TRP A 24 -6.05 -2.07 1.74
C TRP A 24 -6.61 -3.10 2.69
N THR A 25 -6.63 -4.36 2.24
CA THR A 25 -7.14 -5.45 3.07
C THR A 25 -6.00 -6.38 3.49
N PRO A 26 -5.47 -6.20 4.68
CA PRO A 26 -4.35 -7.05 5.18
C PRO A 26 -4.68 -8.54 5.11
N LEU A 27 -3.65 -9.35 4.86
CA LEU A 27 -3.83 -10.80 4.76
C LEU A 27 -3.80 -11.44 6.13
N ASN A 28 -4.70 -12.40 6.34
CA ASN A 28 -4.78 -13.10 7.61
C ASN A 28 -3.39 -13.58 8.02
N SER A 29 -2.57 -13.93 7.03
CA SER A 29 -1.22 -14.40 7.31
C SER A 29 -0.27 -13.21 7.53
N SER A 30 -0.52 -12.12 6.81
CA SER A 30 0.31 -10.93 6.94
C SER A 30 0.31 -10.44 8.39
N THR A 31 1.49 -10.11 8.88
CA THR A 31 1.64 -9.62 10.25
C THR A 31 0.86 -8.33 10.44
N ILE A 32 0.25 -8.17 11.62
CA ILE A 32 -0.53 -6.97 11.91
C ILE A 32 0.33 -5.94 12.62
N ILE A 33 0.93 -5.05 11.85
CA ILE A 33 1.79 -4.00 12.42
C ILE A 33 1.62 -2.70 11.65
N GLY A 34 1.50 -1.59 12.37
CA GLY A 34 1.33 -0.29 11.74
C GLY A 34 2.20 -0.17 10.50
N TYR A 35 1.58 0.30 9.41
CA TYR A 35 2.30 0.47 8.15
C TYR A 35 2.64 1.94 7.93
N ARG A 36 3.85 2.18 7.43
CA ARG A 36 4.30 3.55 7.19
C ARG A 36 4.14 3.90 5.70
N ILE A 37 3.42 4.98 5.44
CA ILE A 37 3.21 5.42 4.05
C ILE A 37 4.17 6.55 3.71
N THR A 38 4.95 6.36 2.65
CA THR A 38 5.91 7.38 2.23
C THR A 38 5.42 8.11 0.99
N VAL A 39 5.53 9.43 1.01
CA VAL A 39 5.09 10.25 -0.12
C VAL A 39 6.18 11.26 -0.47
N VAL A 40 6.36 11.50 -1.78
CA VAL A 40 7.37 12.46 -2.23
C VAL A 40 6.78 13.38 -3.29
N ALA A 41 7.01 14.68 -3.15
CA ALA A 41 6.52 15.64 -4.12
C ALA A 41 7.63 16.02 -5.10
N ALA A 42 7.28 16.15 -6.37
CA ALA A 42 8.26 16.49 -7.40
C ALA A 42 8.32 18.00 -7.60
N GLY A 43 7.15 18.65 -7.65
CA GLY A 43 7.09 20.09 -7.85
C GLY A 43 7.74 20.83 -6.70
N GLU A 44 7.64 20.26 -5.50
CA GLU A 44 8.21 20.89 -4.31
C GLU A 44 9.57 20.27 -4.00
N GLY A 45 10.58 21.12 -3.88
CA GLY A 45 11.94 20.66 -3.61
C GLY A 45 11.99 19.88 -2.32
N ILE A 46 10.87 19.87 -1.59
CA ILE A 46 10.81 19.14 -0.34
C ILE A 46 9.65 18.13 -0.37
N PRO A 47 9.89 16.91 0.05
CA PRO A 47 8.83 15.86 0.11
C PRO A 47 7.91 16.05 1.33
N ILE A 48 6.76 15.37 1.29
CA ILE A 48 5.81 15.45 2.39
C ILE A 48 6.16 14.44 3.47
N PHE A 49 5.91 14.80 4.72
CA PHE A 49 6.22 13.92 5.84
C PHE A 49 5.37 12.65 5.77
N GLU A 50 5.98 11.52 6.15
CA GLU A 50 5.28 10.24 6.12
C GLU A 50 4.23 10.20 7.21
N ASP A 51 3.55 9.05 7.32
CA ASP A 51 2.53 8.87 8.32
C ASP A 51 2.48 7.42 8.81
N PHE A 52 2.33 7.25 10.13
CA PHE A 52 2.27 5.91 10.71
C PHE A 52 0.85 5.61 11.17
N VAL A 53 0.25 4.56 10.60
CA VAL A 53 -1.12 4.16 10.96
C VAL A 53 -1.15 2.69 11.35
N ASP A 54 -1.87 2.39 12.42
CA ASP A 54 -1.98 1.01 12.90
C ASP A 54 -2.52 0.11 11.79
N SER A 55 -2.02 -1.12 11.74
CA SER A 55 -2.45 -2.07 10.73
C SER A 55 -3.94 -2.38 10.89
N SER A 56 -4.40 -2.40 12.12
CA SER A 56 -5.81 -2.69 12.40
C SER A 56 -6.72 -1.73 11.65
N VAL A 57 -6.25 -0.51 11.45
CA VAL A 57 -7.02 0.50 10.74
C VAL A 57 -7.26 0.06 9.28
N GLY A 58 -6.20 -0.40 8.63
CA GLY A 58 -6.30 -0.83 7.24
C GLY A 58 -6.78 0.31 6.35
N TYR A 59 -6.51 1.53 6.76
CA TYR A 59 -6.94 2.70 6.00
C TYR A 59 -6.22 3.96 6.49
N TYR A 60 -6.01 4.91 5.58
CA TYR A 60 -5.37 6.16 5.93
C TYR A 60 -5.71 7.23 4.91
N THR A 61 -5.55 8.50 5.31
CA THR A 61 -5.85 9.62 4.42
C THR A 61 -4.65 10.55 4.31
N VAL A 62 -4.36 10.97 3.09
CA VAL A 62 -3.23 11.88 2.84
C VAL A 62 -3.67 13.05 1.97
N THR A 63 -3.81 14.21 2.57
CA THR A 63 -4.22 15.41 1.83
C THR A 63 -3.11 16.43 1.82
N GLY A 64 -3.14 17.32 0.82
CA GLY A 64 -2.13 18.36 0.68
C GLY A 64 -1.22 18.08 -0.52
N LEU A 65 -1.82 17.63 -1.62
CA LEU A 65 -1.05 17.33 -2.83
C LEU A 65 -1.45 18.30 -3.94
N GLU A 66 -0.60 19.29 -4.16
CA GLU A 66 -0.88 20.30 -5.17
C GLU A 66 -1.29 19.65 -6.50
N PRO A 67 -2.32 20.17 -7.14
CA PRO A 67 -2.80 19.64 -8.45
C PRO A 67 -1.89 20.05 -9.60
N GLY A 68 -1.87 19.25 -10.64
CA GLY A 68 -1.05 19.53 -11.80
C GLY A 68 0.42 19.31 -11.50
N ILE A 69 0.71 18.67 -10.36
CA ILE A 69 2.09 18.40 -9.96
C ILE A 69 2.31 16.90 -9.86
N ASP A 70 3.53 16.48 -10.15
CA ASP A 70 3.88 15.08 -10.10
C ASP A 70 4.31 14.68 -8.69
N TYR A 71 3.50 13.85 -8.05
CA TYR A 71 3.82 13.39 -6.69
C TYR A 71 4.27 11.95 -6.70
N ASP A 72 5.49 11.73 -6.24
CA ASP A 72 6.05 10.38 -6.17
C ASP A 72 5.69 9.74 -4.85
N ILE A 73 4.94 8.64 -4.92
CA ILE A 73 4.50 7.93 -3.71
C ILE A 73 5.13 6.54 -3.66
N SER A 74 5.04 5.93 -2.49
CA SER A 74 5.59 4.59 -2.31
C SER A 74 4.89 3.85 -1.18
N VAL A 75 4.28 2.71 -1.49
CA VAL A 75 3.59 1.93 -0.46
C VAL A 75 4.48 0.77 -0.01
N ILE A 76 5.11 0.93 1.15
CA ILE A 76 5.99 -0.11 1.68
C ILE A 76 5.21 -1.09 2.53
N THR A 77 5.33 -2.38 2.22
CA THR A 77 4.63 -3.42 2.97
C THR A 77 5.62 -4.20 3.82
N LEU A 78 5.52 -4.04 5.13
CA LEU A 78 6.40 -4.73 6.07
C LEU A 78 5.61 -5.60 7.03
N ILE A 79 5.95 -6.89 7.07
CA ILE A 79 5.27 -7.80 7.98
C ILE A 79 6.25 -8.84 8.51
N ASN A 80 6.07 -9.24 9.77
CA ASN A 80 6.96 -10.22 10.39
C ASN A 80 6.84 -11.57 9.71
N GLY A 81 5.62 -12.08 9.59
CA GLY A 81 5.37 -13.36 8.93
C GLY A 81 5.03 -14.43 9.96
N GLY A 82 4.30 -15.45 9.53
CA GLY A 82 3.92 -16.53 10.43
C GLY A 82 4.95 -17.66 10.40
N GLU A 83 5.65 -17.84 11.53
CA GLU A 83 6.66 -18.88 11.63
C GLU A 83 6.03 -20.22 11.98
N SER A 84 6.63 -21.30 11.49
CA SER A 84 6.11 -22.63 11.77
C SER A 84 6.52 -23.07 13.17
N ALA A 85 5.56 -23.56 13.94
CA ALA A 85 5.84 -24.03 15.29
C ALA A 85 6.69 -25.30 15.24
N PRO A 86 6.19 -26.35 14.64
CA PRO A 86 6.93 -27.64 14.53
C PRO A 86 8.23 -27.49 13.77
N THR A 87 9.25 -28.24 14.17
CA THR A 87 10.55 -28.19 13.52
C THR A 87 11.11 -29.60 13.32
N THR A 88 11.43 -29.92 12.07
CA THR A 88 11.96 -31.25 11.74
C THR A 88 13.19 -31.10 10.83
N LEU A 89 14.25 -31.82 11.18
CA LEU A 89 15.49 -31.77 10.41
C LEU A 89 15.47 -32.84 9.32
N THR A 90 16.23 -32.61 8.26
CA THR A 90 16.29 -33.57 7.16
C THR A 90 17.01 -34.84 7.61
N GLN A 91 16.46 -35.99 7.22
CA GLN A 91 17.07 -37.28 7.58
C GLN A 91 17.95 -37.78 6.45
N GLN A 92 19.25 -37.90 6.73
CA GLN A 92 20.20 -38.37 5.73
C GLN A 92 19.94 -39.84 5.40
N THR A 93 19.50 -40.60 6.40
CA THR A 93 19.22 -42.02 6.22
C THR A 93 17.98 -42.43 7.00
N SER B 1 -17.63 -0.39 -15.87
CA SER B 1 -17.00 0.97 -15.89
C SER B 1 -15.52 0.85 -15.58
N SER B 2 -14.69 1.56 -16.35
CA SER B 2 -13.25 1.52 -16.14
C SER B 2 -12.88 2.27 -14.88
N SER B 3 -11.85 1.79 -14.19
CA SER B 3 -11.40 2.42 -12.96
C SER B 3 -10.25 3.39 -13.24
N PRO B 4 -10.11 4.42 -12.42
CA PRO B 4 -9.03 5.43 -12.58
C PRO B 4 -7.66 4.87 -12.23
N ILE B 5 -7.60 3.58 -11.91
CA ILE B 5 -6.35 2.93 -11.56
C ILE B 5 -6.34 1.48 -11.99
N GLN B 6 -5.16 0.97 -12.27
CA GLN B 6 -5.03 -0.43 -12.68
C GLN B 6 -3.55 -0.81 -12.80
N GLY B 7 -2.92 -1.07 -11.66
CA GLY B 7 -1.51 -1.45 -11.63
C GLY B 7 -1.33 -2.92 -11.28
N SER B 8 -0.24 -3.23 -10.59
CA SER B 8 0.04 -4.60 -10.19
C SER B 8 1.12 -4.64 -9.12
N TRP B 9 1.35 -5.82 -8.56
CA TRP B 9 2.36 -5.99 -7.52
C TRP B 9 3.73 -6.21 -8.15
N THR B 10 4.78 -5.81 -7.44
CA THR B 10 6.15 -5.96 -7.94
C THR B 10 7.05 -6.57 -6.87
N TRP B 11 7.90 -7.51 -7.29
CA TRP B 11 8.82 -8.15 -6.35
C TRP B 11 10.17 -7.46 -6.40
N GLU B 12 10.56 -6.86 -5.29
CA GLU B 12 11.84 -6.17 -5.21
C GLU B 12 12.24 -5.95 -3.75
N ASN B 13 13.54 -5.91 -3.51
CA ASN B 13 14.04 -5.66 -2.18
C ASN B 13 13.56 -6.71 -1.20
N GLY B 14 13.58 -7.97 -1.63
CA GLY B 14 13.16 -9.07 -0.78
C GLY B 14 11.82 -8.79 -0.14
N LYS B 15 11.12 -7.77 -0.63
CA LYS B 15 9.82 -7.42 -0.09
C LYS B 15 8.88 -6.98 -1.21
N TRP B 16 7.58 -7.21 -1.02
CA TRP B 16 6.59 -6.83 -2.02
C TRP B 16 6.18 -5.39 -1.84
N THR B 17 6.35 -4.58 -2.89
CA THR B 17 6.00 -3.16 -2.82
C THR B 17 5.13 -2.79 -4.02
N TRP B 18 4.14 -1.93 -3.77
CA TRP B 18 3.24 -1.48 -4.83
C TRP B 18 3.59 -0.04 -5.22
N LYS B 19 3.98 0.15 -6.48
CA LYS B 19 4.35 1.48 -6.98
C LYS B 19 3.87 1.65 -8.42
N GLY B 20 4.03 2.87 -8.93
CA GLY B 20 3.62 3.17 -10.28
C GLY B 20 3.99 4.59 -10.67
N ILE B 21 3.33 5.11 -11.71
CA ILE B 21 3.63 6.46 -12.18
C ILE B 21 3.57 7.45 -11.03
N ILE B 22 2.34 7.76 -10.58
CA ILE B 22 2.14 8.69 -9.48
C ILE B 22 0.78 8.48 -8.83
N ARG B 23 0.36 9.44 -8.03
CA ARG B 23 -0.93 9.38 -7.36
C ARG B 23 -2.01 8.91 -8.33
N LEU B 24 -3.20 8.70 -7.82
CA LEU B 24 -4.30 8.23 -8.65
C LEU B 24 -4.64 9.26 -9.72
N GLU B 25 -4.49 8.84 -10.97
CA GLU B 25 -4.76 9.72 -12.10
C GLU B 25 -6.25 9.69 -12.45
N GLN B 26 -6.75 10.81 -12.97
CA GLN B 26 -8.15 10.90 -13.35
C GLN B 26 -9.04 10.37 -12.23
N GLY A 1 -17.91 -27.40 1.76
CA GLY A 1 -17.10 -26.47 2.61
C GLY A 1 -16.98 -25.12 1.90
N SER A 2 -16.73 -24.07 2.67
CA SER A 2 -16.59 -22.74 2.10
C SER A 2 -15.30 -22.64 1.28
N GLU A 3 -15.37 -21.92 0.17
CA GLU A 3 -14.20 -21.76 -0.69
C GLU A 3 -13.15 -20.90 -0.01
N VAL A 4 -11.88 -21.30 -0.12
CA VAL A 4 -10.80 -20.56 0.50
C VAL A 4 -10.35 -19.40 -0.40
N PRO A 5 -10.50 -18.15 0.03
CA PRO A 5 -10.08 -16.98 -0.80
C PRO A 5 -8.56 -16.79 -0.81
N GLN A 6 -8.02 -16.39 -1.95
CA GLN A 6 -6.58 -16.16 -2.08
C GLN A 6 -6.21 -14.78 -1.53
N LEU A 7 -5.02 -14.32 -1.88
CA LEU A 7 -4.57 -13.02 -1.41
C LEU A 7 -5.24 -11.90 -2.21
N THR A 8 -5.81 -10.94 -1.49
CA THR A 8 -6.48 -9.82 -2.14
C THR A 8 -5.46 -8.77 -2.57
N ASP A 9 -5.78 -8.06 -3.65
CA ASP A 9 -4.89 -7.02 -4.17
C ASP A 9 -5.25 -5.67 -3.58
N LEU A 10 -4.34 -4.71 -3.72
CA LEU A 10 -4.58 -3.38 -3.19
C LEU A 10 -5.70 -2.69 -3.97
N SER A 11 -6.41 -1.79 -3.29
CA SER A 11 -7.51 -1.05 -3.92
C SER A 11 -7.55 0.38 -3.41
N PHE A 12 -8.01 1.29 -4.26
CA PHE A 12 -8.10 2.70 -3.92
C PHE A 12 -9.57 3.14 -3.84
N VAL A 13 -9.84 4.09 -2.94
CA VAL A 13 -11.20 4.59 -2.78
C VAL A 13 -11.17 6.06 -2.38
N ASP A 14 -12.26 6.76 -2.66
CA ASP A 14 -12.36 8.17 -2.33
C ASP A 14 -11.28 8.97 -3.05
N ILE A 15 -10.86 8.47 -4.21
CA ILE A 15 -9.83 9.16 -4.99
C ILE A 15 -10.26 10.59 -5.27
N THR A 16 -9.35 11.54 -5.03
CA THR A 16 -9.63 12.96 -5.26
C THR A 16 -8.51 13.60 -6.07
N ASP A 17 -8.54 14.93 -6.17
CA ASP A 17 -7.52 15.67 -6.90
C ASP A 17 -6.24 15.77 -6.10
N SER A 18 -6.35 16.19 -4.83
CA SER A 18 -5.19 16.34 -3.95
C SER A 18 -5.31 15.45 -2.72
N SER A 19 -6.26 14.52 -2.77
CA SER A 19 -6.48 13.61 -1.63
C SER A 19 -6.93 12.24 -2.14
N ILE A 20 -6.27 11.19 -1.65
CA ILE A 20 -6.60 9.82 -2.05
C ILE A 20 -6.88 8.97 -0.82
N GLY A 21 -7.86 8.07 -0.92
CA GLY A 21 -8.21 7.21 0.21
C GLY A 21 -7.56 5.85 0.07
N LEU A 22 -6.30 5.75 0.49
CA LEU A 22 -5.57 4.49 0.40
C LEU A 22 -6.20 3.45 1.30
N ARG A 23 -6.49 2.29 0.74
CA ARG A 23 -7.10 1.21 1.50
C ARG A 23 -6.64 -0.13 0.97
N TRP A 24 -6.27 -1.03 1.88
CA TRP A 24 -5.86 -2.38 1.50
C TRP A 24 -6.42 -3.38 2.50
N THR A 25 -7.09 -4.41 1.99
CA THR A 25 -7.67 -5.43 2.88
C THR A 25 -6.56 -6.24 3.58
N PRO A 26 -6.40 -6.14 4.87
CA PRO A 26 -5.38 -6.93 5.62
C PRO A 26 -5.57 -8.45 5.47
N LEU A 27 -4.48 -9.20 5.57
CA LEU A 27 -4.51 -10.66 5.45
C LEU A 27 -4.44 -11.31 6.82
N ASN A 28 -5.31 -12.27 7.04
CA ASN A 28 -5.35 -12.98 8.30
C ASN A 28 -3.94 -13.30 8.78
N SER A 29 -3.04 -13.51 7.83
CA SER A 29 -1.64 -13.80 8.14
C SER A 29 -0.84 -12.51 8.30
N SER A 30 -1.16 -11.50 7.48
CA SER A 30 -0.45 -10.23 7.54
C SER A 30 -0.30 -9.78 8.99
N THR A 31 0.94 -9.75 9.45
CA THR A 31 1.23 -9.36 10.83
C THR A 31 0.56 -8.01 11.12
N ILE A 32 0.18 -7.79 12.37
CA ILE A 32 -0.49 -6.56 12.75
C ILE A 32 0.50 -5.53 13.26
N ILE A 33 0.98 -4.68 12.36
CA ILE A 33 1.93 -3.64 12.71
C ILE A 33 1.78 -2.44 11.77
N GLY A 34 1.57 -1.27 12.36
CA GLY A 34 1.40 -0.07 11.57
C GLY A 34 2.50 0.05 10.52
N TYR A 35 2.08 0.32 9.29
CA TYR A 35 3.03 0.47 8.17
C TYR A 35 3.20 1.94 7.82
N ARG A 36 4.44 2.38 7.73
CA ARG A 36 4.71 3.78 7.40
C ARG A 36 4.55 4.03 5.91
N ILE A 37 3.83 5.09 5.55
CA ILE A 37 3.63 5.46 4.15
C ILE A 37 4.49 6.67 3.80
N THR A 38 5.35 6.50 2.79
CA THR A 38 6.25 7.57 2.38
C THR A 38 5.69 8.29 1.16
N VAL A 39 5.77 9.63 1.18
CA VAL A 39 5.27 10.44 0.08
C VAL A 39 6.30 11.50 -0.30
N VAL A 40 6.44 11.77 -1.60
CA VAL A 40 7.40 12.77 -2.08
C VAL A 40 6.72 13.68 -3.09
N ALA A 41 6.91 14.98 -2.91
CA ALA A 41 6.33 15.96 -3.82
C ALA A 41 7.40 16.42 -4.80
N ALA A 42 7.03 16.53 -6.08
CA ALA A 42 7.98 16.95 -7.10
C ALA A 42 7.80 18.44 -7.43
N GLY A 43 6.67 19.01 -7.00
CA GLY A 43 6.37 20.42 -7.25
C GLY A 43 6.68 21.27 -6.03
N GLU A 44 7.58 20.79 -5.18
CA GLU A 44 7.96 21.52 -3.97
C GLU A 44 9.44 21.30 -3.66
N GLY A 45 10.05 22.30 -3.05
CA GLY A 45 11.46 22.22 -2.69
C GLY A 45 11.68 21.17 -1.62
N ILE A 46 10.61 20.82 -0.89
CA ILE A 46 10.70 19.81 0.17
C ILE A 46 9.55 18.80 0.05
N PRO A 47 9.82 17.53 0.26
CA PRO A 47 8.79 16.46 0.22
C PRO A 47 7.88 16.50 1.46
N ILE A 48 6.73 15.86 1.35
CA ILE A 48 5.78 15.81 2.46
C ILE A 48 6.23 14.79 3.50
N PHE A 49 5.89 15.05 4.75
CA PHE A 49 6.25 14.14 5.83
C PHE A 49 5.43 12.85 5.76
N GLU A 50 6.08 11.73 6.06
CA GLU A 50 5.41 10.43 6.06
C GLU A 50 4.30 10.41 7.08
N ASP A 51 3.66 9.25 7.20
CA ASP A 51 2.58 9.09 8.16
C ASP A 51 2.61 7.67 8.76
N PHE A 52 2.45 7.59 10.07
CA PHE A 52 2.44 6.31 10.77
C PHE A 52 1.04 5.96 11.24
N VAL A 53 0.49 4.87 10.72
CA VAL A 53 -0.86 4.42 11.08
C VAL A 53 -0.84 2.95 11.45
N ASP A 54 -1.65 2.57 12.42
CA ASP A 54 -1.73 1.19 12.86
C ASP A 54 -2.34 0.32 11.76
N SER A 55 -1.96 -0.96 11.74
CA SER A 55 -2.47 -1.88 10.75
C SER A 55 -3.98 -2.10 10.93
N SER A 56 -4.43 -2.03 12.17
CA SER A 56 -5.84 -2.22 12.48
C SER A 56 -6.70 -1.30 11.61
N VAL A 57 -6.22 -0.08 11.40
CA VAL A 57 -6.96 0.88 10.58
C VAL A 57 -7.13 0.33 9.17
N GLY A 58 -6.07 -0.25 8.62
CA GLY A 58 -6.14 -0.81 7.27
C GLY A 58 -6.12 0.30 6.23
N TYR A 59 -6.83 1.39 6.50
CA TYR A 59 -6.92 2.51 5.57
C TYR A 59 -6.26 3.75 6.14
N TYR A 60 -5.88 4.67 5.27
CA TYR A 60 -5.25 5.92 5.69
C TYR A 60 -5.53 7.02 4.68
N THR A 61 -5.59 8.26 5.16
CA THR A 61 -5.86 9.40 4.29
C THR A 61 -4.64 10.29 4.19
N VAL A 62 -4.31 10.70 2.97
CA VAL A 62 -3.17 11.58 2.72
C VAL A 62 -3.60 12.72 1.79
N THR A 63 -3.86 13.90 2.37
CA THR A 63 -4.28 15.06 1.59
C THR A 63 -3.24 16.15 1.67
N GLY A 64 -3.34 17.11 0.76
CA GLY A 64 -2.40 18.22 0.71
C GLY A 64 -1.46 18.10 -0.48
N LEU A 65 -1.89 17.41 -1.54
CA LEU A 65 -1.06 17.24 -2.73
C LEU A 65 -1.51 18.22 -3.80
N GLU A 66 -0.70 19.22 -4.07
CA GLU A 66 -1.06 20.23 -5.06
C GLU A 66 -1.47 19.59 -6.41
N PRO A 67 -2.50 20.10 -7.06
CA PRO A 67 -2.96 19.59 -8.39
C PRO A 67 -2.00 19.99 -9.50
N GLY A 68 -2.04 19.25 -10.58
CA GLY A 68 -1.19 19.55 -11.73
C GLY A 68 0.28 19.27 -11.43
N ILE A 69 0.57 18.99 -10.16
CA ILE A 69 1.94 18.71 -9.74
C ILE A 69 2.15 17.19 -9.65
N ASP A 70 3.37 16.78 -9.91
CA ASP A 70 3.74 15.38 -9.86
C ASP A 70 4.18 14.99 -8.45
N TYR A 71 3.42 14.11 -7.83
CA TYR A 71 3.73 13.64 -6.48
C TYR A 71 4.22 12.20 -6.50
N ASP A 72 5.44 12.00 -6.05
CA ASP A 72 6.04 10.67 -6.01
C ASP A 72 5.71 9.99 -4.68
N ILE A 73 5.00 8.88 -4.75
CA ILE A 73 4.61 8.14 -3.55
C ILE A 73 5.26 6.77 -3.54
N SER A 74 5.26 6.15 -2.38
CA SER A 74 5.84 4.82 -2.22
C SER A 74 5.16 4.06 -1.08
N VAL A 75 4.72 2.84 -1.37
CA VAL A 75 4.07 2.01 -0.37
C VAL A 75 4.99 0.88 0.05
N ILE A 76 5.12 0.69 1.36
CA ILE A 76 5.97 -0.37 1.89
C ILE A 76 5.17 -1.28 2.82
N THR A 77 5.17 -2.57 2.54
CA THR A 77 4.45 -3.54 3.37
C THR A 77 5.41 -4.26 4.30
N LEU A 78 5.25 -4.03 5.60
CA LEU A 78 6.11 -4.65 6.61
C LEU A 78 5.27 -5.52 7.53
N ILE A 79 5.51 -6.83 7.47
CA ILE A 79 4.80 -7.77 8.32
C ILE A 79 5.71 -8.95 8.66
N ASN A 80 5.56 -9.47 9.88
CA ASN A 80 6.39 -10.61 10.31
C ASN A 80 6.09 -11.85 9.48
N GLY A 81 4.81 -12.15 9.30
CA GLY A 81 4.39 -13.31 8.52
C GLY A 81 4.24 -14.54 9.41
N GLY A 82 3.52 -15.53 8.90
CA GLY A 82 3.31 -16.76 9.66
C GLY A 82 4.54 -17.66 9.58
N GLU A 83 4.48 -18.79 10.27
CA GLU A 83 5.60 -19.74 10.28
C GLU A 83 6.00 -20.09 8.85
N SER A 84 7.17 -20.70 8.72
CA SER A 84 7.66 -21.08 7.40
C SER A 84 6.68 -22.04 6.72
N ALA A 85 6.48 -21.84 5.43
CA ALA A 85 5.57 -22.68 4.66
C ALA A 85 4.16 -22.59 5.23
N PRO A 86 3.50 -21.48 5.02
CA PRO A 86 2.11 -21.26 5.53
C PRO A 86 1.16 -22.38 5.12
N THR A 87 1.34 -22.88 3.89
CA THR A 87 0.50 -23.96 3.37
C THR A 87 1.36 -25.07 2.79
N THR A 88 1.14 -26.29 3.28
CA THR A 88 1.90 -27.45 2.80
C THR A 88 1.23 -28.04 1.57
N LEU A 89 1.93 -28.94 0.89
CA LEU A 89 1.40 -29.57 -0.32
C LEU A 89 0.64 -30.83 0.06
N THR A 90 -0.64 -30.87 -0.32
CA THR A 90 -1.49 -32.03 -0.03
C THR A 90 -1.30 -33.09 -1.10
N GLN A 91 -1.77 -34.31 -0.81
CA GLN A 91 -1.65 -35.41 -1.75
C GLN A 91 -2.64 -35.22 -2.91
N GLN A 92 -2.16 -35.47 -4.13
CA GLN A 92 -3.02 -35.32 -5.30
C GLN A 92 -4.18 -36.31 -5.24
N THR A 93 -3.90 -37.53 -4.80
CA THR A 93 -4.93 -38.56 -4.70
C THR A 93 -4.60 -39.53 -3.58
N SER B 1 -17.85 -1.65 -7.42
CA SER B 1 -17.79 -0.58 -8.46
C SER B 1 -16.42 -0.58 -9.12
N SER B 2 -16.38 -0.30 -10.42
CA SER B 2 -15.12 -0.28 -11.14
C SER B 2 -14.27 0.90 -10.70
N SER B 3 -12.97 0.69 -10.59
CA SER B 3 -12.04 1.74 -10.17
C SER B 3 -11.53 2.53 -11.38
N PRO B 4 -11.18 3.78 -11.19
CA PRO B 4 -10.67 4.65 -12.30
C PRO B 4 -9.39 4.10 -12.92
N ILE B 5 -8.44 3.74 -12.07
CA ILE B 5 -7.16 3.20 -12.51
C ILE B 5 -6.60 2.23 -11.49
N GLN B 6 -5.93 1.19 -11.97
CA GLN B 6 -5.32 0.20 -11.09
C GLN B 6 -3.95 -0.20 -11.62
N GLY B 7 -2.99 -0.35 -10.70
CA GLY B 7 -1.62 -0.73 -11.06
C GLY B 7 -1.40 -2.22 -10.88
N SER B 8 -0.29 -2.58 -10.26
CA SER B 8 0.02 -3.99 -10.03
C SER B 8 1.12 -4.12 -8.98
N TRP B 9 1.33 -5.35 -8.50
CA TRP B 9 2.36 -5.61 -7.51
C TRP B 9 3.69 -5.93 -8.18
N THR B 10 4.80 -5.60 -7.51
CA THR B 10 6.12 -5.87 -8.06
C THR B 10 6.98 -6.62 -7.04
N TRP B 11 7.59 -7.72 -7.46
CA TRP B 11 8.43 -8.52 -6.57
C TRP B 11 9.89 -8.07 -6.68
N GLU B 12 10.38 -7.45 -5.60
CA GLU B 12 11.76 -6.98 -5.58
C GLU B 12 12.23 -6.74 -4.15
N ASN B 13 13.52 -6.59 -3.97
CA ASN B 13 14.07 -6.28 -2.66
C ASN B 13 13.54 -7.25 -1.61
N GLY B 14 13.35 -8.51 -2.01
CA GLY B 14 12.85 -9.52 -1.09
C GLY B 14 11.58 -9.05 -0.38
N LYS B 15 10.92 -8.05 -0.97
CA LYS B 15 9.70 -7.50 -0.39
C LYS B 15 8.73 -7.06 -1.48
N TRP B 16 7.43 -7.13 -1.18
CA TRP B 16 6.41 -6.72 -2.13
C TRP B 16 6.14 -5.22 -2.00
N THR B 17 6.48 -4.47 -3.06
CA THR B 17 6.29 -3.02 -3.06
C THR B 17 5.32 -2.61 -4.17
N TRP B 18 4.39 -1.72 -3.82
CA TRP B 18 3.41 -1.22 -4.78
C TRP B 18 3.74 0.22 -5.16
N LYS B 19 4.30 0.38 -6.36
CA LYS B 19 4.69 1.71 -6.85
C LYS B 19 4.23 1.90 -8.30
N GLY B 20 4.42 3.11 -8.80
CA GLY B 20 4.02 3.41 -10.16
C GLY B 20 4.36 4.86 -10.51
N ILE B 21 3.70 5.37 -11.56
CA ILE B 21 3.97 6.74 -11.99
C ILE B 21 3.79 7.71 -10.81
N ILE B 22 2.56 7.95 -10.43
CA ILE B 22 2.23 8.84 -9.34
C ILE B 22 0.83 8.56 -8.81
N ARG B 23 0.30 9.50 -8.02
CA ARG B 23 -1.04 9.37 -7.47
C ARG B 23 -2.01 8.79 -8.51
N LEU B 24 -3.22 8.53 -8.07
CA LEU B 24 -4.22 7.97 -8.96
C LEU B 24 -4.56 8.93 -10.09
N GLU B 25 -4.14 8.57 -11.29
CA GLU B 25 -4.38 9.38 -12.47
C GLU B 25 -5.63 8.90 -13.19
N GLN B 26 -6.32 9.84 -13.83
CA GLN B 26 -7.53 9.51 -14.56
C GLN B 26 -8.57 8.87 -13.63
N GLY A 1 -14.38 -27.84 9.13
CA GLY A 1 -14.14 -26.47 9.69
C GLY A 1 -12.79 -25.95 9.20
N SER A 2 -12.39 -26.39 8.01
CA SER A 2 -11.12 -25.96 7.45
C SER A 2 -11.17 -24.48 7.11
N GLU A 3 -10.06 -23.78 7.36
CA GLU A 3 -9.99 -22.35 7.07
C GLU A 3 -9.85 -22.12 5.57
N VAL A 4 -10.40 -21.01 5.08
CA VAL A 4 -10.33 -20.67 3.66
C VAL A 4 -9.82 -19.24 3.48
N PRO A 5 -8.52 -19.05 3.54
CA PRO A 5 -7.91 -17.70 3.37
C PRO A 5 -8.30 -17.06 2.05
N GLN A 6 -8.54 -15.75 2.09
CA GLN A 6 -8.93 -15.01 0.89
C GLN A 6 -7.80 -14.12 0.42
N LEU A 7 -7.38 -14.29 -0.82
CA LEU A 7 -6.29 -13.48 -1.38
C LEU A 7 -6.86 -12.18 -1.93
N THR A 8 -6.59 -11.09 -1.23
CA THR A 8 -7.06 -9.77 -1.64
C THR A 8 -5.92 -8.97 -2.26
N ASP A 9 -6.25 -7.80 -2.80
CA ASP A 9 -5.24 -6.95 -3.42
C ASP A 9 -5.48 -5.49 -3.05
N LEU A 10 -4.46 -4.65 -3.25
CA LEU A 10 -4.58 -3.23 -2.93
C LEU A 10 -5.61 -2.55 -3.82
N SER A 11 -6.42 -1.68 -3.21
CA SER A 11 -7.45 -0.96 -3.96
C SER A 11 -7.53 0.49 -3.49
N PHE A 12 -7.97 1.37 -4.39
CA PHE A 12 -8.08 2.79 -4.08
C PHE A 12 -9.55 3.21 -4.02
N VAL A 13 -9.85 4.14 -3.12
CA VAL A 13 -11.21 4.64 -2.97
C VAL A 13 -11.21 6.12 -2.63
N ASP A 14 -12.35 6.77 -2.79
CA ASP A 14 -12.46 8.19 -2.49
C ASP A 14 -11.34 8.97 -3.18
N ILE A 15 -10.90 8.49 -4.33
CA ILE A 15 -9.85 9.16 -5.08
C ILE A 15 -10.24 10.61 -5.36
N THR A 16 -9.29 11.52 -5.21
CA THR A 16 -9.53 12.94 -5.45
C THR A 16 -8.40 13.55 -6.26
N ASP A 17 -8.36 14.87 -6.31
CA ASP A 17 -7.32 15.59 -7.04
C ASP A 17 -6.07 15.76 -6.18
N SER A 18 -6.27 16.19 -4.93
CA SER A 18 -5.16 16.40 -3.99
C SER A 18 -5.33 15.53 -2.75
N SER A 19 -6.24 14.57 -2.81
CA SER A 19 -6.50 13.68 -1.69
C SER A 19 -6.98 12.32 -2.18
N ILE A 20 -6.57 11.26 -1.50
CA ILE A 20 -6.96 9.90 -1.87
C ILE A 20 -7.23 9.07 -0.61
N GLY A 21 -8.21 8.17 -0.70
CA GLY A 21 -8.56 7.32 0.43
C GLY A 21 -7.86 5.96 0.34
N LEU A 22 -6.64 5.91 0.85
CA LEU A 22 -5.87 4.67 0.81
C LEU A 22 -6.59 3.59 1.63
N ARG A 23 -6.93 2.48 0.96
CA ARG A 23 -7.63 1.38 1.63
C ARG A 23 -7.04 0.05 1.19
N TRP A 24 -6.82 -0.82 2.15
CA TRP A 24 -6.27 -2.14 1.88
C TRP A 24 -6.84 -3.15 2.87
N THR A 25 -6.85 -4.42 2.48
CA THR A 25 -7.37 -5.48 3.36
C THR A 25 -6.22 -6.39 3.80
N PRO A 26 -5.68 -6.19 4.98
CA PRO A 26 -4.56 -7.05 5.47
C PRO A 26 -4.88 -8.55 5.45
N LEU A 27 -3.85 -9.35 5.16
CA LEU A 27 -4.01 -10.81 5.10
C LEU A 27 -4.03 -11.40 6.48
N ASN A 28 -4.92 -12.34 6.66
CA ASN A 28 -5.04 -13.02 7.93
C ASN A 28 -3.68 -13.51 8.40
N SER A 29 -2.85 -13.91 7.44
CA SER A 29 -1.51 -14.38 7.76
C SER A 29 -0.57 -13.20 8.01
N SER A 30 -0.81 -12.10 7.30
CA SER A 30 0.03 -10.91 7.47
C SER A 30 -0.02 -10.42 8.92
N THR A 31 1.14 -10.04 9.44
CA THR A 31 1.23 -9.56 10.81
C THR A 31 0.51 -8.23 10.96
N ILE A 32 -0.15 -8.04 12.10
CA ILE A 32 -0.89 -6.80 12.34
C ILE A 32 -0.02 -5.81 13.10
N ILE A 33 0.64 -4.93 12.35
CA ILE A 33 1.52 -3.91 12.94
C ILE A 33 1.44 -2.61 12.15
N GLY A 34 1.25 -1.51 12.88
CA GLY A 34 1.14 -0.21 12.24
C GLY A 34 2.16 -0.05 11.12
N TYR A 35 1.64 0.13 9.90
CA TYR A 35 2.50 0.31 8.74
C TYR A 35 2.92 1.78 8.61
N ARG A 36 3.71 2.06 7.59
CA ARG A 36 4.18 3.43 7.35
C ARG A 36 4.01 3.80 5.89
N ILE A 37 3.33 4.92 5.65
CA ILE A 37 3.09 5.41 4.30
C ILE A 37 4.08 6.52 3.97
N THR A 38 4.82 6.35 2.88
CA THR A 38 5.83 7.34 2.47
C THR A 38 5.37 8.05 1.19
N VAL A 39 5.48 9.38 1.21
CA VAL A 39 5.08 10.20 0.05
C VAL A 39 6.20 11.18 -0.31
N VAL A 40 6.45 11.34 -1.61
CA VAL A 40 7.49 12.25 -2.07
C VAL A 40 6.93 13.14 -3.18
N ALA A 41 7.17 14.44 -3.06
CA ALA A 41 6.71 15.40 -4.04
C ALA A 41 7.84 15.71 -5.01
N ALA A 42 7.53 15.74 -6.30
CA ALA A 42 8.56 16.04 -7.31
C ALA A 42 8.60 17.53 -7.62
N GLY A 43 7.43 18.12 -7.85
CA GLY A 43 7.34 19.55 -8.15
C GLY A 43 7.86 20.39 -6.99
N GLU A 44 7.73 19.85 -5.78
CA GLU A 44 8.18 20.55 -4.58
C GLU A 44 9.58 20.08 -4.22
N GLY A 45 10.46 21.05 -4.00
CA GLY A 45 11.83 20.73 -3.67
C GLY A 45 11.90 19.88 -2.40
N ILE A 46 10.83 19.91 -1.58
CA ILE A 46 10.78 19.12 -0.35
C ILE A 46 9.62 18.12 -0.38
N PRO A 47 9.84 16.89 0.03
CA PRO A 47 8.76 15.86 0.08
C PRO A 47 7.84 16.06 1.28
N ILE A 48 6.70 15.37 1.29
CA ILE A 48 5.76 15.46 2.41
C ILE A 48 6.14 14.46 3.50
N PHE A 49 5.99 14.89 4.76
CA PHE A 49 6.32 14.03 5.88
C PHE A 49 5.47 12.76 5.87
N GLU A 50 6.10 11.64 6.18
CA GLU A 50 5.41 10.35 6.21
C GLU A 50 4.44 10.30 7.38
N ASP A 51 3.78 9.15 7.52
CA ASP A 51 2.83 8.98 8.61
C ASP A 51 2.71 7.50 8.97
N PHE A 52 2.44 7.23 10.25
CA PHE A 52 2.30 5.85 10.74
C PHE A 52 0.87 5.63 11.24
N VAL A 53 0.21 4.60 10.70
CA VAL A 53 -1.16 4.28 11.10
C VAL A 53 -1.26 2.83 11.55
N ASP A 54 -1.92 2.60 12.66
CA ASP A 54 -2.07 1.25 13.19
C ASP A 54 -2.63 0.32 12.11
N SER A 55 -2.11 -0.91 12.07
CA SER A 55 -2.56 -1.88 11.08
C SER A 55 -4.04 -2.18 11.26
N SER A 56 -4.50 -2.15 12.50
CA SER A 56 -5.90 -2.42 12.81
C SER A 56 -6.81 -1.49 12.01
N VAL A 57 -6.34 -0.27 11.79
CA VAL A 57 -7.13 0.71 11.03
C VAL A 57 -7.37 0.22 9.60
N GLY A 58 -6.30 -0.26 8.96
CA GLY A 58 -6.42 -0.76 7.59
C GLY A 58 -6.88 0.35 6.66
N TYR A 59 -6.58 1.59 7.02
CA TYR A 59 -6.99 2.74 6.21
C TYR A 59 -6.28 4.01 6.66
N TYR A 60 -6.10 4.93 5.73
CA TYR A 60 -5.46 6.20 6.04
C TYR A 60 -5.81 7.24 4.97
N THR A 61 -5.61 8.52 5.31
CA THR A 61 -5.90 9.62 4.39
C THR A 61 -4.69 10.53 4.25
N VAL A 62 -4.36 10.90 3.02
CA VAL A 62 -3.23 11.78 2.74
C VAL A 62 -3.69 12.91 1.80
N THR A 63 -3.70 14.14 2.30
CA THR A 63 -4.11 15.30 1.51
C THR A 63 -3.01 16.34 1.46
N GLY A 64 -3.05 17.19 0.44
CA GLY A 64 -2.04 18.23 0.28
C GLY A 64 -1.11 17.89 -0.88
N LEU A 65 -1.68 17.37 -1.97
CA LEU A 65 -0.89 17.00 -3.15
C LEU A 65 -1.33 17.87 -4.34
N GLU A 66 -0.45 18.76 -4.77
CA GLU A 66 -0.79 19.65 -5.88
C GLU A 66 -1.38 18.87 -7.07
N PRO A 67 -2.36 19.41 -7.75
CA PRO A 67 -2.99 18.75 -8.93
C PRO A 67 -2.12 18.79 -10.17
N GLY A 68 -2.38 17.88 -11.07
CA GLY A 68 -1.66 17.80 -12.32
C GLY A 68 -0.14 17.86 -12.08
N ILE A 69 0.28 17.40 -10.90
CA ILE A 69 1.70 17.41 -10.52
C ILE A 69 2.20 15.98 -10.39
N ASP A 70 3.52 15.83 -10.33
CA ASP A 70 4.15 14.53 -10.24
C ASP A 70 4.58 14.23 -8.81
N TYR A 71 3.79 13.45 -8.10
CA TYR A 71 4.10 13.07 -6.72
C TYR A 71 4.45 11.60 -6.64
N ASP A 72 5.62 11.33 -6.10
CA ASP A 72 6.12 9.97 -5.94
C ASP A 72 5.65 9.41 -4.61
N ILE A 73 4.83 8.37 -4.66
CA ILE A 73 4.32 7.75 -3.44
C ILE A 73 4.81 6.31 -3.33
N SER A 74 4.73 5.78 -2.11
CA SER A 74 5.16 4.41 -1.86
C SER A 74 4.42 3.82 -0.67
N VAL A 75 4.24 2.50 -0.69
CA VAL A 75 3.57 1.80 0.41
C VAL A 75 4.39 0.57 0.80
N ILE A 76 5.15 0.69 1.88
CA ILE A 76 5.99 -0.41 2.36
C ILE A 76 5.17 -1.38 3.19
N THR A 77 5.24 -2.66 2.83
CA THR A 77 4.50 -3.70 3.56
C THR A 77 5.48 -4.54 4.37
N LEU A 78 5.48 -4.33 5.68
CA LEU A 78 6.36 -5.07 6.58
C LEU A 78 5.56 -5.81 7.63
N ILE A 79 5.85 -7.10 7.80
CA ILE A 79 5.17 -7.93 8.79
C ILE A 79 6.19 -8.71 9.61
N ASN A 80 5.73 -9.32 10.70
CA ASN A 80 6.64 -10.09 11.57
C ASN A 80 7.20 -11.30 10.83
N GLY A 81 6.33 -11.97 10.08
CA GLY A 81 6.74 -13.15 9.32
C GLY A 81 5.56 -14.05 9.00
N GLY A 82 5.25 -14.20 7.71
CA GLY A 82 4.14 -15.04 7.27
C GLY A 82 4.63 -16.41 6.85
N GLU A 83 3.73 -17.23 6.32
CA GLU A 83 4.09 -18.58 5.89
C GLU A 83 4.84 -18.52 4.56
N SER A 84 5.96 -19.25 4.50
CA SER A 84 6.76 -19.27 3.28
C SER A 84 6.17 -20.25 2.27
N ALA A 85 6.62 -20.15 1.02
CA ALA A 85 6.12 -21.03 -0.03
C ALA A 85 6.56 -20.54 -1.41
N PRO A 86 6.67 -21.42 -2.36
CA PRO A 86 7.09 -21.06 -3.75
C PRO A 86 6.04 -20.20 -4.45
N THR A 87 6.49 -19.37 -5.39
CA THR A 87 5.57 -18.50 -6.12
C THR A 87 4.91 -19.27 -7.26
N THR A 88 3.59 -19.32 -7.24
CA THR A 88 2.83 -20.04 -8.27
C THR A 88 1.53 -19.31 -8.57
N LEU A 89 0.92 -19.63 -9.71
CA LEU A 89 -0.35 -19.00 -10.10
C LEU A 89 -1.52 -19.81 -9.56
N THR A 90 -2.44 -19.13 -8.89
CA THR A 90 -3.62 -19.79 -8.32
C THR A 90 -4.75 -19.81 -9.33
N GLN A 91 -5.42 -20.96 -9.46
CA GLN A 91 -6.52 -21.10 -10.39
C GLN A 91 -7.76 -20.39 -9.85
N GLN A 92 -8.49 -19.73 -10.74
CA GLN A 92 -9.71 -19.02 -10.34
C GLN A 92 -10.91 -19.96 -10.34
N THR A 93 -10.84 -20.99 -9.50
CA THR A 93 -11.91 -21.96 -9.41
C THR A 93 -13.13 -21.35 -8.73
N SER B 1 -18.33 -1.36 -8.66
CA SER B 1 -17.49 -0.21 -8.21
C SER B 1 -16.73 0.36 -9.40
N SER B 2 -16.81 1.67 -9.57
CA SER B 2 -16.11 2.31 -10.67
C SER B 2 -14.61 2.19 -10.48
N SER B 3 -13.87 1.98 -11.58
CA SER B 3 -12.41 1.85 -11.50
C SER B 3 -11.75 2.89 -12.43
N PRO B 4 -11.11 3.92 -11.90
CA PRO B 4 -10.45 4.95 -12.75
C PRO B 4 -9.11 4.46 -13.33
N ILE B 5 -8.21 4.05 -12.44
CA ILE B 5 -6.90 3.56 -12.83
C ILE B 5 -6.39 2.54 -11.84
N GLN B 6 -5.68 1.53 -12.34
CA GLN B 6 -5.13 0.48 -11.49
C GLN B 6 -3.80 0.00 -12.06
N GLY B 7 -2.88 -0.35 -11.17
CA GLY B 7 -1.56 -0.83 -11.57
C GLY B 7 -1.41 -2.32 -11.28
N SER B 8 -0.29 -2.68 -10.65
CA SER B 8 -0.05 -4.08 -10.32
C SER B 8 1.08 -4.18 -9.29
N TRP B 9 1.25 -5.38 -8.75
CA TRP B 9 2.30 -5.62 -7.75
C TRP B 9 3.64 -5.86 -8.44
N THR B 10 4.72 -5.40 -7.81
CA THR B 10 6.07 -5.57 -8.35
C THR B 10 7.00 -6.22 -7.33
N TRP B 11 7.72 -7.25 -7.76
CA TRP B 11 8.66 -7.95 -6.86
C TRP B 11 10.05 -7.33 -6.98
N GLU B 12 10.54 -6.80 -5.87
CA GLU B 12 11.88 -6.20 -5.86
C GLU B 12 12.37 -5.99 -4.43
N ASN B 13 13.62 -5.61 -4.29
CA ASN B 13 14.17 -5.30 -2.99
C ASN B 13 13.82 -6.39 -1.96
N GLY B 14 13.85 -7.65 -2.38
CA GLY B 14 13.53 -8.76 -1.46
C GLY B 14 12.22 -8.52 -0.73
N LYS B 15 11.43 -7.55 -1.19
CA LYS B 15 10.15 -7.24 -0.55
C LYS B 15 9.12 -6.82 -1.60
N TRP B 16 7.85 -7.08 -1.31
CA TRP B 16 6.78 -6.71 -2.23
C TRP B 16 6.34 -5.28 -1.97
N THR B 17 6.36 -4.45 -3.01
CA THR B 17 5.96 -3.05 -2.89
C THR B 17 5.13 -2.64 -4.11
N TRP B 18 4.20 -1.72 -3.88
CA TRP B 18 3.34 -1.21 -4.95
C TRP B 18 3.77 0.18 -5.35
N LYS B 19 4.10 0.35 -6.63
CA LYS B 19 4.52 1.65 -7.15
C LYS B 19 4.08 1.82 -8.60
N GLY B 20 4.24 3.04 -9.11
CA GLY B 20 3.86 3.33 -10.48
C GLY B 20 4.23 4.76 -10.86
N ILE B 21 3.62 5.25 -11.92
CA ILE B 21 3.93 6.59 -12.41
C ILE B 21 3.88 7.62 -11.28
N ILE B 22 2.69 7.89 -10.79
CA ILE B 22 2.50 8.82 -9.68
C ILE B 22 1.15 8.56 -9.02
N ARG B 23 0.70 9.51 -8.21
CA ARG B 23 -0.58 9.39 -7.55
C ARG B 23 -1.65 8.89 -8.50
N LEU B 24 -2.83 8.65 -7.95
CA LEU B 24 -3.94 8.18 -8.75
C LEU B 24 -4.28 9.17 -9.85
N GLU B 25 -4.33 8.67 -11.08
CA GLU B 25 -4.64 9.51 -12.24
C GLU B 25 -6.14 9.68 -12.36
N GLN B 26 -6.56 10.82 -12.92
CA GLN B 26 -7.97 11.10 -13.10
C GLN B 26 -8.70 9.88 -13.66
N GLY A 1 -22.10 -15.12 10.95
CA GLY A 1 -21.20 -15.57 12.05
C GLY A 1 -19.97 -16.24 11.44
N SER A 2 -20.11 -16.74 10.22
CA SER A 2 -19.00 -17.40 9.54
C SER A 2 -18.06 -16.36 8.94
N GLU A 3 -17.19 -15.82 9.78
CA GLU A 3 -16.22 -14.82 9.33
C GLU A 3 -14.97 -15.49 8.79
N VAL A 4 -15.01 -15.86 7.51
CA VAL A 4 -13.88 -16.53 6.88
C VAL A 4 -12.88 -15.50 6.34
N PRO A 5 -11.61 -15.83 6.31
CA PRO A 5 -10.56 -14.90 5.79
C PRO A 5 -10.70 -14.66 4.28
N GLN A 6 -10.38 -13.44 3.85
CA GLN A 6 -10.46 -13.08 2.44
C GLN A 6 -9.23 -12.26 2.03
N LEU A 7 -8.60 -12.66 0.93
CA LEU A 7 -7.41 -11.96 0.45
C LEU A 7 -7.79 -11.09 -0.75
N THR A 8 -7.47 -9.81 -0.68
CA THR A 8 -7.76 -8.87 -1.76
C THR A 8 -6.53 -8.04 -2.09
N ASP A 9 -6.46 -7.57 -3.32
CA ASP A 9 -5.34 -6.75 -3.78
C ASP A 9 -5.55 -5.30 -3.39
N LEU A 10 -4.51 -4.49 -3.58
CA LEU A 10 -4.60 -3.09 -3.21
C LEU A 10 -5.69 -2.40 -4.01
N SER A 11 -6.46 -1.53 -3.33
CA SER A 11 -7.54 -0.81 -3.97
C SER A 11 -7.64 0.61 -3.42
N PHE A 12 -8.00 1.54 -4.30
CA PHE A 12 -8.12 2.94 -3.94
C PHE A 12 -9.57 3.40 -4.00
N VAL A 13 -9.96 4.26 -3.08
CA VAL A 13 -11.32 4.78 -3.03
C VAL A 13 -11.32 6.27 -2.67
N ASP A 14 -12.44 6.93 -2.90
CA ASP A 14 -12.55 8.35 -2.60
C ASP A 14 -11.42 9.15 -3.25
N ILE A 15 -11.00 8.71 -4.44
CA ILE A 15 -9.93 9.40 -5.15
C ILE A 15 -10.30 10.86 -5.35
N THR A 16 -9.37 11.75 -5.03
CA THR A 16 -9.59 13.19 -5.18
C THR A 16 -8.40 13.84 -5.88
N ASP A 17 -8.37 15.16 -5.88
CA ASP A 17 -7.28 15.90 -6.50
C ASP A 17 -6.18 16.19 -5.50
N SER A 18 -6.57 16.56 -4.28
CA SER A 18 -5.60 16.89 -3.22
C SER A 18 -5.68 15.87 -2.08
N SER A 19 -6.48 14.83 -2.28
CA SER A 19 -6.63 13.79 -1.26
C SER A 19 -7.03 12.48 -1.91
N ILE A 20 -6.67 11.37 -1.27
CA ILE A 20 -6.99 10.04 -1.77
C ILE A 20 -7.36 9.12 -0.62
N GLY A 21 -8.28 8.18 -0.87
CA GLY A 21 -8.70 7.24 0.17
C GLY A 21 -7.92 5.94 0.09
N LEU A 22 -6.72 5.94 0.67
CA LEU A 22 -5.88 4.74 0.66
C LEU A 22 -6.48 3.68 1.56
N ARG A 23 -6.83 2.54 0.98
CA ARG A 23 -7.40 1.43 1.73
C ARG A 23 -6.87 0.11 1.22
N TRP A 24 -6.54 -0.77 2.15
CA TRP A 24 -5.99 -2.09 1.82
C TRP A 24 -6.49 -3.12 2.80
N THR A 25 -6.50 -4.39 2.38
CA THR A 25 -6.95 -5.49 3.22
C THR A 25 -5.76 -6.34 3.69
N PRO A 26 -5.30 -6.19 4.89
CA PRO A 26 -4.16 -7.01 5.39
C PRO A 26 -4.40 -8.52 5.24
N LEU A 27 -3.29 -9.25 5.06
CA LEU A 27 -3.36 -10.69 4.89
C LEU A 27 -3.21 -11.41 6.22
N ASN A 28 -4.02 -12.43 6.40
CA ASN A 28 -4.00 -13.19 7.63
C ASN A 28 -2.57 -13.56 7.99
N SER A 29 -1.76 -13.82 6.96
CA SER A 29 -0.35 -14.15 7.17
C SER A 29 0.47 -12.89 7.42
N SER A 30 0.08 -11.79 6.77
CA SER A 30 0.79 -10.52 6.95
C SER A 30 0.79 -10.12 8.41
N THR A 31 1.99 -9.90 8.96
CA THR A 31 2.12 -9.51 10.36
C THR A 31 1.34 -8.23 10.63
N ILE A 32 0.80 -8.12 11.83
CA ILE A 32 0.01 -6.95 12.20
C ILE A 32 0.88 -5.91 12.91
N ILE A 33 1.45 -5.00 12.12
CA ILE A 33 2.31 -3.95 12.66
C ILE A 33 2.14 -2.65 11.86
N GLY A 34 1.89 -1.56 12.57
CA GLY A 34 1.69 -0.27 11.91
C GLY A 34 2.71 -0.07 10.79
N TYR A 35 2.23 0.22 9.60
CA TYR A 35 3.09 0.44 8.44
C TYR A 35 3.45 1.91 8.33
N ARG A 36 4.25 2.24 7.32
CA ARG A 36 4.65 3.62 7.10
C ARG A 36 4.45 4.02 5.65
N ILE A 37 3.64 5.06 5.43
CA ILE A 37 3.35 5.54 4.08
C ILE A 37 4.29 6.70 3.75
N THR A 38 5.02 6.56 2.65
CA THR A 38 5.95 7.61 2.23
C THR A 38 5.42 8.36 1.03
N VAL A 39 5.47 9.70 1.08
CA VAL A 39 4.97 10.54 -0.01
C VAL A 39 6.03 11.58 -0.39
N VAL A 40 6.21 11.79 -1.70
CA VAL A 40 7.19 12.77 -2.17
C VAL A 40 6.55 13.67 -3.21
N ALA A 41 6.74 14.97 -3.05
CA ALA A 41 6.19 15.94 -3.98
C ALA A 41 7.26 16.36 -4.98
N ALA A 42 6.87 16.55 -6.24
CA ALA A 42 7.82 16.95 -7.26
C ALA A 42 7.72 18.45 -7.55
N GLY A 43 6.55 19.03 -7.24
CA GLY A 43 6.33 20.46 -7.45
C GLY A 43 6.70 21.25 -6.21
N GLU A 44 7.69 20.76 -5.47
CA GLU A 44 8.13 21.44 -4.26
C GLU A 44 9.60 21.14 -3.99
N GLY A 45 10.27 22.09 -3.33
CA GLY A 45 11.68 21.92 -3.00
C GLY A 45 11.85 20.90 -1.89
N ILE A 46 10.77 20.61 -1.16
CA ILE A 46 10.83 19.64 -0.05
C ILE A 46 9.64 18.66 -0.13
N PRO A 47 9.87 17.39 0.12
CA PRO A 47 8.79 16.36 0.11
C PRO A 47 7.89 16.46 1.34
N ILE A 48 6.71 15.86 1.26
CA ILE A 48 5.77 15.88 2.37
C ILE A 48 6.21 14.91 3.47
N PHE A 49 5.72 15.13 4.68
CA PHE A 49 6.07 14.27 5.80
C PHE A 49 5.28 12.96 5.75
N GLU A 50 5.93 11.86 6.12
CA GLU A 50 5.29 10.56 6.13
C GLU A 50 4.28 10.47 7.26
N ASP A 51 3.65 9.31 7.39
CA ASP A 51 2.66 9.11 8.44
C ASP A 51 2.67 7.65 8.90
N PHE A 52 2.55 7.44 10.21
CA PHE A 52 2.54 6.08 10.78
C PHE A 52 1.15 5.73 11.28
N VAL A 53 0.61 4.62 10.77
CA VAL A 53 -0.73 4.16 11.18
C VAL A 53 -0.69 2.68 11.52
N ASP A 54 -1.43 2.30 12.56
CA ASP A 54 -1.48 0.91 12.99
C ASP A 54 -1.98 0.01 11.86
N SER A 55 -1.53 -1.25 11.87
CA SER A 55 -1.94 -2.20 10.84
C SER A 55 -3.45 -2.43 10.87
N SER A 56 -4.02 -2.38 12.06
CA SER A 56 -5.45 -2.59 12.21
C SER A 56 -6.21 -1.64 11.30
N VAL A 57 -5.66 -0.44 11.12
CA VAL A 57 -6.29 0.55 10.27
C VAL A 57 -5.94 0.32 8.81
N GLY A 58 -6.56 -0.68 8.20
CA GLY A 58 -6.30 -1.02 6.79
C GLY A 58 -6.61 0.17 5.86
N TYR A 59 -6.51 1.38 6.41
CA TYR A 59 -6.76 2.59 5.64
C TYR A 59 -6.14 3.82 6.30
N TYR A 60 -5.78 4.79 5.47
CA TYR A 60 -5.20 6.03 5.98
C TYR A 60 -5.47 7.16 4.99
N THR A 61 -5.63 8.38 5.51
CA THR A 61 -5.92 9.54 4.67
C THR A 61 -4.71 10.46 4.58
N VAL A 62 -4.37 10.87 3.38
CA VAL A 62 -3.26 11.78 3.15
C VAL A 62 -3.68 12.92 2.22
N THR A 63 -3.87 14.11 2.79
CA THR A 63 -4.28 15.27 2.01
C THR A 63 -3.18 16.31 1.99
N GLY A 64 -3.27 17.24 1.04
CA GLY A 64 -2.29 18.30 0.89
C GLY A 64 -1.41 18.09 -0.34
N LEU A 65 -2.03 17.67 -1.43
CA LEU A 65 -1.30 17.43 -2.69
C LEU A 65 -1.79 18.42 -3.74
N GLU A 66 -0.95 19.38 -4.08
CA GLU A 66 -1.34 20.39 -5.06
C GLU A 66 -1.70 19.77 -6.42
N PRO A 67 -2.71 20.27 -7.10
CA PRO A 67 -3.11 19.75 -8.45
C PRO A 67 -2.15 20.20 -9.53
N GLY A 68 -2.11 19.43 -10.61
CA GLY A 68 -1.26 19.76 -11.73
C GLY A 68 0.22 19.53 -11.40
N ILE A 69 0.48 18.94 -10.23
CA ILE A 69 1.84 18.65 -9.78
C ILE A 69 2.04 17.15 -9.68
N ASP A 70 3.23 16.71 -10.02
CA ASP A 70 3.58 15.30 -9.96
C ASP A 70 4.03 14.90 -8.56
N TYR A 71 3.24 14.04 -7.92
CA TYR A 71 3.55 13.58 -6.57
C TYR A 71 4.04 12.14 -6.60
N ASP A 72 5.24 11.94 -6.10
CA ASP A 72 5.84 10.61 -6.06
C ASP A 72 5.49 9.94 -4.73
N ILE A 73 4.77 8.83 -4.80
CA ILE A 73 4.36 8.09 -3.60
C ILE A 73 5.01 6.72 -3.56
N SER A 74 4.95 6.09 -2.40
CA SER A 74 5.52 4.76 -2.23
C SER A 74 4.82 4.02 -1.10
N VAL A 75 4.25 2.86 -1.41
CA VAL A 75 3.56 2.05 -0.40
C VAL A 75 4.48 0.92 0.04
N ILE A 76 5.09 1.06 1.22
CA ILE A 76 6.00 0.05 1.75
C ILE A 76 5.25 -0.91 2.66
N THR A 77 5.44 -2.21 2.44
CA THR A 77 4.79 -3.23 3.25
C THR A 77 5.82 -3.93 4.13
N LEU A 78 5.74 -3.69 5.45
CA LEU A 78 6.68 -4.29 6.40
C LEU A 78 5.93 -5.22 7.35
N ILE A 79 6.33 -6.50 7.35
CA ILE A 79 5.71 -7.48 8.23
C ILE A 79 6.76 -8.47 8.75
N ASN A 80 6.50 -9.05 9.91
CA ASN A 80 7.43 -10.01 10.50
C ASN A 80 7.53 -11.27 9.64
N GLY A 81 6.39 -11.76 9.18
CA GLY A 81 6.35 -12.95 8.34
C GLY A 81 6.22 -14.22 9.19
N GLY A 82 5.73 -15.29 8.57
CA GLY A 82 5.55 -16.55 9.28
C GLY A 82 6.87 -17.31 9.35
N GLU A 83 6.98 -18.20 10.32
CA GLU A 83 8.20 -19.00 10.49
C GLU A 83 8.10 -20.28 9.68
N SER A 84 9.20 -20.65 9.02
CA SER A 84 9.23 -21.86 8.20
C SER A 84 9.08 -23.09 9.09
N ALA A 85 8.46 -24.13 8.55
CA ALA A 85 8.27 -25.37 9.30
C ALA A 85 8.12 -26.55 8.34
N PRO A 86 8.28 -27.76 8.85
CA PRO A 86 8.15 -29.00 8.03
C PRO A 86 6.70 -29.27 7.65
N THR A 87 6.40 -29.18 6.36
CA THR A 87 5.04 -29.43 5.87
C THR A 87 5.08 -30.16 4.53
N THR A 88 4.08 -31.00 4.29
CA THR A 88 4.02 -31.75 3.04
C THR A 88 3.33 -30.93 1.96
N LEU A 89 3.11 -31.55 0.81
CA LEU A 89 2.49 -30.85 -0.30
C LEU A 89 1.11 -30.33 0.12
N THR A 90 0.90 -29.04 -0.06
CA THR A 90 -0.37 -28.41 0.29
C THR A 90 -1.38 -28.58 -0.83
N GLN A 91 -2.64 -28.30 -0.53
CA GLN A 91 -3.70 -28.43 -1.53
C GLN A 91 -3.39 -27.55 -2.73
N GLN A 92 -2.92 -28.19 -3.82
CA GLN A 92 -2.60 -27.46 -5.03
C GLN A 92 -2.76 -28.36 -6.26
N THR A 93 -3.59 -27.93 -7.21
CA THR A 93 -3.81 -28.70 -8.42
C THR A 93 -2.65 -28.53 -9.40
N SER B 1 -15.96 2.38 -19.56
CA SER B 1 -15.15 3.48 -18.96
C SER B 1 -13.99 2.88 -18.17
N SER B 2 -12.77 3.35 -18.44
CA SER B 2 -11.60 2.84 -17.74
C SER B 2 -11.57 3.36 -16.31
N SER B 3 -10.81 2.68 -15.45
CA SER B 3 -10.69 3.07 -14.05
C SER B 3 -9.53 4.06 -13.86
N PRO B 4 -9.62 4.91 -12.86
CA PRO B 4 -8.55 5.91 -12.57
C PRO B 4 -7.23 5.25 -12.17
N ILE B 5 -7.26 3.92 -12.00
CA ILE B 5 -6.07 3.18 -11.62
C ILE B 5 -6.11 1.76 -12.17
N GLN B 6 -4.93 1.19 -12.39
CA GLN B 6 -4.83 -0.17 -12.90
C GLN B 6 -3.37 -0.60 -13.03
N GLY B 7 -2.75 -0.92 -11.90
CA GLY B 7 -1.34 -1.34 -11.89
C GLY B 7 -1.23 -2.83 -11.59
N SER B 8 -0.20 -3.18 -10.83
CA SER B 8 0.03 -4.57 -10.47
C SER B 8 1.03 -4.68 -9.33
N TRP B 9 1.17 -5.88 -8.78
CA TRP B 9 2.10 -6.10 -7.68
C TRP B 9 3.50 -6.42 -8.23
N THR B 10 4.51 -5.74 -7.70
CA THR B 10 5.89 -5.96 -8.13
C THR B 10 6.70 -6.66 -7.04
N TRP B 11 7.45 -7.69 -7.42
CA TRP B 11 8.27 -8.43 -6.47
C TRP B 11 9.70 -7.88 -6.47
N GLU B 12 10.13 -7.37 -5.31
CA GLU B 12 11.48 -6.84 -5.19
C GLU B 12 11.86 -6.68 -3.72
N ASN B 13 13.13 -6.39 -3.48
CA ASN B 13 13.57 -6.12 -2.13
C ASN B 13 13.09 -7.19 -1.15
N GLY B 14 13.04 -8.44 -1.60
CA GLY B 14 12.60 -9.54 -0.75
C GLY B 14 11.25 -9.23 -0.09
N LYS B 15 10.57 -8.20 -0.60
CA LYS B 15 9.26 -7.81 -0.06
C LYS B 15 8.33 -7.36 -1.18
N TRP B 16 7.03 -7.55 -0.99
CA TRP B 16 6.06 -7.14 -1.99
C TRP B 16 5.70 -5.67 -1.82
N THR B 17 6.00 -4.86 -2.84
CA THR B 17 5.73 -3.43 -2.79
C THR B 17 4.92 -3.00 -4.00
N TRP B 18 3.95 -2.10 -3.77
CA TRP B 18 3.11 -1.59 -4.85
C TRP B 18 3.50 -0.15 -5.17
N LYS B 19 3.97 0.07 -6.40
CA LYS B 19 4.39 1.41 -6.83
C LYS B 19 4.03 1.64 -8.29
N GLY B 20 4.22 2.87 -8.73
CA GLY B 20 3.91 3.21 -10.10
C GLY B 20 4.28 4.66 -10.42
N ILE B 21 3.70 5.21 -11.48
CA ILE B 21 4.02 6.57 -11.89
C ILE B 21 3.81 7.53 -10.72
N ILE B 22 2.55 7.81 -10.40
CA ILE B 22 2.21 8.73 -9.32
C ILE B 22 0.78 8.48 -8.86
N ARG B 23 0.24 9.43 -8.11
CA ARG B 23 -1.14 9.33 -7.62
C ARG B 23 -2.06 8.79 -8.70
N LEU B 24 -3.29 8.51 -8.32
CA LEU B 24 -4.25 7.96 -9.26
C LEU B 24 -4.44 8.90 -10.43
N GLU B 25 -4.72 8.32 -11.60
CA GLU B 25 -4.90 9.11 -12.81
C GLU B 25 -6.28 9.74 -12.83
N GLN B 26 -6.36 10.90 -13.46
CA GLN B 26 -7.62 11.62 -13.54
C GLN B 26 -8.29 11.69 -12.17
N GLY A 1 4.92 -23.39 4.58
CA GLY A 1 3.96 -24.46 4.21
C GLY A 1 2.54 -23.92 4.28
N SER A 2 1.60 -24.69 3.74
CA SER A 2 0.19 -24.28 3.74
C SER A 2 0.03 -22.94 3.04
N GLU A 3 -0.70 -22.95 1.93
CA GLU A 3 -0.93 -21.72 1.18
C GLU A 3 -1.94 -20.83 1.89
N VAL A 4 -2.18 -19.65 1.33
CA VAL A 4 -3.14 -18.70 1.92
C VAL A 4 -4.20 -18.30 0.89
N PRO A 5 -5.21 -19.10 0.71
CA PRO A 5 -6.31 -18.81 -0.25
C PRO A 5 -6.97 -17.46 0.02
N GLN A 6 -7.70 -16.96 -0.98
CA GLN A 6 -8.38 -15.67 -0.85
C GLN A 6 -7.37 -14.53 -0.81
N LEU A 7 -6.76 -14.25 -1.97
CA LEU A 7 -5.76 -13.18 -2.06
C LEU A 7 -6.45 -11.87 -2.42
N THR A 8 -6.15 -10.82 -1.67
CA THR A 8 -6.73 -9.50 -1.90
C THR A 8 -5.64 -8.46 -2.12
N ASP A 9 -5.66 -7.81 -3.28
CA ASP A 9 -4.67 -6.80 -3.60
C ASP A 9 -5.11 -5.43 -3.08
N LEU A 10 -4.17 -4.49 -3.04
CA LEU A 10 -4.46 -3.15 -2.56
C LEU A 10 -5.46 -2.47 -3.47
N SER A 11 -6.27 -1.55 -2.90
CA SER A 11 -7.27 -0.83 -3.67
C SER A 11 -7.31 0.63 -3.22
N PHE A 12 -7.81 1.49 -4.11
CA PHE A 12 -7.91 2.91 -3.82
C PHE A 12 -9.36 3.34 -3.66
N VAL A 13 -9.61 4.29 -2.76
CA VAL A 13 -10.97 4.77 -2.53
C VAL A 13 -10.94 6.26 -2.19
N ASP A 14 -12.06 6.93 -2.43
CA ASP A 14 -12.16 8.37 -2.15
C ASP A 14 -11.06 9.13 -2.88
N ILE A 15 -10.74 8.68 -4.09
CA ILE A 15 -9.71 9.33 -4.89
C ILE A 15 -10.10 10.77 -5.20
N THR A 16 -9.13 11.68 -5.11
CA THR A 16 -9.37 13.10 -5.39
C THR A 16 -8.20 13.70 -6.16
N ASP A 17 -8.17 15.03 -6.24
CA ASP A 17 -7.08 15.73 -6.94
C ASP A 17 -5.93 16.01 -6.00
N SER A 18 -6.25 16.47 -4.79
CA SER A 18 -5.23 16.79 -3.79
C SER A 18 -5.35 15.89 -2.57
N SER A 19 -6.23 14.89 -2.65
CA SER A 19 -6.43 13.96 -1.54
C SER A 19 -6.86 12.59 -2.06
N ILE A 20 -6.33 11.55 -1.44
CA ILE A 20 -6.65 10.18 -1.84
C ILE A 20 -6.82 9.32 -0.60
N GLY A 21 -7.75 8.37 -0.64
CA GLY A 21 -8.00 7.49 0.50
C GLY A 21 -7.47 6.09 0.24
N LEU A 22 -6.23 5.84 0.64
CA LEU A 22 -5.63 4.52 0.44
C LEU A 22 -6.31 3.51 1.37
N ARG A 23 -6.72 2.38 0.79
CA ARG A 23 -7.38 1.33 1.57
C ARG A 23 -6.91 -0.04 1.10
N TRP A 24 -6.59 -0.91 2.05
CA TRP A 24 -6.14 -2.26 1.73
C TRP A 24 -6.69 -3.25 2.75
N THR A 25 -6.78 -4.51 2.36
CA THR A 25 -7.29 -5.56 3.24
C THR A 25 -6.16 -6.50 3.67
N PRO A 26 -5.62 -6.35 4.85
CA PRO A 26 -4.52 -7.22 5.32
C PRO A 26 -4.85 -8.71 5.21
N LEU A 27 -3.79 -9.50 5.02
CA LEU A 27 -3.92 -10.97 4.90
C LEU A 27 -3.79 -11.63 6.25
N ASN A 28 -4.60 -12.66 6.43
CA ASN A 28 -4.58 -13.41 7.66
C ASN A 28 -3.16 -13.82 8.01
N SER A 29 -2.39 -14.17 6.99
CA SER A 29 -1.00 -14.57 7.18
C SER A 29 -0.12 -13.34 7.42
N SER A 30 -0.48 -12.23 6.76
CA SER A 30 0.29 -11.00 6.91
C SER A 30 0.28 -10.55 8.37
N THR A 31 1.47 -10.30 8.90
CA THR A 31 1.61 -9.86 10.28
C THR A 31 0.82 -8.57 10.51
N ILE A 32 0.21 -8.45 11.69
CA ILE A 32 -0.58 -7.26 12.01
C ILE A 32 0.26 -6.23 12.74
N ILE A 33 0.92 -5.35 11.98
CA ILE A 33 1.76 -4.30 12.57
C ILE A 33 1.62 -3.00 11.77
N GLY A 34 1.36 -1.91 12.48
CA GLY A 34 1.20 -0.60 11.84
C GLY A 34 2.20 -0.41 10.69
N TYR A 35 1.67 -0.19 9.50
CA TYR A 35 2.51 0.01 8.32
C TYR A 35 2.96 1.46 8.25
N ARG A 36 3.76 1.77 7.24
CA ARG A 36 4.26 3.14 7.05
C ARG A 36 4.12 3.56 5.60
N ILE A 37 3.42 4.68 5.40
CA ILE A 37 3.19 5.22 4.06
C ILE A 37 4.26 6.25 3.74
N THR A 38 4.57 6.43 2.45
CA THR A 38 5.58 7.41 2.05
C THR A 38 5.08 8.21 0.84
N VAL A 39 5.24 9.53 0.90
CA VAL A 39 4.81 10.41 -0.20
C VAL A 39 5.91 11.41 -0.54
N VAL A 40 6.16 11.59 -1.84
CA VAL A 40 7.18 12.54 -2.28
C VAL A 40 6.62 13.45 -3.35
N ALA A 41 6.74 14.75 -3.13
CA ALA A 41 6.25 15.73 -4.08
C ALA A 41 7.37 16.13 -5.04
N ALA A 42 7.05 16.26 -6.32
CA ALA A 42 8.06 16.63 -7.31
C ALA A 42 8.02 18.13 -7.60
N GLY A 43 6.90 18.77 -7.26
CA GLY A 43 6.74 20.20 -7.48
C GLY A 43 7.05 20.99 -6.20
N GLU A 44 7.96 20.46 -5.40
CA GLU A 44 8.35 21.13 -4.15
C GLU A 44 9.82 20.88 -3.85
N GLY A 45 10.43 21.85 -3.18
CA GLY A 45 11.84 21.75 -2.83
C GLY A 45 12.05 20.65 -1.78
N ILE A 46 10.99 20.29 -1.06
CA ILE A 46 11.09 19.24 -0.04
C ILE A 46 9.85 18.31 -0.09
N PRO A 47 10.05 17.02 0.08
CA PRO A 47 8.93 16.03 0.08
C PRO A 47 8.08 16.11 1.35
N ILE A 48 6.89 15.53 1.29
CA ILE A 48 6.00 15.55 2.44
C ILE A 48 6.46 14.54 3.49
N PHE A 49 6.03 14.74 4.73
CA PHE A 49 6.41 13.85 5.82
C PHE A 49 5.63 12.54 5.76
N GLU A 50 6.28 11.47 6.20
CA GLU A 50 5.64 10.15 6.21
C GLU A 50 4.79 9.98 7.45
N ASP A 51 3.70 9.23 7.30
CA ASP A 51 2.77 9.00 8.41
C ASP A 51 2.73 7.50 8.75
N PHE A 52 2.40 7.20 10.00
CA PHE A 52 2.31 5.81 10.47
C PHE A 52 0.90 5.51 10.96
N VAL A 53 0.32 4.41 10.47
CA VAL A 53 -1.04 4.01 10.87
C VAL A 53 -1.07 2.56 11.30
N ASP A 54 -1.81 2.27 12.37
CA ASP A 54 -1.92 0.91 12.88
C ASP A 54 -2.53 -0.02 11.82
N SER A 55 -2.06 -1.26 11.79
CA SER A 55 -2.58 -2.22 10.82
C SER A 55 -4.06 -2.48 11.03
N SER A 56 -4.49 -2.38 12.28
CA SER A 56 -5.90 -2.60 12.61
C SER A 56 -6.79 -1.66 11.80
N VAL A 57 -6.32 -0.44 11.58
CA VAL A 57 -7.08 0.53 10.83
C VAL A 57 -7.31 0.05 9.40
N GLY A 58 -6.25 -0.46 8.77
CA GLY A 58 -6.36 -0.96 7.41
C GLY A 58 -6.78 0.16 6.46
N TYR A 59 -6.48 1.41 6.85
CA TYR A 59 -6.85 2.55 6.03
C TYR A 59 -6.14 3.83 6.50
N TYR A 60 -5.90 4.72 5.55
CA TYR A 60 -5.25 5.99 5.87
C TYR A 60 -5.58 7.04 4.80
N THR A 61 -5.44 8.31 5.17
CA THR A 61 -5.72 9.41 4.25
C THR A 61 -4.53 10.37 4.21
N VAL A 62 -4.17 10.80 3.01
CA VAL A 62 -3.06 11.73 2.82
C VAL A 62 -3.51 12.89 1.94
N THR A 63 -3.74 14.05 2.56
CA THR A 63 -4.18 15.24 1.82
C THR A 63 -3.10 16.30 1.82
N GLY A 64 -3.15 17.19 0.84
CA GLY A 64 -2.18 18.26 0.72
C GLY A 64 -1.23 18.02 -0.44
N LEU A 65 -1.78 17.54 -1.56
CA LEU A 65 -0.98 17.28 -2.76
C LEU A 65 -1.39 18.26 -3.85
N GLU A 66 -0.54 19.22 -4.12
CA GLU A 66 -0.85 20.24 -5.12
C GLU A 66 -1.28 19.61 -6.46
N PRO A 67 -2.33 20.11 -7.09
CA PRO A 67 -2.80 19.58 -8.41
C PRO A 67 -1.88 20.02 -9.54
N GLY A 68 -1.89 19.24 -10.62
CA GLY A 68 -1.06 19.57 -11.77
C GLY A 68 0.41 19.34 -11.48
N ILE A 69 0.71 18.80 -10.30
CA ILE A 69 2.09 18.53 -9.90
C ILE A 69 2.31 17.03 -9.80
N ASP A 70 3.50 16.60 -10.19
CA ASP A 70 3.85 15.19 -10.15
C ASP A 70 4.25 14.77 -8.74
N TYR A 71 3.44 13.91 -8.13
CA TYR A 71 3.70 13.43 -6.78
C TYR A 71 4.13 11.97 -6.79
N ASP A 72 5.31 11.73 -6.29
CA ASP A 72 5.85 10.38 -6.23
C ASP A 72 5.43 9.73 -4.91
N ILE A 73 4.70 8.63 -4.98
CA ILE A 73 4.23 7.94 -3.78
C ILE A 73 4.79 6.51 -3.73
N SER A 74 4.67 5.89 -2.56
CA SER A 74 5.13 4.51 -2.38
C SER A 74 4.39 3.85 -1.23
N VAL A 75 4.25 2.53 -1.29
CA VAL A 75 3.59 1.78 -0.22
C VAL A 75 4.49 0.62 0.23
N ILE A 76 5.15 0.80 1.36
CA ILE A 76 6.04 -0.23 1.88
C ILE A 76 5.26 -1.20 2.76
N THR A 77 5.38 -2.49 2.47
CA THR A 77 4.68 -3.52 3.23
C THR A 77 5.67 -4.25 4.15
N LEU A 78 5.49 -4.09 5.45
CA LEU A 78 6.37 -4.74 6.43
C LEU A 78 5.58 -5.69 7.32
N ILE A 79 5.92 -6.97 7.24
CA ILE A 79 5.25 -7.98 8.06
C ILE A 79 6.22 -9.07 8.48
N ASN A 80 6.02 -9.62 9.68
CA ASN A 80 6.90 -10.66 10.19
C ASN A 80 6.79 -11.93 9.36
N GLY A 81 5.57 -12.36 9.10
CA GLY A 81 5.32 -13.56 8.30
C GLY A 81 4.94 -14.74 9.20
N GLY A 82 5.86 -15.69 9.34
CA GLY A 82 5.61 -16.86 10.16
C GLY A 82 5.64 -16.50 11.64
N GLU A 83 4.65 -16.99 12.38
CA GLU A 83 4.58 -16.70 13.81
C GLU A 83 5.69 -17.42 14.55
N SER A 84 6.58 -16.65 15.17
CA SER A 84 7.68 -17.24 15.91
C SER A 84 7.16 -17.99 17.14
N ALA A 85 7.68 -19.20 17.36
CA ALA A 85 7.28 -20.02 18.49
C ALA A 85 5.76 -20.23 18.48
N PRO A 86 5.29 -21.29 19.09
CA PRO A 86 3.83 -21.61 19.16
C PRO A 86 3.07 -20.59 19.99
N THR A 87 1.86 -20.29 19.57
CA THR A 87 1.02 -19.33 20.27
C THR A 87 0.26 -20.03 21.39
N THR A 88 -0.35 -19.23 22.27
CA THR A 88 -1.12 -19.78 23.39
C THR A 88 -2.51 -19.14 23.45
N LEU A 89 -3.46 -19.90 23.98
CA LEU A 89 -4.82 -19.42 24.10
C LEU A 89 -4.94 -18.39 25.22
N THR A 90 -5.89 -17.46 25.08
CA THR A 90 -6.09 -16.45 26.10
C THR A 90 -6.80 -17.04 27.31
N GLN A 91 -6.37 -16.65 28.50
CA GLN A 91 -6.97 -17.16 29.72
C GLN A 91 -8.39 -16.63 29.88
N GLN A 92 -9.34 -17.54 30.04
CA GLN A 92 -10.75 -17.16 30.21
C GLN A 92 -11.17 -17.24 31.67
N THR A 93 -11.77 -16.16 32.17
CA THR A 93 -12.21 -16.13 33.56
C THR A 93 -13.36 -17.11 33.79
N SER B 1 -18.23 -1.54 -8.67
CA SER B 1 -17.57 -0.29 -8.20
C SER B 1 -16.79 0.33 -9.34
N SER B 2 -16.82 1.66 -9.43
CA SER B 2 -16.09 2.36 -10.48
C SER B 2 -14.59 2.23 -10.26
N SER B 3 -13.83 2.02 -11.34
CA SER B 3 -12.38 1.88 -11.25
C SER B 3 -11.70 2.87 -12.20
N PRO B 4 -11.05 3.91 -11.70
CA PRO B 4 -10.37 4.91 -12.59
C PRO B 4 -9.06 4.38 -13.15
N ILE B 5 -8.14 4.00 -12.27
CA ILE B 5 -6.85 3.47 -12.68
C ILE B 5 -6.34 2.47 -11.66
N GLN B 6 -5.67 1.43 -12.14
CA GLN B 6 -5.12 0.40 -11.25
C GLN B 6 -3.76 -0.06 -11.77
N GLY B 7 -2.84 -0.31 -10.85
CA GLY B 7 -1.49 -0.75 -11.21
C GLY B 7 -1.32 -2.24 -10.97
N SER B 8 -0.23 -2.59 -10.29
CA SER B 8 0.04 -3.99 -9.99
C SER B 8 1.13 -4.11 -8.93
N TRP B 9 1.33 -5.34 -8.43
CA TRP B 9 2.35 -5.59 -7.41
C TRP B 9 3.69 -5.89 -8.07
N THR B 10 4.78 -5.49 -7.41
CA THR B 10 6.13 -5.73 -7.93
C THR B 10 7.00 -6.41 -6.87
N TRP B 11 7.65 -7.51 -7.26
CA TRP B 11 8.52 -8.25 -6.35
C TRP B 11 9.94 -7.70 -6.43
N GLU B 12 10.43 -7.15 -5.31
CA GLU B 12 11.78 -6.61 -5.27
C GLU B 12 12.22 -6.38 -3.83
N ASN B 13 13.49 -6.09 -3.65
CA ASN B 13 14.01 -5.79 -2.32
C ASN B 13 13.55 -6.82 -1.29
N GLY B 14 13.46 -8.09 -1.69
CA GLY B 14 13.06 -9.14 -0.77
C GLY B 14 11.75 -8.79 -0.07
N LYS B 15 11.04 -7.78 -0.57
CA LYS B 15 9.77 -7.35 0.01
C LYS B 15 8.80 -6.92 -1.09
N TRP B 16 7.51 -7.09 -0.80
CA TRP B 16 6.47 -6.71 -1.78
C TRP B 16 6.11 -5.24 -1.61
N THR B 17 6.33 -4.45 -2.66
CA THR B 17 6.03 -3.02 -2.63
C THR B 17 5.18 -2.63 -3.82
N TRP B 18 4.24 -1.72 -3.60
CA TRP B 18 3.36 -1.25 -4.67
C TRP B 18 3.79 0.15 -5.09
N LYS B 19 4.18 0.29 -6.36
CA LYS B 19 4.64 1.57 -6.89
C LYS B 19 4.24 1.72 -8.35
N GLY B 20 4.36 2.94 -8.84
CA GLY B 20 4.02 3.22 -10.22
C GLY B 20 4.33 4.67 -10.59
N ILE B 21 3.72 5.15 -11.67
CA ILE B 21 3.98 6.51 -12.13
C ILE B 21 3.80 7.52 -10.99
N ILE B 22 2.55 7.80 -10.66
CA ILE B 22 2.22 8.76 -9.60
C ILE B 22 0.80 8.54 -9.12
N ARG B 23 0.28 9.53 -8.39
CA ARG B 23 -1.08 9.47 -7.89
C ARG B 23 -2.03 8.96 -8.97
N LEU B 24 -3.28 8.75 -8.59
CA LEU B 24 -4.27 8.25 -9.54
C LEU B 24 -4.47 9.25 -10.66
N GLU B 25 -4.33 8.76 -11.89
CA GLU B 25 -4.50 9.60 -13.06
C GLU B 25 -5.97 9.74 -13.42
N GLN B 26 -6.33 10.88 -13.99
CA GLN B 26 -7.71 11.14 -14.37
C GLN B 26 -8.07 10.39 -15.65
N GLY A 1 -17.99 -26.34 2.46
CA GLY A 1 -16.88 -26.33 3.44
C GLY A 1 -16.66 -24.90 3.94
N SER A 2 -15.60 -24.26 3.46
CA SER A 2 -15.29 -22.89 3.86
C SER A 2 -14.59 -22.15 2.72
N GLU A 3 -15.36 -21.44 1.91
CA GLU A 3 -14.80 -20.69 0.79
C GLU A 3 -14.82 -19.21 1.10
N VAL A 4 -13.64 -18.60 1.19
CA VAL A 4 -13.53 -17.18 1.49
C VAL A 4 -12.35 -16.56 0.74
N PRO A 5 -12.44 -15.30 0.38
CA PRO A 5 -11.34 -14.59 -0.36
C PRO A 5 -10.10 -14.41 0.52
N GLN A 6 -9.26 -15.43 0.56
CA GLN A 6 -8.04 -15.37 1.35
C GLN A 6 -7.09 -14.33 0.78
N LEU A 7 -7.06 -14.22 -0.55
CA LEU A 7 -6.19 -13.26 -1.21
C LEU A 7 -6.97 -12.00 -1.59
N THR A 8 -6.48 -10.85 -1.15
CA THR A 8 -7.13 -9.57 -1.43
C THR A 8 -6.14 -8.62 -2.10
N ASP A 9 -6.56 -8.03 -3.21
CA ASP A 9 -5.72 -7.08 -3.93
C ASP A 9 -5.93 -5.67 -3.42
N LEU A 10 -4.92 -4.84 -3.57
CA LEU A 10 -5.01 -3.46 -3.10
C LEU A 10 -6.04 -2.69 -3.92
N SER A 11 -6.74 -1.77 -3.27
CA SER A 11 -7.75 -0.96 -3.94
C SER A 11 -7.74 0.47 -3.40
N PHE A 12 -8.16 1.42 -4.23
CA PHE A 12 -8.19 2.83 -3.84
C PHE A 12 -9.64 3.31 -3.74
N VAL A 13 -9.88 4.26 -2.83
CA VAL A 13 -11.22 4.81 -2.65
C VAL A 13 -11.14 6.28 -2.27
N ASP A 14 -12.22 6.99 -2.51
CA ASP A 14 -12.29 8.42 -2.21
C ASP A 14 -11.20 9.19 -2.96
N ILE A 15 -10.84 8.69 -4.14
CA ILE A 15 -9.81 9.34 -4.95
C ILE A 15 -10.21 10.79 -5.22
N THR A 16 -9.28 11.71 -4.97
CA THR A 16 -9.54 13.14 -5.19
C THR A 16 -8.43 13.76 -6.03
N ASP A 17 -8.42 15.09 -6.10
CA ASP A 17 -7.41 15.80 -6.85
C ASP A 17 -6.11 15.89 -6.07
N SER A 18 -6.19 16.29 -4.80
CA SER A 18 -4.99 16.43 -3.95
C SER A 18 -5.11 15.53 -2.73
N SER A 19 -6.07 14.61 -2.74
CA SER A 19 -6.28 13.70 -1.62
C SER A 19 -6.76 12.34 -2.13
N ILE A 20 -6.11 11.28 -1.67
CA ILE A 20 -6.46 9.92 -2.08
C ILE A 20 -6.69 9.04 -0.84
N GLY A 21 -7.67 8.16 -0.92
CA GLY A 21 -7.98 7.28 0.21
C GLY A 21 -7.32 5.92 0.03
N LEU A 22 -6.05 5.83 0.41
CA LEU A 22 -5.31 4.59 0.29
C LEU A 22 -5.91 3.54 1.21
N ARG A 23 -6.33 2.41 0.63
CA ARG A 23 -6.92 1.33 1.41
C ARG A 23 -6.46 -0.03 0.88
N TRP A 24 -6.17 -0.94 1.81
CA TRP A 24 -5.73 -2.28 1.44
C TRP A 24 -6.23 -3.28 2.46
N THR A 25 -7.00 -4.25 1.98
CA THR A 25 -7.56 -5.25 2.87
C THR A 25 -6.46 -6.14 3.49
N PRO A 26 -6.23 -6.07 4.78
CA PRO A 26 -5.20 -6.92 5.45
C PRO A 26 -5.45 -8.42 5.26
N LEU A 27 -4.36 -9.19 5.30
CA LEU A 27 -4.44 -10.65 5.14
C LEU A 27 -4.27 -11.36 6.48
N ASN A 28 -5.11 -12.35 6.69
CA ASN A 28 -5.07 -13.11 7.93
C ASN A 28 -3.64 -13.46 8.28
N SER A 29 -2.82 -13.66 7.26
CA SER A 29 -1.40 -13.99 7.46
C SER A 29 -0.58 -12.72 7.63
N SER A 30 -0.98 -11.65 6.93
CA SER A 30 -0.25 -10.38 7.02
C SER A 30 -0.07 -9.98 8.48
N THR A 31 1.18 -9.94 8.91
CA THR A 31 1.48 -9.58 10.29
C THR A 31 0.77 -8.29 10.65
N ILE A 32 0.30 -8.19 11.89
CA ILE A 32 -0.45 -7.01 12.33
C ILE A 32 0.48 -5.98 12.97
N ILE A 33 0.99 -5.08 12.14
CA ILE A 33 1.88 -4.02 12.61
C ILE A 33 1.72 -2.77 11.76
N GLY A 34 1.44 -1.65 12.41
CA GLY A 34 1.26 -0.38 11.69
C GLY A 34 2.26 -0.26 10.54
N TYR A 35 1.78 0.27 9.42
CA TYR A 35 2.62 0.44 8.23
C TYR A 35 2.88 1.91 8.00
N ARG A 36 4.09 2.22 7.52
CA ARG A 36 4.46 3.60 7.25
C ARG A 36 4.30 3.92 5.77
N ILE A 37 3.55 4.98 5.48
CA ILE A 37 3.33 5.39 4.10
C ILE A 37 4.28 6.53 3.74
N THR A 38 5.10 6.32 2.72
CA THR A 38 6.07 7.32 2.29
C THR A 38 5.55 8.05 1.06
N VAL A 39 5.70 9.37 1.05
CA VAL A 39 5.26 10.20 -0.08
C VAL A 39 6.34 11.21 -0.46
N VAL A 40 6.49 11.46 -1.76
CA VAL A 40 7.48 12.41 -2.24
C VAL A 40 6.85 13.37 -3.23
N ALA A 41 7.07 14.66 -3.02
CA ALA A 41 6.53 15.68 -3.92
C ALA A 41 7.59 16.09 -4.92
N ALA A 42 7.21 16.16 -6.19
CA ALA A 42 8.16 16.56 -7.24
C ALA A 42 8.07 18.05 -7.52
N GLY A 43 6.95 18.66 -7.16
CA GLY A 43 6.73 20.09 -7.38
C GLY A 43 7.18 20.90 -6.17
N GLU A 44 8.00 20.28 -5.33
CA GLU A 44 8.49 20.94 -4.12
C GLU A 44 9.96 20.59 -3.89
N GLY A 45 10.68 21.53 -3.28
CA GLY A 45 12.10 21.32 -2.99
C GLY A 45 12.27 20.28 -1.92
N ILE A 46 11.20 20.03 -1.16
CA ILE A 46 11.26 19.02 -0.08
C ILE A 46 10.05 18.09 -0.16
N PRO A 47 10.25 16.81 0.08
CA PRO A 47 9.14 15.81 0.08
C PRO A 47 8.26 15.93 1.32
N ILE A 48 7.04 15.41 1.22
CA ILE A 48 6.10 15.46 2.33
C ILE A 48 6.49 14.43 3.40
N PHE A 49 6.12 14.70 4.64
CA PHE A 49 6.43 13.79 5.74
C PHE A 49 5.57 12.53 5.65
N GLU A 50 6.17 11.41 5.99
CA GLU A 50 5.48 10.11 5.97
C GLU A 50 4.39 10.10 7.02
N ASP A 51 3.74 8.95 7.15
CA ASP A 51 2.67 8.82 8.14
C ASP A 51 2.67 7.39 8.71
N PHE A 52 2.46 7.29 10.03
CA PHE A 52 2.43 5.99 10.70
C PHE A 52 1.01 5.67 11.17
N VAL A 53 0.43 4.60 10.61
CA VAL A 53 -0.93 4.18 10.97
C VAL A 53 -0.93 2.71 11.34
N ASP A 54 -1.72 2.37 12.37
CA ASP A 54 -1.83 1.00 12.83
C ASP A 54 -2.42 0.12 11.72
N SER A 55 -2.03 -1.16 11.73
CA SER A 55 -2.52 -2.10 10.72
C SER A 55 -4.03 -2.28 10.85
N SER A 56 -4.53 -2.22 12.08
CA SER A 56 -5.97 -2.40 12.33
C SER A 56 -6.78 -1.47 11.43
N VAL A 57 -6.26 -0.26 11.22
CA VAL A 57 -6.95 0.70 10.37
C VAL A 57 -7.03 0.19 8.94
N GLY A 58 -5.93 -0.38 8.45
CA GLY A 58 -5.90 -0.91 7.09
C GLY A 58 -5.93 0.22 6.06
N TYR A 59 -6.68 1.28 6.36
CA TYR A 59 -6.82 2.43 5.47
C TYR A 59 -6.24 3.69 6.10
N TYR A 60 -5.92 4.66 5.26
CA TYR A 60 -5.37 5.92 5.75
C TYR A 60 -5.69 7.04 4.76
N THR A 61 -5.57 8.29 5.22
CA THR A 61 -5.85 9.45 4.38
C THR A 61 -4.61 10.32 4.25
N VAL A 62 -4.31 10.72 3.02
CA VAL A 62 -3.16 11.58 2.75
C VAL A 62 -3.57 12.72 1.82
N THR A 63 -3.66 13.92 2.37
CA THR A 63 -4.05 15.10 1.59
C THR A 63 -2.98 16.17 1.68
N GLY A 64 -3.07 17.14 0.76
CA GLY A 64 -2.12 18.23 0.72
C GLY A 64 -1.19 18.11 -0.48
N LEU A 65 -1.64 17.42 -1.54
CA LEU A 65 -0.82 17.26 -2.74
C LEU A 65 -1.28 18.24 -3.80
N GLU A 66 -0.48 19.24 -4.06
CA GLU A 66 -0.84 20.27 -5.04
C GLU A 66 -1.26 19.65 -6.39
N PRO A 67 -2.29 20.17 -7.03
CA PRO A 67 -2.76 19.66 -8.37
C PRO A 67 -1.81 20.07 -9.48
N GLY A 68 -1.82 19.31 -10.55
CA GLY A 68 -0.97 19.59 -11.69
C GLY A 68 0.49 19.26 -11.39
N ILE A 69 0.77 18.90 -10.14
CA ILE A 69 2.13 18.56 -9.73
C ILE A 69 2.28 17.05 -9.66
N ASP A 70 3.49 16.60 -9.93
CA ASP A 70 3.81 15.19 -9.90
C ASP A 70 4.26 14.77 -8.50
N TYR A 71 3.48 13.90 -7.88
CA TYR A 71 3.78 13.41 -6.53
C TYR A 71 4.21 11.95 -6.59
N ASP A 72 5.43 11.69 -6.13
CA ASP A 72 5.97 10.33 -6.12
C ASP A 72 5.64 9.67 -4.79
N ILE A 73 4.85 8.60 -4.86
CA ILE A 73 4.44 7.88 -3.65
C ILE A 73 5.03 6.49 -3.65
N SER A 74 4.99 5.85 -2.48
CA SER A 74 5.51 4.50 -2.35
C SER A 74 4.84 3.78 -1.18
N VAL A 75 4.15 2.68 -1.46
CA VAL A 75 3.49 1.93 -0.39
C VAL A 75 4.42 0.84 0.12
N ILE A 76 5.06 1.09 1.26
CA ILE A 76 5.98 0.11 1.84
C ILE A 76 5.22 -0.84 2.74
N THR A 77 5.21 -2.11 2.36
CA THR A 77 4.51 -3.14 3.14
C THR A 77 5.52 -3.91 3.98
N LEU A 78 5.35 -3.84 5.31
CA LEU A 78 6.24 -4.54 6.22
C LEU A 78 5.46 -5.50 7.12
N ILE A 79 5.62 -6.80 6.88
CA ILE A 79 4.93 -7.80 7.69
C ILE A 79 5.88 -8.97 7.97
N ASN A 80 5.78 -9.53 9.18
CA ASN A 80 6.64 -10.65 9.55
C ASN A 80 6.32 -11.90 8.72
N GLY A 81 5.04 -12.25 8.64
CA GLY A 81 4.62 -13.41 7.87
C GLY A 81 4.80 -14.69 8.67
N GLY A 82 5.04 -15.78 7.97
CA GLY A 82 5.24 -17.07 8.63
C GLY A 82 6.59 -17.13 9.31
N GLU A 83 6.96 -18.32 9.80
CA GLU A 83 8.23 -18.50 10.47
C GLU A 83 9.38 -18.11 9.54
N SER A 84 10.40 -17.46 10.11
CA SER A 84 11.55 -17.03 9.33
C SER A 84 12.17 -18.22 8.62
N ALA A 85 12.00 -18.28 7.30
CA ALA A 85 12.57 -19.36 6.52
C ALA A 85 12.34 -19.14 5.02
N PRO A 86 12.88 -20.00 4.19
CA PRO A 86 12.71 -19.89 2.71
C PRO A 86 11.24 -19.90 2.30
N THR A 87 10.88 -19.04 1.35
CA THR A 87 9.50 -18.96 0.87
C THR A 87 9.47 -18.91 -0.65
N THR A 88 8.69 -19.79 -1.27
CA THR A 88 8.59 -19.84 -2.72
C THR A 88 7.20 -20.34 -3.13
N LEU A 89 6.56 -19.62 -4.05
CA LEU A 89 5.23 -19.99 -4.52
C LEU A 89 5.34 -20.79 -5.82
N THR A 90 4.68 -21.94 -5.87
CA THR A 90 4.71 -22.77 -7.06
C THR A 90 3.81 -22.18 -8.14
N GLN A 91 4.32 -22.15 -9.37
CA GLN A 91 3.56 -21.62 -10.49
C GLN A 91 2.53 -22.64 -10.97
N GLN A 92 1.30 -22.18 -11.16
CA GLN A 92 0.24 -23.06 -11.63
C GLN A 92 0.23 -24.36 -10.84
N THR A 93 -0.52 -25.34 -11.32
CA THR A 93 -0.60 -26.64 -10.65
C THR A 93 0.68 -27.44 -10.88
N SER B 1 -18.22 -1.34 -7.34
CA SER B 1 -17.93 -0.20 -8.24
C SER B 1 -16.53 -0.35 -8.83
N SER B 2 -16.41 -0.14 -10.13
CA SER B 2 -15.12 -0.26 -10.80
C SER B 2 -14.21 0.89 -10.43
N SER B 3 -12.90 0.63 -10.39
CA SER B 3 -11.93 1.66 -10.03
C SER B 3 -11.49 2.45 -11.27
N PRO B 4 -11.13 3.70 -11.10
CA PRO B 4 -10.69 4.58 -12.23
C PRO B 4 -9.40 4.07 -12.88
N ILE B 5 -8.43 3.70 -12.04
CA ILE B 5 -7.16 3.21 -12.53
C ILE B 5 -6.56 2.22 -11.54
N GLN B 6 -5.88 1.20 -12.07
CA GLN B 6 -5.24 0.20 -11.22
C GLN B 6 -3.92 -0.24 -11.84
N GLY B 7 -2.93 -0.50 -10.99
CA GLY B 7 -1.61 -0.93 -11.45
C GLY B 7 -1.37 -2.40 -11.15
N SER B 8 -0.27 -2.68 -10.45
CA SER B 8 0.06 -4.05 -10.08
C SER B 8 1.15 -4.07 -9.01
N TRP B 9 1.40 -5.26 -8.46
CA TRP B 9 2.42 -5.42 -7.43
C TRP B 9 3.78 -5.70 -8.07
N THR B 10 4.85 -5.38 -7.34
CA THR B 10 6.21 -5.61 -7.82
C THR B 10 7.04 -6.34 -6.77
N TRP B 11 7.74 -7.39 -7.20
CA TRP B 11 8.57 -8.18 -6.30
C TRP B 11 10.02 -7.70 -6.35
N GLU B 12 10.46 -7.10 -5.26
CA GLU B 12 11.84 -6.60 -5.19
C GLU B 12 12.25 -6.35 -3.74
N ASN B 13 13.54 -6.13 -3.53
CA ASN B 13 14.02 -5.81 -2.21
C ASN B 13 13.53 -6.82 -1.18
N GLY B 14 13.41 -8.07 -1.60
CA GLY B 14 12.95 -9.13 -0.71
C GLY B 14 11.66 -8.73 0.00
N LYS B 15 10.96 -7.75 -0.57
CA LYS B 15 9.70 -7.27 0.01
C LYS B 15 8.74 -6.85 -1.09
N TRP B 16 7.44 -6.97 -0.82
CA TRP B 16 6.42 -6.59 -1.80
C TRP B 16 6.09 -5.11 -1.65
N THR B 17 6.35 -4.34 -2.70
CA THR B 17 6.08 -2.90 -2.69
C THR B 17 5.26 -2.50 -3.91
N TRP B 18 4.25 -1.65 -3.69
CA TRP B 18 3.40 -1.19 -4.78
C TRP B 18 3.83 0.21 -5.23
N LYS B 19 4.35 0.29 -6.46
CA LYS B 19 4.81 1.57 -7.02
C LYS B 19 4.23 1.77 -8.41
N GLY B 20 4.36 2.99 -8.90
CA GLY B 20 3.86 3.32 -10.22
C GLY B 20 4.17 4.77 -10.59
N ILE B 21 3.47 5.28 -11.59
CA ILE B 21 3.73 6.64 -12.04
C ILE B 21 3.59 7.62 -10.88
N ILE B 22 2.36 7.88 -10.47
CA ILE B 22 2.10 8.80 -9.36
C ILE B 22 0.71 8.52 -8.78
N ARG B 23 0.21 9.47 -7.98
CA ARG B 23 -1.11 9.36 -7.38
C ARG B 23 -2.11 8.77 -8.37
N LEU B 24 -3.29 8.48 -7.89
CA LEU B 24 -4.31 7.90 -8.74
C LEU B 24 -4.66 8.84 -9.89
N GLU B 25 -4.47 8.36 -11.10
CA GLU B 25 -4.77 9.15 -12.29
C GLU B 25 -6.26 9.13 -12.56
N GLN B 26 -6.81 10.29 -12.90
CA GLN B 26 -8.22 10.40 -13.19
C GLN B 26 -9.06 9.66 -12.15
N GLY A 1 -12.33 -26.04 10.16
CA GLY A 1 -11.53 -24.85 10.57
C GLY A 1 -12.31 -23.58 10.27
N SER A 2 -12.14 -22.58 11.12
CA SER A 2 -12.82 -21.30 10.94
C SER A 2 -12.15 -20.48 9.85
N GLU A 3 -10.98 -20.93 9.41
CA GLU A 3 -10.24 -20.23 8.38
C GLU A 3 -11.05 -20.16 7.10
N VAL A 4 -11.03 -19.00 6.45
CA VAL A 4 -11.79 -18.82 5.20
C VAL A 4 -10.82 -18.60 4.02
N PRO A 5 -10.96 -19.35 2.96
CA PRO A 5 -10.08 -19.20 1.76
C PRO A 5 -10.47 -17.98 0.92
N GLN A 6 -9.55 -17.04 0.81
CA GLN A 6 -9.79 -15.84 0.03
C GLN A 6 -8.54 -14.98 -0.03
N LEU A 7 -8.26 -14.43 -1.21
CA LEU A 7 -7.10 -13.57 -1.41
C LEU A 7 -7.52 -12.16 -1.82
N THR A 8 -7.38 -11.23 -0.88
CA THR A 8 -7.74 -9.83 -1.14
C THR A 8 -6.55 -9.09 -1.74
N ASP A 9 -6.81 -7.88 -2.25
CA ASP A 9 -5.76 -7.06 -2.84
C ASP A 9 -5.95 -5.60 -2.47
N LEU A 10 -4.89 -4.81 -2.67
CA LEU A 10 -4.96 -3.40 -2.33
C LEU A 10 -5.93 -2.68 -3.27
N SER A 11 -6.70 -1.75 -2.71
CA SER A 11 -7.66 -0.98 -3.51
C SER A 11 -7.66 0.48 -3.07
N PHE A 12 -8.03 1.37 -3.99
CA PHE A 12 -8.06 2.81 -3.70
C PHE A 12 -9.50 3.31 -3.68
N VAL A 13 -9.77 4.29 -2.82
CA VAL A 13 -11.11 4.86 -2.69
C VAL A 13 -11.02 6.35 -2.40
N ASP A 14 -12.14 7.04 -2.59
CA ASP A 14 -12.19 8.48 -2.34
C ASP A 14 -11.10 9.21 -3.13
N ILE A 15 -10.79 8.69 -4.30
CA ILE A 15 -9.76 9.32 -5.13
C ILE A 15 -10.14 10.76 -5.43
N THR A 16 -9.16 11.64 -5.25
CA THR A 16 -9.36 13.06 -5.48
C THR A 16 -8.18 13.66 -6.23
N ASP A 17 -8.12 14.99 -6.26
CA ASP A 17 -7.02 15.69 -6.92
C ASP A 17 -5.89 15.98 -5.95
N SER A 18 -6.24 16.41 -4.74
CA SER A 18 -5.24 16.73 -3.71
C SER A 18 -5.38 15.83 -2.50
N SER A 19 -6.25 14.83 -2.60
CA SER A 19 -6.48 13.91 -1.50
C SER A 19 -6.92 12.54 -2.04
N ILE A 20 -6.56 11.48 -1.33
CA ILE A 20 -6.93 10.12 -1.74
C ILE A 20 -7.13 9.25 -0.51
N GLY A 21 -8.04 8.29 -0.60
CA GLY A 21 -8.32 7.39 0.52
C GLY A 21 -7.66 6.03 0.32
N LEU A 22 -6.38 5.94 0.68
CA LEU A 22 -5.66 4.70 0.54
C LEU A 22 -6.24 3.65 1.48
N ARG A 23 -6.64 2.51 0.93
CA ARG A 23 -7.22 1.44 1.73
C ARG A 23 -6.70 0.08 1.27
N TRP A 24 -6.44 -0.80 2.24
CA TRP A 24 -5.94 -2.13 1.92
C TRP A 24 -6.53 -3.16 2.89
N THR A 25 -6.60 -4.40 2.46
CA THR A 25 -7.14 -5.47 3.29
C THR A 25 -6.03 -6.46 3.70
N PRO A 26 -5.48 -6.32 4.87
CA PRO A 26 -4.40 -7.22 5.36
C PRO A 26 -4.80 -8.70 5.27
N LEU A 27 -3.84 -9.55 4.92
CA LEU A 27 -4.09 -10.98 4.81
C LEU A 27 -4.04 -11.64 6.18
N ASN A 28 -4.90 -12.65 6.35
CA ASN A 28 -4.96 -13.36 7.60
C ASN A 28 -3.57 -13.84 7.99
N SER A 29 -2.78 -14.24 7.00
CA SER A 29 -1.43 -14.70 7.25
C SER A 29 -0.49 -13.52 7.48
N SER A 30 -0.74 -12.42 6.77
CA SER A 30 0.08 -11.23 6.89
C SER A 30 0.09 -10.74 8.33
N THR A 31 1.28 -10.42 8.83
CA THR A 31 1.41 -9.94 10.21
C THR A 31 0.64 -8.64 10.39
N ILE A 32 -0.02 -8.51 11.54
CA ILE A 32 -0.80 -7.30 11.83
C ILE A 32 0.02 -6.30 12.61
N ILE A 33 0.71 -5.43 11.88
CA ILE A 33 1.54 -4.39 12.50
C ILE A 33 1.40 -3.08 11.77
N GLY A 34 1.31 -1.99 12.53
CA GLY A 34 1.16 -0.66 11.94
C GLY A 34 2.07 -0.51 10.72
N TYR A 35 1.52 0.07 9.65
CA TYR A 35 2.29 0.27 8.42
C TYR A 35 2.69 1.73 8.30
N ARG A 36 3.48 2.03 7.28
CA ARG A 36 3.94 3.40 7.06
C ARG A 36 3.82 3.78 5.59
N ILE A 37 3.14 4.90 5.33
CA ILE A 37 2.94 5.36 3.96
C ILE A 37 3.94 6.48 3.64
N THR A 38 4.74 6.27 2.61
CA THR A 38 5.74 7.26 2.21
C THR A 38 5.30 8.00 0.96
N VAL A 39 5.43 9.31 0.98
CA VAL A 39 5.04 10.14 -0.17
C VAL A 39 6.14 11.14 -0.49
N VAL A 40 6.38 11.37 -1.79
CA VAL A 40 7.40 12.30 -2.22
C VAL A 40 6.85 13.23 -3.31
N ALA A 41 7.06 14.53 -3.15
CA ALA A 41 6.61 15.49 -4.14
C ALA A 41 7.74 15.83 -5.09
N ALA A 42 7.43 15.94 -6.38
CA ALA A 42 8.45 16.28 -7.38
C ALA A 42 8.47 17.79 -7.63
N GLY A 43 7.29 18.39 -7.70
CA GLY A 43 7.20 19.83 -7.95
C GLY A 43 7.80 20.63 -6.80
N GLU A 44 7.69 20.08 -5.59
CA GLU A 44 8.21 20.76 -4.40
C GLU A 44 9.58 20.20 -4.06
N GLY A 45 10.51 21.10 -3.79
CA GLY A 45 11.87 20.71 -3.47
C GLY A 45 11.92 19.85 -2.24
N ILE A 46 10.87 19.94 -1.41
CA ILE A 46 10.80 19.14 -0.20
C ILE A 46 9.66 18.12 -0.28
N PRO A 47 9.91 16.89 0.09
CA PRO A 47 8.87 15.84 0.12
C PRO A 47 7.93 15.97 1.32
N ILE A 48 6.78 15.30 1.24
CA ILE A 48 5.81 15.33 2.32
C ILE A 48 6.19 14.30 3.39
N PHE A 49 6.05 14.69 4.65
CA PHE A 49 6.39 13.80 5.76
C PHE A 49 5.53 12.54 5.72
N GLU A 50 6.13 11.40 6.06
CA GLU A 50 5.41 10.13 6.06
C GLU A 50 4.66 9.97 7.35
N ASP A 51 3.55 9.23 7.30
CA ASP A 51 2.74 8.99 8.49
C ASP A 51 2.66 7.50 8.79
N PHE A 52 2.26 7.17 10.01
CA PHE A 52 2.12 5.77 10.43
C PHE A 52 0.71 5.50 10.93
N VAL A 53 0.10 4.44 10.42
CA VAL A 53 -1.26 4.06 10.82
C VAL A 53 -1.30 2.60 11.27
N ASP A 54 -2.00 2.36 12.37
CA ASP A 54 -2.12 1.00 12.89
C ASP A 54 -2.74 0.07 11.85
N SER A 55 -2.22 -1.15 11.78
CA SER A 55 -2.73 -2.13 10.83
C SER A 55 -4.23 -2.38 11.06
N SER A 56 -4.65 -2.29 12.31
CA SER A 56 -6.05 -2.51 12.66
C SER A 56 -6.95 -1.56 11.87
N VAL A 57 -6.46 -0.35 11.63
CA VAL A 57 -7.24 0.63 10.89
C VAL A 57 -7.48 0.16 9.46
N GLY A 58 -6.42 -0.33 8.81
CA GLY A 58 -6.54 -0.82 7.44
C GLY A 58 -6.99 0.30 6.50
N TYR A 59 -6.68 1.53 6.88
CA TYR A 59 -7.06 2.68 6.07
C TYR A 59 -6.37 3.96 6.55
N TYR A 60 -6.13 4.87 5.62
CA TYR A 60 -5.49 6.14 5.96
C TYR A 60 -5.83 7.19 4.92
N THR A 61 -5.75 8.45 5.32
CA THR A 61 -6.04 9.57 4.42
C THR A 61 -4.85 10.52 4.31
N VAL A 62 -4.55 10.93 3.08
CA VAL A 62 -3.44 11.85 2.83
C VAL A 62 -3.90 13.01 1.95
N THR A 63 -3.70 14.23 2.44
CA THR A 63 -4.09 15.42 1.68
C THR A 63 -2.95 16.42 1.64
N GLY A 64 -2.97 17.27 0.61
CA GLY A 64 -1.93 18.29 0.43
C GLY A 64 -1.04 17.97 -0.76
N LEU A 65 -1.65 17.50 -1.85
CA LEU A 65 -0.89 17.17 -3.06
C LEU A 65 -1.28 18.13 -4.17
N GLU A 66 -0.44 19.12 -4.38
CA GLU A 66 -0.70 20.14 -5.39
C GLU A 66 -1.12 19.50 -6.72
N PRO A 67 -2.15 20.01 -7.37
CA PRO A 67 -2.62 19.48 -8.69
C PRO A 67 -1.70 19.90 -9.82
N GLY A 68 -1.62 19.06 -10.84
CA GLY A 68 -0.81 19.35 -12.00
C GLY A 68 0.68 19.13 -11.69
N ILE A 69 0.96 18.46 -10.57
CA ILE A 69 2.33 18.20 -10.15
C ILE A 69 2.54 16.70 -10.01
N ASP A 70 3.77 16.28 -10.27
CA ASP A 70 4.13 14.88 -10.19
C ASP A 70 4.53 14.51 -8.77
N TYR A 71 3.71 13.69 -8.13
CA TYR A 71 3.98 13.24 -6.76
C TYR A 71 4.39 11.79 -6.74
N ASP A 72 5.62 11.54 -6.28
CA ASP A 72 6.15 10.20 -6.19
C ASP A 72 5.74 9.57 -4.86
N ILE A 73 5.00 8.47 -4.94
CA ILE A 73 4.52 7.78 -3.74
C ILE A 73 5.13 6.39 -3.66
N SER A 74 5.03 5.80 -2.47
CA SER A 74 5.55 4.45 -2.27
C SER A 74 4.83 3.75 -1.13
N VAL A 75 4.22 2.61 -1.41
CA VAL A 75 3.50 1.86 -0.39
C VAL A 75 4.36 0.69 0.09
N ILE A 76 4.97 0.84 1.26
CA ILE A 76 5.84 -0.21 1.80
C ILE A 76 5.02 -1.15 2.67
N THR A 77 5.13 -2.45 2.39
CA THR A 77 4.40 -3.46 3.15
C THR A 77 5.37 -4.27 4.01
N LEU A 78 5.27 -4.09 5.32
CA LEU A 78 6.15 -4.80 6.26
C LEU A 78 5.34 -5.70 7.18
N ILE A 79 5.65 -6.98 7.15
CA ILE A 79 4.96 -7.95 8.00
C ILE A 79 5.91 -9.04 8.46
N ASN A 80 5.86 -9.36 9.74
CA ASN A 80 6.73 -10.40 10.28
C ASN A 80 6.75 -11.62 9.39
N GLY A 81 5.66 -12.37 9.39
CA GLY A 81 5.56 -13.58 8.56
C GLY A 81 6.89 -14.32 8.50
N GLY A 82 7.08 -15.29 9.38
CA GLY A 82 8.31 -16.05 9.42
C GLY A 82 8.67 -16.57 8.03
N GLU A 83 9.84 -16.17 7.54
CA GLU A 83 10.30 -16.59 6.22
C GLU A 83 11.29 -17.75 6.35
N SER A 84 11.01 -18.84 5.63
CA SER A 84 11.89 -20.00 5.68
C SER A 84 13.18 -19.73 4.90
N ALA A 85 14.22 -20.49 5.22
CA ALA A 85 15.51 -20.32 4.54
C ALA A 85 15.97 -18.87 4.62
N PRO A 86 16.06 -18.33 5.82
CA PRO A 86 16.50 -16.92 6.04
C PRO A 86 17.97 -16.72 5.68
N THR A 87 18.30 -15.52 5.21
CA THR A 87 19.67 -15.21 4.84
C THR A 87 20.48 -14.83 6.07
N THR A 88 21.62 -15.49 6.25
CA THR A 88 22.50 -15.22 7.40
C THR A 88 23.82 -14.63 6.94
N LEU A 89 24.27 -13.59 7.64
CA LEU A 89 25.52 -12.93 7.30
C LEU A 89 26.71 -13.76 7.76
N THR A 90 27.80 -13.70 7.00
CA THR A 90 29.00 -14.44 7.34
C THR A 90 29.70 -13.81 8.53
N GLN A 91 30.68 -14.52 9.09
CA GLN A 91 31.43 -14.02 10.24
C GLN A 91 32.21 -12.76 9.85
N GLN A 92 31.83 -11.63 10.43
CA GLN A 92 32.51 -10.38 10.15
C GLN A 92 33.95 -10.40 10.65
N THR A 93 34.14 -10.99 11.83
CA THR A 93 35.47 -11.08 12.41
C THR A 93 36.26 -12.22 11.77
N SER B 1 -13.95 -1.72 -18.54
CA SER B 1 -13.95 -0.23 -18.50
C SER B 1 -12.71 0.25 -17.76
N SER B 2 -12.28 1.48 -18.06
CA SER B 2 -11.10 2.05 -17.41
C SER B 2 -11.44 2.42 -15.98
N SER B 3 -10.43 2.35 -15.10
CA SER B 3 -10.63 2.70 -13.69
C SER B 3 -9.54 3.67 -13.23
N PRO B 4 -9.85 4.52 -12.27
CA PRO B 4 -8.89 5.51 -11.72
C PRO B 4 -7.49 4.92 -11.56
N ILE B 5 -7.42 3.61 -11.36
CA ILE B 5 -6.14 2.93 -11.19
C ILE B 5 -6.22 1.48 -11.66
N GLN B 6 -5.06 0.92 -12.03
CA GLN B 6 -5.01 -0.45 -12.47
C GLN B 6 -3.56 -0.88 -12.67
N GLY B 7 -2.88 -1.17 -11.57
CA GLY B 7 -1.47 -1.61 -11.61
C GLY B 7 -1.33 -3.07 -11.21
N SER B 8 -0.25 -3.36 -10.50
CA SER B 8 0.01 -4.72 -10.05
C SER B 8 1.10 -4.73 -8.98
N TRP B 9 1.32 -5.90 -8.39
CA TRP B 9 2.34 -6.04 -7.35
C TRP B 9 3.71 -6.28 -7.99
N THR B 10 4.71 -5.52 -7.55
CA THR B 10 6.07 -5.65 -8.07
C THR B 10 6.99 -6.28 -7.04
N TRP B 11 7.73 -7.32 -7.45
CA TRP B 11 8.65 -8.00 -6.55
C TRP B 11 10.04 -7.39 -6.66
N GLU B 12 10.52 -6.82 -5.56
CA GLU B 12 11.84 -6.22 -5.53
C GLU B 12 12.29 -5.95 -4.10
N ASN B 13 13.57 -5.64 -3.93
CA ASN B 13 14.09 -5.29 -2.62
C ASN B 13 13.69 -6.32 -1.59
N GLY B 14 13.66 -7.59 -1.99
CA GLY B 14 13.29 -8.66 -1.07
C GLY B 14 11.98 -8.35 -0.36
N LYS B 15 11.22 -7.40 -0.87
CA LYS B 15 9.95 -7.02 -0.27
C LYS B 15 8.93 -6.64 -1.34
N TRP B 16 7.66 -6.84 -1.04
CA TRP B 16 6.60 -6.52 -2.00
C TRP B 16 6.19 -5.06 -1.83
N THR B 17 6.34 -4.28 -2.90
CA THR B 17 5.98 -2.86 -2.86
C THR B 17 5.12 -2.50 -4.07
N TRP B 18 4.14 -1.62 -3.83
CA TRP B 18 3.25 -1.18 -4.91
C TRP B 18 3.61 0.24 -5.34
N LYS B 19 3.98 0.40 -6.62
CA LYS B 19 4.36 1.71 -7.15
C LYS B 19 3.88 1.87 -8.58
N GLY B 20 4.02 3.08 -9.10
CA GLY B 20 3.59 3.35 -10.45
C GLY B 20 3.92 4.78 -10.86
N ILE B 21 3.24 5.28 -11.89
CA ILE B 21 3.51 6.63 -12.38
C ILE B 21 3.51 7.62 -11.23
N ILE B 22 2.32 7.92 -10.74
CA ILE B 22 2.16 8.87 -9.64
C ILE B 22 0.84 8.67 -8.92
N ARG B 23 0.46 9.64 -8.09
CA ARG B 23 -0.79 9.57 -7.34
C ARG B 23 -1.93 9.09 -8.24
N LEU B 24 -3.09 8.91 -7.65
CA LEU B 24 -4.24 8.45 -8.41
C LEU B 24 -4.61 9.45 -9.51
N GLU B 25 -4.49 9.00 -10.75
CA GLU B 25 -4.81 9.86 -11.89
C GLU B 25 -6.30 9.81 -12.19
N GLN B 26 -6.84 10.91 -12.70
CA GLN B 26 -8.25 10.98 -13.03
C GLN B 26 -9.10 10.60 -11.83
N GLY A 1 -12.45 -25.16 0.72
CA GLY A 1 -11.09 -24.58 0.52
C GLY A 1 -10.31 -24.65 1.82
N SER A 2 -9.99 -25.87 2.26
CA SER A 2 -9.24 -26.07 3.49
C SER A 2 -7.88 -25.38 3.41
N GLU A 3 -7.22 -25.52 2.26
CA GLU A 3 -5.90 -24.92 2.05
C GLU A 3 -5.94 -23.94 0.89
N VAL A 4 -6.80 -22.92 1.02
CA VAL A 4 -6.93 -21.90 -0.01
C VAL A 4 -7.11 -20.51 0.61
N PRO A 5 -6.04 -19.94 1.11
CA PRO A 5 -6.06 -18.59 1.76
C PRO A 5 -6.58 -17.51 0.79
N GLN A 6 -7.31 -16.55 1.34
CA GLN A 6 -7.85 -15.47 0.53
C GLN A 6 -6.75 -14.48 0.18
N LEU A 7 -6.66 -14.13 -1.10
CA LEU A 7 -5.65 -13.19 -1.58
C LEU A 7 -6.32 -11.99 -2.24
N THR A 8 -5.91 -10.79 -1.83
CA THR A 8 -6.46 -9.56 -2.37
C THR A 8 -5.33 -8.62 -2.78
N ASP A 9 -5.65 -7.69 -3.69
CA ASP A 9 -4.67 -6.72 -4.17
C ASP A 9 -4.98 -5.33 -3.63
N LEU A 10 -4.03 -4.42 -3.77
CA LEU A 10 -4.22 -3.05 -3.30
C LEU A 10 -5.33 -2.37 -4.09
N SER A 11 -6.07 -1.50 -3.41
CA SER A 11 -7.15 -0.76 -4.05
C SER A 11 -7.25 0.66 -3.49
N PHE A 12 -7.70 1.58 -4.33
CA PHE A 12 -7.83 2.99 -3.93
C PHE A 12 -9.30 3.38 -3.86
N VAL A 13 -9.62 4.27 -2.92
CA VAL A 13 -10.99 4.75 -2.75
C VAL A 13 -11.01 6.22 -2.40
N ASP A 14 -12.13 6.86 -2.63
CA ASP A 14 -12.28 8.29 -2.34
C ASP A 14 -11.22 9.10 -3.08
N ILE A 15 -10.82 8.61 -4.26
CA ILE A 15 -9.82 9.31 -5.06
C ILE A 15 -10.26 10.74 -5.31
N THR A 16 -9.35 11.69 -5.08
CA THR A 16 -9.65 13.12 -5.27
C THR A 16 -8.55 13.79 -6.09
N ASP A 17 -8.60 15.11 -6.15
CA ASP A 17 -7.59 15.88 -6.88
C ASP A 17 -6.29 15.97 -6.10
N SER A 18 -6.39 16.37 -4.83
CA SER A 18 -5.21 16.51 -3.96
C SER A 18 -5.33 15.62 -2.73
N SER A 19 -6.26 14.67 -2.77
CA SER A 19 -6.48 13.75 -1.65
C SER A 19 -6.90 12.37 -2.17
N ILE A 20 -6.23 11.34 -1.68
CA ILE A 20 -6.54 9.96 -2.09
C ILE A 20 -6.79 9.11 -0.85
N GLY A 21 -7.77 8.21 -0.95
CA GLY A 21 -8.11 7.33 0.18
C GLY A 21 -7.48 5.96 0.02
N LEU A 22 -6.21 5.84 0.40
CA LEU A 22 -5.51 4.58 0.29
C LEU A 22 -6.17 3.54 1.17
N ARG A 23 -6.57 2.42 0.57
CA ARG A 23 -7.21 1.34 1.32
C ARG A 23 -6.74 -0.02 0.83
N TRP A 24 -6.53 -0.93 1.78
CA TRP A 24 -6.06 -2.28 1.46
C TRP A 24 -6.70 -3.29 2.40
N THR A 25 -6.75 -4.55 1.97
CA THR A 25 -7.34 -5.60 2.77
C THR A 25 -6.24 -6.47 3.42
N PRO A 26 -6.00 -6.32 4.70
CA PRO A 26 -4.97 -7.15 5.42
C PRO A 26 -5.20 -8.66 5.25
N LEU A 27 -4.10 -9.41 5.34
CA LEU A 27 -4.14 -10.87 5.21
C LEU A 27 -4.02 -11.54 6.56
N ASN A 28 -4.87 -12.53 6.77
CA ASN A 28 -4.88 -13.25 8.02
C ASN A 28 -3.46 -13.58 8.46
N SER A 29 -2.58 -13.77 7.48
CA SER A 29 -1.19 -14.08 7.76
C SER A 29 -0.38 -12.78 7.92
N SER A 30 -0.73 -11.77 7.14
CA SER A 30 -0.02 -10.48 7.22
C SER A 30 0.12 -10.05 8.68
N THR A 31 1.37 -10.01 9.13
CA THR A 31 1.65 -9.63 10.51
C THR A 31 0.98 -8.29 10.82
N ILE A 32 0.53 -8.12 12.07
CA ILE A 32 -0.16 -6.90 12.46
C ILE A 32 0.82 -5.90 13.06
N ILE A 33 1.35 -5.03 12.20
CA ILE A 33 2.30 -4.00 12.63
C ILE A 33 2.12 -2.74 11.80
N GLY A 34 1.96 -1.61 12.47
CA GLY A 34 1.77 -0.35 11.79
C GLY A 34 2.80 -0.18 10.68
N TYR A 35 2.33 0.27 9.52
CA TYR A 35 3.21 0.49 8.37
C TYR A 35 3.55 1.96 8.23
N ARG A 36 4.34 2.29 7.22
CA ARG A 36 4.73 3.67 6.98
C ARG A 36 4.55 4.03 5.50
N ILE A 37 3.76 5.06 5.25
CA ILE A 37 3.49 5.51 3.90
C ILE A 37 4.40 6.70 3.56
N THR A 38 5.25 6.52 2.56
CA THR A 38 6.18 7.57 2.16
C THR A 38 5.63 8.32 0.95
N VAL A 39 5.71 9.65 1.00
CA VAL A 39 5.21 10.49 -0.09
C VAL A 39 6.25 11.54 -0.47
N VAL A 40 6.39 11.81 -1.77
CA VAL A 40 7.34 12.82 -2.25
C VAL A 40 6.66 13.74 -3.24
N ALA A 41 6.85 15.04 -3.04
CA ALA A 41 6.27 16.03 -3.95
C ALA A 41 7.32 16.46 -4.96
N ALA A 42 6.94 16.50 -6.23
CA ALA A 42 7.88 16.89 -7.28
C ALA A 42 7.76 18.39 -7.58
N GLY A 43 6.68 19.00 -7.11
CA GLY A 43 6.43 20.43 -7.34
C GLY A 43 6.82 21.25 -6.11
N GLU A 44 7.64 20.66 -5.25
CA GLU A 44 8.09 21.34 -4.02
C GLU A 44 9.57 21.07 -3.78
N GLY A 45 10.23 22.05 -3.17
CA GLY A 45 11.65 21.92 -2.87
C GLY A 45 11.88 20.86 -1.80
N ILE A 46 10.80 20.52 -1.07
CA ILE A 46 10.89 19.52 0.00
C ILE A 46 9.71 18.53 -0.08
N PRO A 47 9.97 17.25 0.13
CA PRO A 47 8.89 16.21 0.11
C PRO A 47 8.02 16.28 1.36
N ILE A 48 6.82 15.74 1.27
CA ILE A 48 5.90 15.72 2.40
C ILE A 48 6.34 14.70 3.44
N PHE A 49 6.03 14.98 4.70
CA PHE A 49 6.41 14.08 5.78
C PHE A 49 5.60 12.79 5.71
N GLU A 50 6.29 11.67 5.92
CA GLU A 50 5.64 10.36 5.90
C GLU A 50 4.55 10.29 6.95
N ASP A 51 3.96 9.11 7.09
CA ASP A 51 2.92 8.92 8.08
C ASP A 51 2.94 7.48 8.61
N PHE A 52 2.64 7.32 9.90
CA PHE A 52 2.62 6.00 10.53
C PHE A 52 1.22 5.65 11.02
N VAL A 53 0.69 4.53 10.54
CA VAL A 53 -0.66 4.08 10.93
C VAL A 53 -0.63 2.60 11.32
N ASP A 54 -1.42 2.25 12.34
CA ASP A 54 -1.48 0.88 12.79
C ASP A 54 -1.97 -0.03 11.68
N SER A 55 -1.56 -1.30 11.73
CA SER A 55 -1.97 -2.27 10.72
C SER A 55 -3.48 -2.47 10.75
N SER A 56 -4.05 -2.43 11.95
CA SER A 56 -5.48 -2.61 12.11
C SER A 56 -6.25 -1.70 11.16
N VAL A 57 -5.72 -0.49 10.97
CA VAL A 57 -6.37 0.45 10.08
C VAL A 57 -6.02 0.14 8.62
N GLY A 58 -6.77 -0.78 8.03
CA GLY A 58 -6.56 -1.18 6.64
C GLY A 58 -6.80 0.00 5.68
N TYR A 59 -6.56 1.21 6.18
CA TYR A 59 -6.76 2.40 5.38
C TYR A 59 -6.12 3.63 6.02
N TYR A 60 -5.77 4.61 5.18
CA TYR A 60 -5.18 5.83 5.67
C TYR A 60 -5.45 6.96 4.67
N THR A 61 -5.57 8.19 5.18
CA THR A 61 -5.86 9.35 4.33
C THR A 61 -4.64 10.27 4.26
N VAL A 62 -4.29 10.69 3.06
CA VAL A 62 -3.16 11.61 2.85
C VAL A 62 -3.57 12.73 1.91
N THR A 63 -3.89 13.90 2.47
CA THR A 63 -4.29 15.06 1.66
C THR A 63 -3.26 16.16 1.76
N GLY A 64 -3.37 17.12 0.85
CA GLY A 64 -2.45 18.25 0.82
C GLY A 64 -1.49 18.15 -0.37
N LEU A 65 -1.91 17.45 -1.42
CA LEU A 65 -1.07 17.31 -2.62
C LEU A 65 -1.53 18.31 -3.68
N GLU A 66 -0.75 19.35 -3.87
CA GLU A 66 -1.13 20.39 -4.83
C GLU A 66 -1.54 19.79 -6.19
N PRO A 67 -2.59 20.31 -6.81
CA PRO A 67 -3.07 19.82 -8.14
C PRO A 67 -2.13 20.27 -9.25
N GLY A 68 -2.12 19.50 -10.33
CA GLY A 68 -1.30 19.82 -11.47
C GLY A 68 0.18 19.53 -11.19
N ILE A 69 0.48 19.16 -9.94
CA ILE A 69 1.85 18.84 -9.54
C ILE A 69 2.03 17.34 -9.45
N ASP A 70 3.19 16.89 -9.90
CA ASP A 70 3.51 15.48 -9.88
C ASP A 70 4.00 15.08 -8.49
N TYR A 71 3.26 14.16 -7.87
CA TYR A 71 3.60 13.68 -6.53
C TYR A 71 4.07 12.24 -6.59
N ASP A 72 5.30 12.02 -6.16
CA ASP A 72 5.89 10.69 -6.15
C ASP A 72 5.59 10.01 -4.82
N ILE A 73 4.85 8.90 -4.88
CA ILE A 73 4.48 8.16 -3.68
C ILE A 73 5.13 6.78 -3.69
N SER A 74 5.09 6.13 -2.53
CA SER A 74 5.67 4.80 -2.40
C SER A 74 5.00 4.04 -1.25
N VAL A 75 4.43 2.88 -1.57
CA VAL A 75 3.79 2.06 -0.54
C VAL A 75 4.76 0.99 -0.07
N ILE A 76 4.96 0.90 1.24
CA ILE A 76 5.88 -0.09 1.82
C ILE A 76 5.11 -1.05 2.71
N THR A 77 5.17 -2.34 2.37
CA THR A 77 4.49 -3.36 3.17
C THR A 77 5.50 -4.09 4.04
N LEU A 78 5.33 -3.96 5.36
CA LEU A 78 6.23 -4.60 6.30
C LEU A 78 5.47 -5.56 7.22
N ILE A 79 5.79 -6.84 7.13
CA ILE A 79 5.15 -7.85 7.98
C ILE A 79 6.15 -8.97 8.30
N ASN A 80 6.07 -9.49 9.51
CA ASN A 80 6.97 -10.57 9.94
C ASN A 80 6.74 -11.84 9.11
N GLY A 81 5.47 -12.23 8.99
CA GLY A 81 5.09 -13.42 8.23
C GLY A 81 4.92 -14.62 9.14
N GLY A 82 3.75 -15.26 9.05
CA GLY A 82 3.47 -16.43 9.87
C GLY A 82 4.35 -17.61 9.46
N GLU A 83 4.45 -18.59 10.35
CA GLU A 83 5.27 -19.76 10.07
C GLU A 83 4.79 -20.47 8.81
N SER A 84 5.74 -20.84 7.95
CA SER A 84 5.39 -21.53 6.71
C SER A 84 4.94 -22.95 7.00
N ALA A 85 3.97 -23.43 6.22
CA ALA A 85 3.44 -24.77 6.39
C ALA A 85 2.31 -25.03 5.39
N PRO A 86 1.39 -24.09 5.26
CA PRO A 86 0.23 -24.23 4.34
C PRO A 86 0.66 -24.55 2.90
N THR A 87 1.73 -23.92 2.47
CA THR A 87 2.26 -24.14 1.13
C THR A 87 3.78 -24.21 1.15
N THR A 88 4.32 -25.27 0.56
CA THR A 88 5.76 -25.47 0.49
C THR A 88 6.17 -26.03 -0.87
N LEU A 89 7.47 -26.05 -1.13
CA LEU A 89 7.98 -26.55 -2.40
C LEU A 89 8.21 -28.05 -2.32
N THR A 90 7.68 -28.78 -3.30
CA THR A 90 7.83 -30.24 -3.32
C THR A 90 9.16 -30.62 -3.96
N GLN A 91 9.56 -31.87 -3.77
CA GLN A 91 10.82 -32.36 -4.33
C GLN A 91 10.65 -32.73 -5.80
N GLN A 92 11.55 -32.22 -6.64
CA GLN A 92 11.49 -32.51 -8.07
C GLN A 92 10.12 -32.14 -8.63
N THR A 93 9.80 -32.68 -9.80
CA THR A 93 8.53 -32.40 -10.45
C THR A 93 7.38 -33.00 -9.64
N SER B 1 -18.18 -1.80 -8.22
CA SER B 1 -17.80 -0.49 -8.80
C SER B 1 -16.36 -0.54 -9.30
N SER B 2 -16.18 -0.30 -10.60
CA SER B 2 -14.84 -0.34 -11.18
C SER B 2 -14.04 0.88 -10.74
N SER B 3 -12.72 0.72 -10.68
CA SER B 3 -11.84 1.82 -10.26
C SER B 3 -11.32 2.58 -11.48
N PRO B 4 -11.01 3.85 -11.32
CA PRO B 4 -10.50 4.71 -12.43
C PRO B 4 -9.20 4.15 -13.03
N ILE B 5 -8.28 3.74 -12.16
CA ILE B 5 -7.00 3.19 -12.59
C ILE B 5 -6.50 2.18 -11.58
N GLN B 6 -5.85 1.13 -12.09
CA GLN B 6 -5.30 0.08 -11.23
C GLN B 6 -3.89 -0.29 -11.71
N GLY B 7 -2.98 -0.49 -10.75
CA GLY B 7 -1.60 -0.85 -11.07
C GLY B 7 -1.38 -2.34 -10.87
N SER B 8 -0.25 -2.69 -10.24
CA SER B 8 0.06 -4.08 -9.97
C SER B 8 1.12 -4.20 -8.89
N TRP B 9 1.29 -5.40 -8.36
CA TRP B 9 2.28 -5.64 -7.31
C TRP B 9 3.65 -5.92 -7.93
N THR B 10 4.71 -5.60 -7.20
CA THR B 10 6.08 -5.83 -7.68
C THR B 10 6.89 -6.58 -6.63
N TRP B 11 7.55 -7.66 -7.07
CA TRP B 11 8.38 -8.46 -6.16
C TRP B 11 9.83 -7.99 -6.18
N GLU B 12 10.25 -7.38 -5.07
CA GLU B 12 11.63 -6.89 -4.98
C GLU B 12 12.02 -6.67 -3.52
N ASN B 13 13.31 -6.50 -3.29
CA ASN B 13 13.78 -6.22 -1.94
C ASN B 13 13.22 -7.23 -0.94
N GLY B 14 13.04 -8.47 -1.38
CA GLY B 14 12.51 -9.50 -0.51
C GLY B 14 11.19 -9.08 0.14
N LYS B 15 10.59 -8.02 -0.40
CA LYS B 15 9.32 -7.51 0.13
C LYS B 15 8.42 -7.06 -1.00
N TRP B 16 7.11 -7.18 -0.78
CA TRP B 16 6.14 -6.77 -1.79
C TRP B 16 5.86 -5.28 -1.68
N THR B 17 6.24 -4.53 -2.72
CA THR B 17 6.04 -3.09 -2.72
C THR B 17 5.14 -2.68 -3.88
N TRP B 18 4.16 -1.83 -3.59
CA TRP B 18 3.23 -1.36 -4.61
C TRP B 18 3.55 0.09 -4.98
N LYS B 19 4.11 0.27 -6.18
CA LYS B 19 4.49 1.61 -6.66
C LYS B 19 4.00 1.81 -8.08
N GLY B 20 4.22 3.01 -8.59
CA GLY B 20 3.82 3.33 -9.94
C GLY B 20 4.19 4.75 -10.31
N ILE B 21 3.57 5.27 -11.36
CA ILE B 21 3.88 6.63 -11.82
C ILE B 21 3.71 7.63 -10.69
N ILE B 22 2.45 7.91 -10.35
CA ILE B 22 2.13 8.85 -9.30
C ILE B 22 0.71 8.62 -8.79
N ARG B 23 0.18 9.59 -8.04
CA ARG B 23 -1.17 9.51 -7.53
C ARG B 23 -2.13 8.94 -8.57
N LEU B 24 -3.34 8.65 -8.15
CA LEU B 24 -4.33 8.10 -9.05
C LEU B 24 -4.69 9.09 -10.15
N GLU B 25 -4.26 8.77 -11.36
CA GLU B 25 -4.53 9.61 -12.52
C GLU B 25 -5.89 9.27 -13.11
N GLN B 26 -6.53 10.28 -13.68
CA GLN B 26 -7.85 10.10 -14.27
C GLN B 26 -7.72 9.83 -15.77
#